data_6Z40
#
_entry.id   6Z40
#
_entity_poly.entity_id   1
_entity_poly.type   'polypeptide(L)'
_entity_poly.pdbx_seq_one_letter_code
;MDTCATLPSWDASTVYTNPQQVKHNSKRYQANYWTQNQNPSTNSGQYGPWLDLGNCVTSGAHHHHHH
;
_entity_poly.pdbx_strand_id   A
#
# COMPACT_ATOMS: atom_id res chain seq x y z
N MET A 1 -17.37 -3.09 11.46
CA MET A 1 -16.74 -3.71 10.27
C MET A 1 -15.49 -2.96 9.90
N ASP A 2 -14.50 -3.65 9.34
CA ASP A 2 -13.18 -3.06 9.17
C ASP A 2 -13.01 -2.10 8.01
N THR A 3 -12.30 -1.04 8.35
CA THR A 3 -11.80 -0.06 7.39
C THR A 3 -10.85 -0.71 6.43
N CYS A 4 -10.24 -1.80 6.87
CA CYS A 4 -9.16 -2.41 6.12
C CYS A 4 -9.67 -3.67 5.44
N ALA A 5 -11.00 -3.77 5.37
CA ALA A 5 -11.65 -4.84 4.61
C ALA A 5 -12.53 -4.23 3.53
N THR A 6 -12.18 -3.03 3.12
CA THR A 6 -12.86 -2.32 2.03
C THR A 6 -11.89 -1.62 1.12
N LEU A 7 -10.62 -1.73 1.48
CA LEU A 7 -9.55 -1.19 0.65
C LEU A 7 -9.45 -1.94 -0.67
N PRO A 8 -8.97 -1.26 -1.73
CA PRO A 8 -8.69 -1.97 -2.99
C PRO A 8 -7.63 -3.04 -2.78
N SER A 9 -7.51 -3.94 -3.75
CA SER A 9 -6.51 -4.99 -3.66
C SER A 9 -5.62 -4.95 -4.87
N TRP A 10 -4.45 -5.55 -4.74
CA TRP A 10 -3.51 -5.64 -5.82
C TRP A 10 -3.87 -6.82 -6.70
N ASP A 11 -3.37 -6.80 -7.92
CA ASP A 11 -3.48 -7.91 -8.84
C ASP A 11 -2.06 -8.27 -9.23
N ALA A 12 -1.75 -9.56 -9.26
CA ALA A 12 -0.36 -10.01 -9.40
C ALA A 12 0.31 -9.62 -10.72
N SER A 13 -0.47 -9.46 -11.77
CA SER A 13 0.06 -9.13 -13.09
C SER A 13 0.20 -7.61 -13.27
N THR A 14 -0.60 -6.86 -12.53
CA THR A 14 -0.72 -5.44 -12.74
C THR A 14 0.42 -4.64 -12.11
N VAL A 15 0.92 -3.70 -12.89
CA VAL A 15 1.93 -2.77 -12.44
C VAL A 15 1.17 -1.69 -11.69
N TYR A 16 1.58 -1.39 -10.48
CA TYR A 16 0.83 -0.44 -9.67
C TYR A 16 1.34 0.99 -9.79
N THR A 17 0.54 1.90 -9.28
CA THR A 17 0.71 3.33 -9.48
C THR A 17 1.01 4.09 -8.19
N ASN A 18 0.85 5.40 -8.30
CA ASN A 18 0.91 6.35 -7.19
C ASN A 18 0.12 5.88 -5.94
N PRO A 19 0.50 6.37 -4.73
CA PRO A 19 0.10 5.84 -3.41
C PRO A 19 -1.37 5.66 -2.97
N GLN A 20 -2.06 4.78 -3.67
CA GLN A 20 -3.29 4.19 -3.20
C GLN A 20 -2.91 2.98 -2.33
N GLN A 21 -3.84 2.49 -1.53
CA GLN A 21 -3.57 1.29 -0.71
C GLN A 21 -4.06 0.04 -1.41
N VAL A 22 -3.30 -1.03 -1.25
CA VAL A 22 -3.68 -2.36 -1.71
C VAL A 22 -3.45 -3.27 -0.53
N LYS A 23 -4.01 -4.46 -0.58
CA LYS A 23 -3.98 -5.38 0.56
C LYS A 23 -3.59 -6.80 0.21
N HIS A 24 -3.11 -7.51 1.22
CA HIS A 24 -2.58 -8.86 1.11
C HIS A 24 -2.42 -9.41 2.51
N ASN A 25 -2.83 -10.65 2.72
CA ASN A 25 -2.77 -11.30 4.05
C ASN A 25 -3.42 -10.46 5.13
N SER A 26 -4.52 -9.89 4.69
CA SER A 26 -5.41 -9.02 5.48
C SER A 26 -4.72 -7.85 6.19
N LYS A 27 -3.59 -7.44 5.64
CA LYS A 27 -3.00 -6.13 5.99
C LYS A 27 -2.79 -5.42 4.68
N ARG A 28 -2.32 -4.18 4.71
CA ARG A 28 -2.18 -3.38 3.51
C ARG A 28 -0.74 -3.00 3.29
N TYR A 29 -0.50 -2.38 2.16
CA TYR A 29 0.77 -1.81 1.79
C TYR A 29 0.40 -0.75 0.80
N GLN A 30 1.37 0.07 0.47
CA GLN A 30 1.15 1.21 -0.41
C GLN A 30 2.29 1.31 -1.37
N ALA A 31 1.96 1.43 -2.64
CA ALA A 31 2.97 1.53 -3.69
C ALA A 31 3.31 3.00 -3.83
N ASN A 32 4.50 3.32 -4.28
CA ASN A 32 4.85 4.71 -4.55
C ASN A 32 4.71 4.96 -6.03
N TYR A 33 5.07 3.93 -6.78
CA TYR A 33 5.17 3.98 -8.23
C TYR A 33 5.27 2.50 -8.64
N TRP A 34 5.67 2.25 -9.88
CA TRP A 34 5.85 0.90 -10.41
C TRP A 34 6.61 0.00 -9.44
N THR A 35 6.09 -1.20 -9.28
CA THR A 35 6.61 -2.13 -8.28
C THR A 35 7.75 -2.98 -8.81
N GLN A 36 8.44 -3.58 -7.87
CA GLN A 36 9.56 -4.48 -8.11
C GLN A 36 9.13 -5.94 -8.08
N ASN A 37 8.05 -6.19 -7.35
CA ASN A 37 7.56 -7.54 -6.99
C ASN A 37 8.54 -8.23 -6.02
N GLN A 38 9.22 -7.43 -5.22
CA GLN A 38 10.15 -7.90 -4.20
C GLN A 38 9.55 -7.71 -2.83
N ASN A 39 10.26 -8.15 -1.79
CA ASN A 39 9.78 -7.89 -0.44
C ASN A 39 9.96 -6.40 -0.15
N PRO A 40 9.05 -5.77 0.62
CA PRO A 40 9.26 -4.34 0.90
C PRO A 40 10.29 -4.07 2.00
N SER A 41 10.42 -5.02 2.90
CA SER A 41 11.29 -4.90 4.07
C SER A 41 12.76 -4.81 3.70
N THR A 42 13.11 -5.52 2.65
CA THR A 42 14.48 -5.59 2.19
C THR A 42 14.82 -4.38 1.35
N ASN A 43 13.76 -3.68 0.94
CA ASN A 43 13.87 -2.52 0.10
C ASN A 43 13.54 -1.27 0.89
N SER A 44 13.73 -1.38 2.18
CA SER A 44 13.54 -0.28 3.12
C SER A 44 14.70 0.73 3.09
N GLY A 45 15.20 1.04 1.90
CA GLY A 45 16.35 1.90 1.75
C GLY A 45 16.36 2.80 0.54
N GLN A 46 17.25 2.48 -0.40
CA GLN A 46 17.51 3.30 -1.58
C GLN A 46 16.27 3.62 -2.41
N TYR A 47 15.68 2.59 -2.99
CA TYR A 47 14.47 2.76 -3.81
C TYR A 47 13.30 2.15 -3.08
N GLY A 48 12.19 2.86 -3.14
CA GLY A 48 10.96 2.46 -2.45
C GLY A 48 9.85 2.01 -3.39
N PRO A 49 9.82 0.73 -3.84
CA PRO A 49 8.72 0.34 -4.74
C PRO A 49 7.37 0.44 -4.06
N TRP A 50 7.25 -0.28 -2.95
CA TRP A 50 6.12 -0.22 -2.09
C TRP A 50 6.55 -0.18 -0.63
N LEU A 51 5.81 0.60 0.14
CA LEU A 51 5.96 0.72 1.57
C LEU A 51 5.10 -0.31 2.25
N ASP A 52 5.63 -0.82 3.33
CA ASP A 52 4.92 -1.75 4.20
C ASP A 52 4.30 -0.92 5.32
N LEU A 53 2.99 -0.77 5.32
CA LEU A 53 2.36 0.11 6.29
C LEU A 53 2.17 -0.57 7.62
N GLY A 54 2.62 0.13 8.65
CA GLY A 54 2.55 -0.40 10.00
C GLY A 54 1.12 -0.66 10.45
N ASN A 55 0.20 0.20 10.06
CA ASN A 55 -1.21 0.00 10.36
C ASN A 55 -2.03 -0.46 9.19
N CYS A 56 -3.31 -0.54 9.47
CA CYS A 56 -4.33 -0.90 8.51
C CYS A 56 -5.26 0.28 8.31
N VAL A 57 -5.65 0.89 9.42
CA VAL A 57 -6.52 2.06 9.40
C VAL A 57 -5.64 3.30 9.30
N THR A 58 -6.21 4.41 8.90
CA THR A 58 -5.49 5.66 8.85
C THR A 58 -5.34 6.17 10.28
N SER A 59 -4.40 7.09 10.47
CA SER A 59 -4.10 7.63 11.81
C SER A 59 -5.25 8.45 12.38
N GLY A 60 -5.25 8.58 13.71
CA GLY A 60 -6.19 9.45 14.38
C GLY A 60 -5.83 10.90 14.10
N ALA A 61 -6.81 11.78 14.26
CA ALA A 61 -6.70 13.22 13.93
C ALA A 61 -6.50 13.46 12.41
N HIS A 62 -7.10 14.51 11.89
CA HIS A 62 -7.10 14.74 10.44
C HIS A 62 -6.67 16.16 10.09
N HIS A 63 -5.46 16.31 9.56
CA HIS A 63 -4.95 17.63 9.19
C HIS A 63 -5.74 18.24 8.02
N HIS A 64 -6.31 17.39 7.16
CA HIS A 64 -7.19 17.89 6.10
C HIS A 64 -8.52 18.19 6.81
N HIS A 65 -9.05 19.39 6.63
CA HIS A 65 -10.24 19.83 7.40
C HIS A 65 -11.52 19.96 6.56
N HIS A 66 -11.69 19.09 5.57
CA HIS A 66 -12.87 19.10 4.68
C HIS A 66 -13.13 20.49 4.07
N HIS A 67 -12.21 20.95 3.23
CA HIS A 67 -12.50 22.09 2.38
C HIS A 67 -13.45 21.47 1.36
N MET A 1 -19.03 -0.15 5.57
CA MET A 1 -18.27 0.25 6.79
C MET A 1 -16.83 0.49 6.42
N ASP A 2 -16.25 1.59 6.92
CA ASP A 2 -14.84 1.97 6.71
C ASP A 2 -14.32 2.16 5.29
N THR A 3 -13.53 3.21 5.20
CA THR A 3 -12.80 3.56 3.99
C THR A 3 -11.73 2.54 3.76
N CYS A 4 -11.31 1.93 4.84
CA CYS A 4 -10.16 1.04 4.83
C CYS A 4 -10.62 -0.40 4.90
N ALA A 5 -11.89 -0.61 4.62
CA ALA A 5 -12.44 -1.96 4.52
C ALA A 5 -13.15 -2.12 3.18
N THR A 6 -12.72 -1.31 2.23
CA THR A 6 -13.21 -1.38 0.85
C THR A 6 -12.05 -1.33 -0.12
N LEU A 7 -10.86 -1.25 0.46
CA LEU A 7 -9.62 -1.25 -0.30
C LEU A 7 -9.50 -2.46 -1.23
N PRO A 8 -8.88 -2.26 -2.41
CA PRO A 8 -8.51 -3.43 -3.21
C PRO A 8 -7.30 -4.09 -2.55
N SER A 9 -6.80 -5.16 -3.13
CA SER A 9 -5.67 -5.86 -2.53
C SER A 9 -4.60 -6.14 -3.53
N TRP A 10 -3.42 -6.45 -3.03
CA TRP A 10 -2.27 -6.67 -3.86
C TRP A 10 -1.90 -8.10 -4.10
N ASP A 11 -1.19 -8.30 -5.19
CA ASP A 11 -0.54 -9.58 -5.51
C ASP A 11 0.78 -9.25 -6.19
N ALA A 12 1.76 -10.13 -6.03
CA ALA A 12 3.14 -9.84 -6.44
C ALA A 12 3.35 -9.72 -7.95
N SER A 13 2.50 -10.36 -8.74
CA SER A 13 2.65 -10.35 -10.20
C SER A 13 2.17 -9.04 -10.81
N THR A 14 1.25 -8.37 -10.14
CA THR A 14 0.60 -7.20 -10.67
C THR A 14 1.56 -6.01 -10.79
N VAL A 15 1.43 -5.26 -11.87
CA VAL A 15 2.23 -4.06 -12.09
C VAL A 15 1.55 -2.93 -11.32
N TYR A 16 2.33 -2.20 -10.56
CA TYR A 16 1.82 -1.10 -9.74
C TYR A 16 2.03 0.24 -10.42
N THR A 17 1.49 1.27 -9.80
CA THR A 17 1.41 2.61 -10.32
C THR A 17 1.80 3.62 -9.24
N ASN A 18 1.48 4.88 -9.52
CA ASN A 18 1.37 5.95 -8.52
C ASN A 18 0.53 5.47 -7.29
N PRO A 19 0.62 6.18 -6.13
CA PRO A 19 0.12 5.70 -4.82
C PRO A 19 -1.36 5.31 -4.61
N GLN A 20 -1.79 4.23 -5.24
CA GLN A 20 -3.02 3.57 -4.93
C GLN A 20 -2.78 2.75 -3.65
N GLN A 21 -3.84 2.37 -2.96
CA GLN A 21 -3.73 1.67 -1.67
C GLN A 21 -4.22 0.22 -1.79
N VAL A 22 -3.49 -0.71 -1.18
CA VAL A 22 -3.74 -2.15 -1.28
C VAL A 22 -3.46 -2.75 0.07
N LYS A 23 -3.81 -4.01 0.21
CA LYS A 23 -3.53 -4.76 1.40
C LYS A 23 -3.12 -6.17 1.06
N HIS A 24 -2.51 -6.82 2.03
CA HIS A 24 -2.06 -8.22 1.95
C HIS A 24 -1.62 -8.54 3.37
N ASN A 25 -1.73 -9.80 3.80
CA ASN A 25 -1.31 -10.20 5.17
C ASN A 25 -1.94 -9.36 6.25
N SER A 26 -3.17 -9.02 5.94
CA SER A 26 -4.05 -8.18 6.76
C SER A 26 -3.43 -6.86 7.25
N LYS A 27 -2.45 -6.38 6.51
CA LYS A 27 -1.98 -4.99 6.71
C LYS A 27 -2.20 -4.33 5.37
N ARG A 28 -1.96 -3.03 5.29
CA ARG A 28 -2.17 -2.26 4.07
C ARG A 28 -0.83 -1.69 3.71
N TYR A 29 -0.74 -1.09 2.54
CA TYR A 29 0.40 -0.35 2.10
C TYR A 29 -0.03 0.40 0.86
N GLN A 30 0.80 1.32 0.42
CA GLN A 30 0.54 2.12 -0.77
C GLN A 30 1.69 1.89 -1.72
N ALA A 31 1.52 2.22 -2.97
CA ALA A 31 2.67 2.31 -3.87
C ALA A 31 3.34 3.66 -3.69
N ASN A 32 4.51 3.80 -4.31
CA ASN A 32 5.13 5.11 -4.48
C ASN A 32 5.00 5.46 -5.97
N TYR A 33 5.37 4.53 -6.85
CA TYR A 33 5.38 4.78 -8.26
C TYR A 33 5.16 3.54 -9.12
N TRP A 34 5.08 3.77 -10.43
CA TRP A 34 4.94 2.71 -11.41
C TRP A 34 6.14 1.77 -11.35
N THR A 35 5.93 0.49 -11.65
CA THR A 35 7.00 -0.49 -11.54
C THR A 35 7.17 -1.31 -12.81
N GLN A 36 8.24 -2.08 -12.78
CA GLN A 36 8.49 -3.15 -13.71
C GLN A 36 7.80 -4.40 -13.15
N ASN A 37 8.39 -4.92 -12.09
CA ASN A 37 7.88 -6.01 -11.28
C ASN A 37 8.78 -5.87 -10.06
N GLN A 38 8.30 -6.25 -8.89
CA GLN A 38 9.07 -6.10 -7.64
C GLN A 38 9.01 -7.33 -6.73
N ASN A 39 9.90 -7.34 -5.75
CA ASN A 39 9.97 -8.41 -4.77
C ASN A 39 9.47 -7.92 -3.41
N PRO A 40 8.80 -8.80 -2.64
CA PRO A 40 8.33 -8.34 -1.31
C PRO A 40 9.44 -8.20 -0.28
N SER A 41 10.51 -8.95 -0.49
CA SER A 41 11.63 -9.02 0.43
C SER A 41 12.39 -7.71 0.56
N THR A 42 12.47 -7.00 -0.55
CA THR A 42 13.21 -5.76 -0.66
C THR A 42 12.34 -4.63 -0.17
N ASN A 43 11.06 -4.93 -0.07
CA ASN A 43 10.06 -3.96 0.36
C ASN A 43 9.83 -4.13 1.85
N SER A 44 10.84 -4.65 2.50
CA SER A 44 10.88 -4.80 3.96
C SER A 44 11.27 -3.50 4.67
N GLY A 45 10.95 -2.38 4.04
CA GLY A 45 11.32 -1.07 4.54
C GLY A 45 12.71 -0.66 4.14
N GLN A 46 13.47 -1.65 3.68
CA GLN A 46 14.83 -1.48 3.21
C GLN A 46 14.89 -0.48 2.06
N TYR A 47 14.12 -0.79 1.02
CA TYR A 47 13.97 0.09 -0.12
C TYR A 47 12.48 0.32 -0.27
N GLY A 48 12.11 1.49 -0.74
CA GLY A 48 10.71 1.91 -0.74
C GLY A 48 9.92 2.03 -2.04
N PRO A 49 9.83 0.98 -2.89
CA PRO A 49 8.83 1.00 -3.96
C PRO A 49 7.45 1.18 -3.40
N TRP A 50 7.11 0.36 -2.41
CA TRP A 50 5.87 0.48 -1.72
C TRP A 50 6.09 1.22 -0.41
N LEU A 51 5.09 1.99 0.00
CA LEU A 51 5.10 2.77 1.22
C LEU A 51 4.24 2.12 2.28
N ASP A 52 4.70 2.25 3.50
CA ASP A 52 3.98 1.80 4.68
C ASP A 52 3.13 2.95 5.23
N LEU A 53 1.82 2.83 5.11
CA LEU A 53 0.94 3.89 5.57
C LEU A 53 0.88 3.96 7.07
N GLY A 54 0.91 5.18 7.59
CA GLY A 54 0.75 5.38 9.01
C GLY A 54 -0.68 5.11 9.45
N ASN A 55 -1.64 5.63 8.71
CA ASN A 55 -3.04 5.49 9.04
C ASN A 55 -3.71 4.47 8.13
N CYS A 56 -5.02 4.39 8.24
CA CYS A 56 -5.83 3.55 7.38
C CYS A 56 -6.51 4.45 6.35
N VAL A 57 -7.07 5.53 6.84
CA VAL A 57 -7.68 6.56 6.00
C VAL A 57 -6.56 7.54 5.65
N THR A 58 -6.75 8.35 4.62
CA THR A 58 -5.73 9.30 4.18
C THR A 58 -5.38 10.35 5.26
N SER A 59 -4.20 10.94 5.10
CA SER A 59 -3.69 12.03 5.96
C SER A 59 -3.54 11.60 7.43
N GLY A 60 -3.59 12.57 8.34
CA GLY A 60 -3.44 12.28 9.76
C GLY A 60 -2.02 11.90 10.16
N ALA A 61 -1.03 12.40 9.43
CA ALA A 61 0.37 12.08 9.69
C ALA A 61 0.87 12.73 11.00
N HIS A 62 0.72 12.04 12.11
CA HIS A 62 1.18 12.54 13.41
C HIS A 62 2.54 11.93 13.73
N HIS A 63 3.32 12.60 14.58
CA HIS A 63 4.64 12.10 14.97
C HIS A 63 4.89 12.60 16.38
N HIS A 64 5.78 11.94 17.12
CA HIS A 64 6.11 12.35 18.49
C HIS A 64 7.55 11.95 18.77
N HIS A 65 8.12 12.48 19.84
CA HIS A 65 9.52 12.21 20.21
C HIS A 65 9.56 11.46 21.54
N HIS A 66 10.57 10.62 21.73
CA HIS A 66 10.83 9.91 22.99
C HIS A 66 12.33 9.69 22.90
N HIS A 67 13.04 9.75 24.02
CA HIS A 67 14.52 9.73 24.06
C HIS A 67 15.04 10.92 23.25
N MET A 1 -18.29 0.27 9.23
CA MET A 1 -18.00 0.88 7.90
C MET A 1 -16.66 1.55 7.92
N ASP A 2 -15.73 1.03 7.13
CA ASP A 2 -14.33 1.39 7.29
C ASP A 2 -13.68 1.79 6.00
N THR A 3 -12.79 2.77 6.12
CA THR A 3 -11.92 3.20 5.07
C THR A 3 -11.06 2.04 4.66
N CYS A 4 -10.88 1.12 5.59
CA CYS A 4 -9.93 0.02 5.41
C CYS A 4 -10.68 -1.26 5.11
N ALA A 5 -11.93 -1.09 4.70
CA ALA A 5 -12.73 -2.19 4.19
C ALA A 5 -13.33 -1.79 2.85
N THR A 6 -12.67 -0.86 2.19
CA THR A 6 -13.10 -0.40 0.87
C THR A 6 -11.93 -0.22 -0.08
N LEU A 7 -10.75 -0.46 0.44
CA LEU A 7 -9.54 -0.43 -0.36
C LEU A 7 -9.52 -1.46 -1.51
N PRO A 8 -8.80 -1.16 -2.59
CA PRO A 8 -8.53 -2.20 -3.58
C PRO A 8 -7.50 -3.20 -3.05
N SER A 9 -7.10 -4.15 -3.87
CA SER A 9 -6.12 -5.13 -3.46
C SER A 9 -5.09 -5.29 -4.54
N TRP A 10 -3.93 -5.82 -4.20
CA TRP A 10 -2.92 -6.05 -5.16
C TRP A 10 -3.13 -7.36 -5.86
N ASP A 11 -2.63 -7.42 -7.08
CA ASP A 11 -2.67 -8.62 -7.92
C ASP A 11 -1.26 -8.92 -8.37
N ALA A 12 -0.90 -10.20 -8.36
CA ALA A 12 0.50 -10.61 -8.57
C ALA A 12 1.13 -10.19 -9.91
N SER A 13 0.31 -10.09 -10.95
CA SER A 13 0.80 -9.75 -12.28
C SER A 13 0.88 -8.25 -12.49
N THR A 14 0.05 -7.52 -11.77
CA THR A 14 -0.17 -6.10 -12.03
C THR A 14 0.94 -5.21 -11.47
N VAL A 15 1.34 -4.24 -12.27
CA VAL A 15 2.27 -3.22 -11.86
C VAL A 15 1.38 -2.16 -11.27
N TYR A 16 1.69 -1.74 -10.07
CA TYR A 16 0.84 -0.79 -9.37
C TYR A 16 1.26 0.63 -9.69
N THR A 17 0.39 1.56 -9.33
CA THR A 17 0.52 2.97 -9.67
C THR A 17 0.91 3.83 -8.47
N ASN A 18 0.73 5.12 -8.66
CA ASN A 18 0.85 6.16 -7.63
C ASN A 18 0.13 5.74 -6.31
N PRO A 19 0.51 6.35 -5.16
CA PRO A 19 0.16 5.86 -3.82
C PRO A 19 -1.32 5.70 -3.40
N GLN A 20 -1.90 4.60 -3.85
CA GLN A 20 -3.13 4.09 -3.34
C GLN A 20 -2.77 2.89 -2.48
N GLN A 21 -3.62 2.55 -1.53
CA GLN A 21 -3.33 1.44 -0.62
C GLN A 21 -3.94 0.14 -1.15
N VAL A 22 -3.24 -0.97 -0.94
CA VAL A 22 -3.73 -2.30 -1.30
C VAL A 22 -3.46 -3.21 -0.15
N LYS A 23 -4.06 -4.39 -0.19
CA LYS A 23 -3.75 -5.44 0.75
C LYS A 23 -3.23 -6.66 0.04
N HIS A 24 -2.53 -7.50 0.79
CA HIS A 24 -2.10 -8.82 0.29
C HIS A 24 -1.46 -9.74 1.32
N ASN A 25 -2.00 -9.62 2.51
CA ASN A 25 -1.59 -10.40 3.69
C ASN A 25 -2.54 -10.05 4.82
N SER A 26 -3.70 -9.64 4.36
CA SER A 26 -4.72 -8.92 5.17
C SER A 26 -4.11 -7.73 5.92
N LYS A 27 -3.01 -7.22 5.38
CA LYS A 27 -2.36 -6.02 5.88
C LYS A 27 -2.16 -5.14 4.71
N ARG A 28 -1.75 -3.92 5.00
CA ARG A 28 -1.78 -2.85 4.03
C ARG A 28 -0.46 -2.27 3.64
N TYR A 29 -0.30 -2.02 2.36
CA TYR A 29 0.87 -1.34 1.87
C TYR A 29 0.44 -0.43 0.78
N GLN A 30 1.32 0.50 0.47
CA GLN A 30 1.03 1.56 -0.47
C GLN A 30 2.24 1.76 -1.34
N ALA A 31 2.00 1.82 -2.63
CA ALA A 31 3.08 1.95 -3.60
C ALA A 31 3.63 3.37 -3.59
N ASN A 32 4.86 3.52 -4.03
CA ASN A 32 5.48 4.82 -4.17
C ASN A 32 5.12 5.41 -5.54
N TYR A 33 5.26 4.59 -6.57
CA TYR A 33 4.89 5.03 -7.93
C TYR A 33 4.71 3.86 -8.89
N TRP A 34 5.68 2.97 -8.90
CA TRP A 34 5.66 1.77 -9.74
C TRP A 34 6.25 0.70 -8.85
N THR A 35 5.95 -0.55 -9.14
CA THR A 35 6.43 -1.63 -8.29
C THR A 35 7.01 -2.78 -9.10
N GLN A 36 7.56 -3.74 -8.38
CA GLN A 36 8.07 -4.99 -8.90
C GLN A 36 7.56 -6.04 -7.93
N ASN A 37 7.76 -7.31 -8.23
CA ASN A 37 7.40 -8.37 -7.29
C ASN A 37 8.49 -8.47 -6.22
N GLN A 38 8.38 -7.63 -5.21
CA GLN A 38 9.42 -7.51 -4.20
C GLN A 38 8.85 -7.33 -2.81
N ASN A 39 9.72 -7.42 -1.82
CA ASN A 39 9.32 -7.22 -0.43
C ASN A 39 9.70 -5.80 0.00
N PRO A 40 8.91 -5.18 0.89
CA PRO A 40 9.30 -3.84 1.34
C PRO A 40 10.51 -3.87 2.27
N SER A 41 10.69 -4.99 2.93
CA SER A 41 11.74 -5.20 3.92
C SER A 41 13.14 -5.16 3.33
N THR A 42 13.25 -5.66 2.12
CA THR A 42 14.49 -5.76 1.41
C THR A 42 14.79 -4.43 0.74
N ASN A 43 13.74 -3.63 0.66
CA ASN A 43 13.77 -2.34 0.03
C ASN A 43 13.78 -1.27 1.12
N SER A 44 14.31 -1.65 2.26
CA SER A 44 14.49 -0.75 3.40
C SER A 44 15.66 0.23 3.21
N GLY A 45 15.77 0.84 2.04
CA GLY A 45 16.85 1.76 1.78
C GLY A 45 16.69 2.60 0.54
N GLN A 46 17.45 2.21 -0.48
CA GLN A 46 17.58 2.96 -1.71
C GLN A 46 16.31 2.94 -2.56
N TYR A 47 15.95 1.75 -3.02
CA TYR A 47 14.78 1.57 -3.89
C TYR A 47 13.59 1.28 -2.99
N GLY A 48 12.41 1.70 -3.43
CA GLY A 48 11.20 1.55 -2.63
C GLY A 48 9.94 1.41 -3.46
N PRO A 49 9.58 0.20 -3.92
CA PRO A 49 8.34 0.00 -4.69
C PRO A 49 7.12 0.40 -3.88
N TRP A 50 7.05 -0.13 -2.67
CA TRP A 50 5.99 0.15 -1.75
C TRP A 50 6.46 0.27 -0.31
N LEU A 51 5.77 1.12 0.42
CA LEU A 51 5.88 1.23 1.85
C LEU A 51 4.86 0.29 2.44
N ASP A 52 5.23 -0.28 3.55
CA ASP A 52 4.36 -1.17 4.32
C ASP A 52 3.83 -0.40 5.50
N LEU A 53 2.51 -0.29 5.61
CA LEU A 53 1.90 0.49 6.65
C LEU A 53 1.52 -0.35 7.85
N GLY A 54 1.96 0.11 9.01
CA GLY A 54 1.58 -0.50 10.26
C GLY A 54 0.11 -0.24 10.51
N ASN A 55 -0.36 0.89 10.00
CA ASN A 55 -1.76 1.26 10.08
C ASN A 55 -2.64 0.51 9.09
N CYS A 56 -3.87 0.97 9.07
CA CYS A 56 -4.86 0.48 8.13
C CYS A 56 -5.03 1.50 7.04
N VAL A 57 -5.20 2.74 7.44
CA VAL A 57 -5.45 3.82 6.51
C VAL A 57 -4.37 4.88 6.71
N THR A 58 -4.14 5.64 5.65
CA THR A 58 -3.23 6.76 5.66
C THR A 58 -3.89 7.94 6.38
N SER A 59 -3.09 8.92 6.77
CA SER A 59 -3.56 10.13 7.47
C SER A 59 -4.40 9.80 8.72
N GLY A 60 -4.03 8.72 9.41
CA GLY A 60 -4.77 8.29 10.59
C GLY A 60 -4.89 9.35 11.65
N ALA A 61 -3.82 10.12 11.88
CA ALA A 61 -3.82 11.17 12.89
C ALA A 61 -4.53 12.46 12.44
N HIS A 62 -5.32 12.40 11.38
CA HIS A 62 -6.07 13.59 10.92
C HIS A 62 -7.37 13.21 10.19
N HIS A 63 -8.19 12.44 10.88
CA HIS A 63 -9.51 12.03 10.36
C HIS A 63 -10.36 13.28 10.11
N HIS A 64 -11.18 13.27 9.06
CA HIS A 64 -11.99 14.44 8.70
C HIS A 64 -13.29 14.00 8.02
N HIS A 65 -14.23 14.91 7.89
CA HIS A 65 -15.55 14.65 7.29
C HIS A 65 -16.04 15.97 6.70
N HIS A 66 -16.82 15.92 5.62
CA HIS A 66 -17.41 17.12 5.01
C HIS A 66 -18.83 16.76 4.59
N HIS A 67 -18.93 15.65 3.88
CA HIS A 67 -20.19 15.01 3.58
C HIS A 67 -19.77 13.58 3.84
N MET A 1 -19.34 4.28 7.07
CA MET A 1 -18.60 3.23 6.33
C MET A 1 -17.12 3.48 6.41
N ASP A 2 -16.32 2.43 6.43
CA ASP A 2 -14.86 2.55 6.49
C ASP A 2 -14.29 3.28 5.30
N THR A 3 -13.22 4.01 5.61
CA THR A 3 -12.34 4.59 4.61
C THR A 3 -11.79 3.52 3.73
N CYS A 4 -11.76 2.34 4.30
CA CYS A 4 -11.04 1.23 3.68
C CYS A 4 -12.06 0.24 3.12
N ALA A 5 -13.27 0.72 2.91
CA ALA A 5 -14.32 -0.09 2.28
C ALA A 5 -14.68 0.44 0.89
N THR A 6 -13.73 1.11 0.28
CA THR A 6 -13.90 1.65 -1.07
C THR A 6 -12.62 1.52 -1.91
N LEU A 7 -11.61 1.01 -1.26
CA LEU A 7 -10.27 0.86 -1.83
C LEU A 7 -10.16 -0.11 -3.01
N PRO A 8 -9.16 0.09 -3.88
CA PRO A 8 -8.74 -1.01 -4.76
C PRO A 8 -7.96 -2.05 -3.96
N SER A 9 -7.59 -3.16 -4.57
CA SER A 9 -6.90 -4.22 -3.84
C SER A 9 -5.67 -4.71 -4.58
N TRP A 10 -4.67 -5.19 -3.83
CA TRP A 10 -3.48 -5.71 -4.37
C TRP A 10 -3.31 -7.17 -4.10
N ASP A 11 -2.63 -7.73 -5.06
CA ASP A 11 -2.31 -9.14 -5.10
C ASP A 11 -1.05 -9.29 -5.92
N ALA A 12 -0.41 -10.44 -5.84
CA ALA A 12 0.88 -10.67 -6.52
C ALA A 12 0.83 -10.44 -8.03
N SER A 13 -0.34 -10.65 -8.64
CA SER A 13 -0.53 -10.45 -10.08
C SER A 13 -0.52 -8.96 -10.43
N THR A 14 -0.92 -8.13 -9.48
CA THR A 14 -1.07 -6.71 -9.70
C THR A 14 0.28 -5.99 -9.58
N VAL A 15 0.50 -5.02 -10.44
CA VAL A 15 1.70 -4.21 -10.42
C VAL A 15 1.37 -3.01 -9.53
N TYR A 16 2.30 -2.54 -8.72
CA TYR A 16 2.06 -1.39 -7.89
C TYR A 16 2.04 -0.16 -8.81
N THR A 17 1.41 0.91 -8.34
CA THR A 17 1.17 2.11 -9.13
C THR A 17 1.54 3.35 -8.34
N ASN A 18 1.06 4.48 -8.84
CA ASN A 18 0.96 5.73 -8.07
C ASN A 18 0.27 5.41 -6.72
N PRO A 19 0.44 6.27 -5.68
CA PRO A 19 0.09 5.88 -4.31
C PRO A 19 -1.39 5.66 -3.90
N GLN A 20 -2.00 4.64 -4.49
CA GLN A 20 -3.27 4.15 -4.10
C GLN A 20 -3.08 3.29 -2.86
N GLN A 21 -4.13 3.12 -2.07
CA GLN A 21 -4.07 2.25 -0.90
C GLN A 21 -4.72 0.91 -1.28
N VAL A 22 -4.08 -0.19 -0.91
CA VAL A 22 -4.55 -1.55 -1.23
C VAL A 22 -4.44 -2.42 0.00
N LYS A 23 -4.93 -3.64 -0.07
CA LYS A 23 -4.64 -4.64 0.95
C LYS A 23 -3.45 -5.44 0.52
N HIS A 24 -2.76 -5.95 1.51
CA HIS A 24 -1.55 -6.75 1.35
C HIS A 24 -1.15 -7.23 2.75
N ASN A 25 -0.73 -8.47 2.89
CA ASN A 25 -0.35 -9.05 4.19
C ASN A 25 -1.43 -8.88 5.24
N SER A 26 -2.65 -8.95 4.74
CA SER A 26 -3.90 -8.76 5.50
C SER A 26 -3.98 -7.46 6.32
N LYS A 27 -3.24 -6.47 5.88
CA LYS A 27 -3.39 -5.09 6.35
C LYS A 27 -3.37 -4.21 5.14
N ARG A 28 -3.39 -2.91 5.35
CA ARG A 28 -3.35 -1.97 4.25
C ARG A 28 -1.91 -1.56 3.96
N TYR A 29 -1.67 -1.34 2.68
CA TYR A 29 -0.37 -0.87 2.21
C TYR A 29 -0.72 0.20 1.21
N GLN A 30 0.31 0.89 0.77
CA GLN A 30 0.20 1.94 -0.20
C GLN A 30 1.43 1.88 -1.06
N ALA A 31 1.27 2.10 -2.34
CA ALA A 31 2.42 2.09 -3.24
C ALA A 31 3.07 3.46 -3.19
N ASN A 32 4.28 3.56 -3.73
CA ASN A 32 4.92 4.85 -3.94
C ASN A 32 4.77 5.18 -5.43
N TYR A 33 5.06 4.21 -6.28
CA TYR A 33 5.00 4.39 -7.73
C TYR A 33 4.95 3.04 -8.45
N TRP A 34 4.93 3.10 -9.77
CA TRP A 34 4.91 1.92 -10.62
C TRP A 34 6.15 1.06 -10.37
N THR A 35 6.00 -0.26 -10.41
CA THR A 35 7.10 -1.17 -10.08
C THR A 35 7.39 -2.05 -11.29
N GLN A 36 8.44 -2.84 -11.16
CA GLN A 36 8.88 -3.80 -12.17
C GLN A 36 8.82 -5.18 -11.50
N ASN A 37 9.44 -6.19 -12.12
CA ASN A 37 9.57 -7.50 -11.50
C ASN A 37 10.61 -7.38 -10.39
N GLN A 38 10.14 -6.97 -9.21
CA GLN A 38 11.02 -6.60 -8.11
C GLN A 38 11.60 -7.77 -7.34
N ASN A 39 12.58 -7.44 -6.50
CA ASN A 39 13.23 -8.37 -5.57
C ASN A 39 12.67 -7.98 -4.19
N PRO A 40 11.49 -8.46 -3.81
CA PRO A 40 10.71 -7.82 -2.74
C PRO A 40 11.40 -7.85 -1.40
N SER A 41 12.24 -8.86 -1.24
CA SER A 41 12.91 -9.10 0.02
C SER A 41 13.87 -7.99 0.39
N THR A 42 14.54 -7.46 -0.62
CA THR A 42 15.51 -6.41 -0.46
C THR A 42 14.79 -5.09 -0.51
N ASN A 43 13.57 -5.15 -1.00
CA ASN A 43 12.72 -3.98 -1.21
C ASN A 43 11.68 -3.92 -0.11
N SER A 44 12.04 -4.53 1.00
CA SER A 44 11.21 -4.58 2.21
C SER A 44 11.13 -3.23 2.94
N GLY A 45 10.70 -2.20 2.24
CA GLY A 45 10.56 -0.88 2.79
C GLY A 45 11.81 -0.03 2.70
N GLN A 46 12.91 -0.71 2.45
CA GLN A 46 14.23 -0.12 2.31
C GLN A 46 14.27 1.04 1.31
N TYR A 47 14.02 0.73 0.06
CA TYR A 47 13.98 1.72 -1.02
C TYR A 47 12.72 2.57 -0.94
N GLY A 48 11.74 1.94 -0.33
CA GLY A 48 10.38 2.48 -0.25
C GLY A 48 9.57 2.33 -1.54
N PRO A 49 9.39 1.10 -2.08
CA PRO A 49 8.53 0.94 -3.26
C PRO A 49 7.06 0.89 -2.92
N TRP A 50 6.77 0.09 -1.92
CA TRP A 50 5.48 -0.05 -1.32
C TRP A 50 5.61 0.10 0.19
N LEU A 51 4.81 0.98 0.77
CA LEU A 51 4.78 1.25 2.18
C LEU A 51 3.75 0.38 2.85
N ASP A 52 4.07 0.04 4.07
CA ASP A 52 3.21 -0.74 4.95
C ASP A 52 2.50 0.19 5.93
N LEU A 53 1.19 0.35 5.78
CA LEU A 53 0.44 1.24 6.65
C LEU A 53 0.01 0.57 7.93
N GLY A 54 0.31 1.26 9.02
CA GLY A 54 -0.08 0.78 10.34
C GLY A 54 -1.57 0.93 10.57
N ASN A 55 -2.15 1.98 9.99
CA ASN A 55 -3.57 2.23 10.10
C ASN A 55 -4.32 1.90 8.82
N CYS A 56 -5.55 2.36 8.80
CA CYS A 56 -6.43 2.27 7.64
C CYS A 56 -6.92 3.67 7.36
N VAL A 57 -7.29 4.35 8.43
CA VAL A 57 -7.77 5.72 8.35
C VAL A 57 -6.53 6.60 8.41
N THR A 58 -6.65 7.84 7.96
CA THR A 58 -5.51 8.76 7.92
C THR A 58 -4.96 9.01 9.32
N SER A 59 -5.88 9.08 10.26
CA SER A 59 -5.56 9.25 11.67
C SER A 59 -6.67 8.62 12.50
N GLY A 60 -6.36 8.24 13.72
CA GLY A 60 -7.34 7.63 14.60
C GLY A 60 -6.72 7.42 15.97
N ALA A 61 -7.53 7.13 16.97
CA ALA A 61 -7.03 6.93 18.33
C ALA A 61 -7.86 5.86 19.02
N HIS A 62 -7.28 5.23 20.04
CA HIS A 62 -7.98 4.20 20.82
C HIS A 62 -7.62 4.43 22.29
N HIS A 63 -8.57 4.18 23.19
CA HIS A 63 -8.34 4.39 24.62
C HIS A 63 -7.34 3.36 25.17
N HIS A 64 -6.38 3.81 25.95
CA HIS A 64 -5.42 2.89 26.58
C HIS A 64 -6.15 2.03 27.61
N HIS A 65 -5.63 0.83 27.89
CA HIS A 65 -6.25 -0.07 28.88
C HIS A 65 -6.08 0.51 30.31
N HIS A 66 -4.94 0.24 30.91
CA HIS A 66 -4.51 0.89 32.15
C HIS A 66 -3.01 0.94 31.93
N HIS A 67 -2.50 2.15 31.85
CA HIS A 67 -1.17 2.42 31.26
C HIS A 67 -1.02 1.68 29.92
N MET A 1 -16.74 -3.98 10.65
CA MET A 1 -16.50 -3.03 9.53
C MET A 1 -15.09 -2.47 9.63
N ASP A 2 -14.26 -2.79 8.66
CA ASP A 2 -12.83 -2.49 8.77
C ASP A 2 -12.40 -1.47 7.77
N THR A 3 -11.61 -0.55 8.29
CA THR A 3 -10.95 0.48 7.50
C THR A 3 -10.04 -0.17 6.49
N CYS A 4 -9.61 -1.37 6.82
CA CYS A 4 -8.60 -2.04 6.00
C CYS A 4 -9.24 -3.14 5.18
N ALA A 5 -10.56 -3.06 5.05
CA ALA A 5 -11.32 -3.93 4.17
C ALA A 5 -12.19 -3.09 3.22
N THR A 6 -11.76 -1.86 3.00
CA THR A 6 -12.44 -0.96 2.06
C THR A 6 -11.44 -0.28 1.15
N LEU A 7 -10.18 -0.48 1.47
CA LEU A 7 -9.07 -0.03 0.65
C LEU A 7 -9.00 -0.88 -0.61
N PRO A 8 -8.41 -0.33 -1.70
CA PRO A 8 -8.10 -1.18 -2.87
C PRO A 8 -7.13 -2.30 -2.49
N SER A 9 -6.88 -3.21 -3.41
CA SER A 9 -5.95 -4.30 -3.14
C SER A 9 -4.98 -4.54 -4.26
N TRP A 10 -3.85 -5.14 -3.91
CA TRP A 10 -2.85 -5.50 -4.85
C TRP A 10 -3.24 -6.81 -5.45
N ASP A 11 -2.80 -7.00 -6.67
CA ASP A 11 -3.04 -8.23 -7.40
C ASP A 11 -1.86 -8.55 -8.29
N ALA A 12 -1.64 -9.83 -8.52
CA ALA A 12 -0.46 -10.28 -9.28
C ALA A 12 -0.59 -10.03 -10.78
N SER A 13 -1.83 -10.02 -11.28
CA SER A 13 -2.07 -9.79 -12.69
C SER A 13 -1.99 -8.31 -13.02
N THR A 14 -2.26 -7.50 -12.02
CA THR A 14 -2.34 -6.05 -12.19
C THR A 14 -0.96 -5.41 -12.11
N VAL A 15 -0.71 -4.45 -12.98
CA VAL A 15 0.49 -3.65 -12.89
C VAL A 15 0.11 -2.55 -11.93
N TYR A 16 0.84 -2.47 -10.84
CA TYR A 16 0.51 -1.52 -9.79
C TYR A 16 0.97 -0.11 -10.20
N THR A 17 0.35 0.87 -9.59
CA THR A 17 0.39 2.27 -9.98
C THR A 17 0.80 3.14 -8.80
N ASN A 18 0.54 4.41 -8.97
CA ASN A 18 0.69 5.46 -7.96
C ASN A 18 0.13 5.03 -6.58
N PRO A 19 0.48 5.76 -5.49
CA PRO A 19 0.05 5.36 -4.13
C PRO A 19 -1.46 5.48 -3.80
N GLN A 20 -2.26 4.69 -4.49
CA GLN A 20 -3.67 4.51 -4.22
C GLN A 20 -3.87 3.84 -2.87
N GLN A 21 -2.80 3.12 -2.50
CA GLN A 21 -2.71 2.26 -1.30
C GLN A 21 -3.50 0.98 -1.51
N VAL A 22 -2.92 -0.15 -1.08
CA VAL A 22 -3.48 -1.46 -1.33
C VAL A 22 -3.30 -2.28 -0.10
N LYS A 23 -3.94 -3.44 -0.08
CA LYS A 23 -3.71 -4.43 0.94
C LYS A 23 -3.18 -5.67 0.25
N HIS A 24 -2.43 -6.42 1.02
CA HIS A 24 -1.63 -7.55 0.54
C HIS A 24 -1.06 -8.20 1.79
N ASN A 25 -0.97 -9.52 1.84
CA ASN A 25 -0.44 -10.23 3.03
C ASN A 25 -1.14 -9.79 4.30
N SER A 26 -2.43 -9.61 4.09
CA SER A 26 -3.40 -9.14 5.09
C SER A 26 -3.00 -7.91 5.90
N LYS A 27 -2.12 -7.10 5.33
CA LYS A 27 -1.85 -5.75 5.86
C LYS A 27 -1.82 -4.79 4.67
N ARG A 28 -1.53 -3.53 4.95
CA ARG A 28 -1.48 -2.50 3.94
C ARG A 28 -0.10 -2.31 3.32
N TYR A 29 -0.07 -1.84 2.09
CA TYR A 29 1.17 -1.49 1.41
C TYR A 29 0.83 -0.34 0.49
N GLN A 30 1.86 0.24 -0.08
CA GLN A 30 1.73 1.30 -1.04
C GLN A 30 2.85 1.10 -2.01
N ALA A 31 2.74 1.70 -3.18
CA ALA A 31 3.88 1.83 -4.08
C ALA A 31 4.00 3.28 -4.50
N ASN A 32 5.21 3.72 -4.78
CA ASN A 32 5.42 5.06 -5.32
C ASN A 32 4.90 5.02 -6.75
N TYR A 33 5.34 4.01 -7.50
CA TYR A 33 4.88 3.77 -8.86
C TYR A 33 5.37 2.38 -9.25
N TRP A 34 4.64 1.74 -10.16
CA TRP A 34 4.98 0.44 -10.78
C TRP A 34 5.49 -0.74 -9.93
N THR A 35 4.76 -1.84 -10.03
CA THR A 35 5.18 -3.11 -9.42
C THR A 35 6.45 -3.58 -10.12
N GLN A 36 7.14 -4.45 -9.41
CA GLN A 36 8.45 -4.96 -9.85
C GLN A 36 8.57 -6.43 -9.55
N ASN A 37 9.61 -7.06 -10.09
CA ASN A 37 9.94 -8.44 -9.77
C ASN A 37 10.77 -8.46 -8.50
N GLN A 38 10.11 -8.23 -7.38
CA GLN A 38 10.75 -8.10 -6.07
C GLN A 38 9.63 -8.37 -5.06
N ASN A 39 9.92 -8.21 -3.78
CA ASN A 39 8.87 -8.28 -2.77
C ASN A 39 8.90 -7.01 -1.93
N PRO A 40 7.73 -6.52 -1.48
CA PRO A 40 7.76 -5.28 -0.68
C PRO A 40 8.23 -5.47 0.75
N SER A 41 8.06 -6.68 1.24
CA SER A 41 8.39 -7.02 2.61
C SER A 41 9.87 -6.87 2.93
N THR A 42 10.68 -7.17 1.95
CA THR A 42 12.13 -7.09 2.09
C THR A 42 12.59 -5.65 1.88
N ASN A 43 11.72 -4.83 1.31
CA ASN A 43 12.05 -3.44 1.02
C ASN A 43 11.33 -2.55 2.02
N SER A 44 11.03 -3.13 3.17
CA SER A 44 10.40 -2.45 4.29
C SER A 44 11.39 -1.61 5.12
N GLY A 45 12.43 -1.12 4.47
CA GLY A 45 13.48 -0.40 5.11
C GLY A 45 13.57 1.07 4.79
N GLN A 46 14.63 1.44 4.09
CA GLN A 46 14.93 2.81 3.76
C GLN A 46 13.98 3.35 2.69
N TYR A 47 14.07 2.77 1.51
CA TYR A 47 13.28 3.18 0.36
C TYR A 47 13.16 1.97 -0.54
N GLY A 48 12.23 2.01 -1.48
CA GLY A 48 12.05 0.93 -2.43
C GLY A 48 10.90 1.28 -3.34
N PRO A 49 10.53 0.44 -4.32
CA PRO A 49 9.40 0.73 -5.20
C PRO A 49 8.12 0.89 -4.39
N TRP A 50 8.00 -0.06 -3.47
CA TRP A 50 6.87 -0.16 -2.58
C TRP A 50 7.23 -0.11 -1.10
N LEU A 51 6.29 0.42 -0.35
CA LEU A 51 6.38 0.58 1.10
C LEU A 51 5.50 -0.42 1.80
N ASP A 52 6.02 -0.86 2.93
CA ASP A 52 5.35 -1.78 3.85
C ASP A 52 4.81 -0.99 5.04
N LEU A 53 3.52 -0.74 5.08
CA LEU A 53 2.94 0.02 6.16
C LEU A 53 2.68 -0.85 7.36
N GLY A 54 3.19 -0.39 8.49
CA GLY A 54 3.07 -1.15 9.74
C GLY A 54 1.64 -1.31 10.23
N ASN A 55 0.76 -0.36 9.93
CA ASN A 55 -0.62 -0.47 10.29
C ASN A 55 -1.50 -0.79 9.10
N CYS A 56 -2.78 -0.79 9.39
CA CYS A 56 -3.83 -1.07 8.43
C CYS A 56 -4.75 0.15 8.39
N VAL A 57 -5.06 0.65 9.57
CA VAL A 57 -5.87 1.86 9.72
C VAL A 57 -4.91 3.04 9.58
N THR A 58 -5.44 4.22 9.30
CA THR A 58 -4.61 5.41 9.14
C THR A 58 -3.96 5.80 10.45
N SER A 59 -2.75 6.35 10.35
CA SER A 59 -1.96 6.78 11.52
C SER A 59 -1.75 5.61 12.51
N GLY A 60 -1.53 5.94 13.76
CA GLY A 60 -1.35 4.92 14.79
C GLY A 60 0.11 4.55 14.99
N ALA A 61 0.39 3.79 16.03
CA ALA A 61 1.75 3.37 16.34
C ALA A 61 1.70 1.94 16.88
N HIS A 62 2.78 1.19 16.69
CA HIS A 62 2.83 -0.23 17.05
C HIS A 62 4.11 -0.53 17.83
N HIS A 63 4.08 -0.34 19.15
CA HIS A 63 5.24 -0.66 19.99
C HIS A 63 4.93 -1.69 21.07
N HIS A 64 4.03 -1.38 22.01
CA HIS A 64 3.75 -2.30 23.13
C HIS A 64 2.35 -2.11 23.73
N HIS A 65 1.33 -2.15 22.87
CA HIS A 65 -0.09 -1.91 23.20
C HIS A 65 -0.31 -0.43 23.54
N HIS A 66 -1.46 0.09 23.10
CA HIS A 66 -1.85 1.52 23.23
C HIS A 66 -1.01 2.48 22.37
N HIS A 67 0.31 2.27 22.32
CA HIS A 67 1.23 3.01 21.48
C HIS A 67 2.23 2.01 20.91
N MET A 1 -14.24 -1.13 11.49
CA MET A 1 -13.60 0.11 11.98
C MET A 1 -12.95 0.85 10.83
N ASP A 2 -12.46 2.05 11.09
CA ASP A 2 -11.61 2.82 10.16
C ASP A 2 -12.19 3.37 8.86
N THR A 3 -11.58 4.48 8.47
CA THR A 3 -11.66 5.09 7.14
C THR A 3 -11.15 4.13 6.09
N CYS A 4 -10.32 3.24 6.57
CA CYS A 4 -9.39 2.48 5.77
C CYS A 4 -9.92 1.06 5.65
N ALA A 5 -11.23 0.96 5.79
CA ALA A 5 -11.95 -0.28 5.52
C ALA A 5 -12.83 -0.13 4.27
N THR A 6 -12.43 0.80 3.41
CA THR A 6 -13.14 1.05 2.14
C THR A 6 -12.16 1.11 0.99
N LEU A 7 -10.90 0.92 1.31
CA LEU A 7 -9.81 0.95 0.34
C LEU A 7 -9.96 -0.10 -0.78
N PRO A 8 -9.35 0.17 -1.95
CA PRO A 8 -9.28 -0.87 -2.98
C PRO A 8 -8.29 -1.97 -2.58
N SER A 9 -8.15 -2.98 -3.42
CA SER A 9 -7.34 -4.13 -3.08
C SER A 9 -6.24 -4.46 -4.07
N TRP A 10 -5.28 -5.24 -3.61
CA TRP A 10 -4.22 -5.73 -4.42
C TRP A 10 -4.76 -6.82 -5.30
N ASP A 11 -4.12 -6.94 -6.44
CA ASP A 11 -4.46 -7.93 -7.45
C ASP A 11 -3.16 -8.41 -8.08
N ALA A 12 -3.14 -9.66 -8.50
CA ALA A 12 -1.94 -10.27 -9.06
C ALA A 12 -1.64 -9.79 -10.50
N SER A 13 -2.68 -9.43 -11.23
CA SER A 13 -2.53 -9.01 -12.64
C SER A 13 -2.16 -7.54 -12.74
N THR A 14 -2.54 -6.78 -11.73
CA THR A 14 -2.31 -5.34 -11.71
C THR A 14 -0.84 -5.06 -11.43
N VAL A 15 -0.30 -4.07 -12.10
CA VAL A 15 1.07 -3.64 -11.89
C VAL A 15 1.01 -2.52 -10.85
N TYR A 16 1.90 -2.57 -9.88
CA TYR A 16 1.73 -1.76 -8.70
C TYR A 16 2.12 -0.32 -8.91
N THR A 17 1.18 0.54 -8.61
CA THR A 17 1.22 1.98 -8.77
C THR A 17 0.50 2.55 -7.58
N ASN A 18 0.16 3.83 -7.69
CA ASN A 18 -0.70 4.51 -6.70
C ASN A 18 -2.26 4.57 -6.98
N PRO A 19 -2.99 3.42 -7.00
CA PRO A 19 -4.44 3.58 -6.92
C PRO A 19 -4.87 3.53 -5.45
N GLN A 20 -4.44 4.54 -4.68
CA GLN A 20 -4.57 4.55 -3.23
C GLN A 20 -3.90 3.31 -2.62
N GLN A 21 -4.18 3.01 -1.36
CA GLN A 21 -3.54 1.89 -0.68
C GLN A 21 -4.27 0.60 -1.03
N VAL A 22 -3.58 -0.52 -0.90
CA VAL A 22 -4.13 -1.83 -1.17
C VAL A 22 -3.85 -2.71 0.03
N LYS A 23 -4.52 -3.85 0.08
CA LYS A 23 -4.36 -4.76 1.20
C LYS A 23 -3.45 -5.93 0.88
N HIS A 24 -2.86 -6.45 1.93
CA HIS A 24 -1.96 -7.61 1.89
C HIS A 24 -1.78 -8.15 3.30
N ASN A 25 -2.18 -9.39 3.54
CA ASN A 25 -2.16 -10.00 4.90
C ASN A 25 -2.90 -9.12 5.89
N SER A 26 -3.92 -8.51 5.34
CA SER A 26 -4.79 -7.51 5.97
C SER A 26 -4.06 -6.34 6.64
N LYS A 27 -2.85 -6.08 6.15
CA LYS A 27 -2.14 -4.84 6.40
C LYS A 27 -2.30 -4.00 5.15
N ARG A 28 -1.81 -2.78 5.22
CA ARG A 28 -1.92 -1.85 4.12
C ARG A 28 -0.59 -1.51 3.52
N TYR A 29 -0.56 -1.51 2.19
CA TYR A 29 0.64 -1.21 1.45
C TYR A 29 0.19 -0.32 0.34
N GLN A 30 1.13 0.32 -0.31
CA GLN A 30 0.86 1.23 -1.38
C GLN A 30 2.10 1.23 -2.22
N ALA A 31 1.98 1.48 -3.51
CA ALA A 31 3.18 1.69 -4.32
C ALA A 31 3.21 3.13 -4.78
N ASN A 32 4.40 3.72 -4.67
CA ASN A 32 4.58 5.13 -4.98
C ASN A 32 4.50 5.36 -6.48
N TYR A 33 5.03 4.42 -7.21
CA TYR A 33 5.14 4.51 -8.66
C TYR A 33 5.08 3.10 -9.22
N TRP A 34 5.16 3.00 -10.55
CA TRP A 34 5.21 1.72 -11.27
C TRP A 34 6.33 0.89 -10.66
N THR A 35 6.07 -0.39 -10.40
CA THR A 35 7.03 -1.19 -9.62
C THR A 35 8.37 -1.39 -10.31
N GLN A 36 9.35 -1.67 -9.46
CA GLN A 36 10.74 -1.90 -9.84
C GLN A 36 10.97 -3.36 -10.18
N ASN A 37 10.11 -4.20 -9.61
CA ASN A 37 10.25 -5.67 -9.66
C ASN A 37 11.53 -6.12 -8.95
N GLN A 38 11.97 -5.30 -8.00
CA GLN A 38 13.12 -5.60 -7.16
C GLN A 38 12.73 -6.70 -6.16
N ASN A 39 13.68 -7.17 -5.39
CA ASN A 39 13.36 -8.19 -4.39
C ASN A 39 12.52 -7.51 -3.31
N PRO A 40 11.55 -8.22 -2.71
CA PRO A 40 10.63 -7.50 -1.83
C PRO A 40 11.10 -7.27 -0.40
N SER A 41 11.94 -8.15 0.09
CA SER A 41 12.35 -8.16 1.49
C SER A 41 13.14 -6.93 1.90
N THR A 42 13.94 -6.46 0.96
CA THR A 42 14.79 -5.29 1.17
C THR A 42 13.98 -4.05 0.83
N ASN A 43 12.87 -4.26 0.15
CA ASN A 43 12.05 -3.17 -0.33
C ASN A 43 10.79 -3.08 0.52
N SER A 44 10.94 -3.56 1.75
CA SER A 44 9.87 -3.51 2.75
C SER A 44 9.65 -2.10 3.31
N GLY A 45 9.36 -1.14 2.45
CA GLY A 45 9.17 0.24 2.86
C GLY A 45 10.45 1.02 3.02
N GLN A 46 11.54 0.29 3.08
CA GLN A 46 12.87 0.81 3.24
C GLN A 46 13.29 1.60 2.00
N TYR A 47 13.27 0.90 0.88
CA TYR A 47 13.70 1.44 -0.40
C TYR A 47 12.75 0.94 -1.48
N GLY A 48 12.65 1.68 -2.58
CA GLY A 48 11.86 1.24 -3.71
C GLY A 48 10.49 1.89 -3.79
N PRO A 49 9.69 1.56 -4.83
CA PRO A 49 8.37 2.17 -5.01
C PRO A 49 7.36 1.77 -3.98
N TRP A 50 7.24 0.47 -3.82
CA TRP A 50 6.31 -0.13 -2.88
C TRP A 50 6.69 0.12 -1.43
N LEU A 51 5.68 0.48 -0.66
CA LEU A 51 5.78 0.85 0.73
C LEU A 51 4.88 0.00 1.61
N ASP A 52 5.37 -0.21 2.81
CA ASP A 52 4.65 -0.89 3.89
C ASP A 52 4.21 0.21 4.86
N LEU A 53 2.91 0.44 4.98
CA LEU A 53 2.43 1.55 5.77
C LEU A 53 2.16 1.17 7.21
N GLY A 54 2.75 1.96 8.11
CA GLY A 54 2.51 1.79 9.53
C GLY A 54 1.11 2.24 9.88
N ASN A 55 0.62 3.24 9.16
CA ASN A 55 -0.74 3.71 9.31
C ASN A 55 -1.69 3.06 8.33
N CYS A 56 -2.89 3.60 8.38
CA CYS A 56 -3.97 3.23 7.49
C CYS A 56 -4.49 4.52 6.88
N VAL A 57 -4.63 5.50 7.75
CA VAL A 57 -5.12 6.81 7.33
C VAL A 57 -3.89 7.50 6.72
N THR A 58 -4.13 8.51 5.90
CA THR A 58 -3.05 9.16 5.14
C THR A 58 -1.96 9.73 6.01
N SER A 59 -2.37 10.25 7.15
CA SER A 59 -1.47 10.82 8.16
C SER A 59 -0.56 11.92 7.59
N GLY A 60 -1.05 12.63 6.58
CA GLY A 60 -0.26 13.66 5.94
C GLY A 60 -1.11 14.33 4.87
N ALA A 61 -0.54 15.26 4.12
CA ALA A 61 -1.27 15.94 3.06
C ALA A 61 -1.71 14.92 1.99
N HIS A 62 -2.89 15.12 1.43
CA HIS A 62 -3.41 14.20 0.43
C HIS A 62 -4.37 14.88 -0.52
N HIS A 63 -4.47 14.36 -1.75
CA HIS A 63 -5.35 14.89 -2.81
C HIS A 63 -4.93 16.32 -3.21
N HIS A 64 -5.60 16.90 -4.21
CA HIS A 64 -5.40 18.30 -4.63
C HIS A 64 -3.93 18.78 -4.81
N HIS A 65 -3.01 17.90 -5.23
CA HIS A 65 -1.60 18.34 -5.35
C HIS A 65 -1.42 19.26 -6.56
N HIS A 66 -0.27 19.92 -6.61
CA HIS A 66 0.10 20.82 -7.72
C HIS A 66 -0.03 20.07 -9.05
N HIS A 67 -0.44 20.79 -10.08
CA HIS A 67 -0.42 20.28 -11.44
C HIS A 67 0.53 21.26 -12.07
N MET A 1 -17.96 3.74 9.01
CA MET A 1 -17.42 5.12 8.72
C MET A 1 -16.04 5.03 8.05
N ASP A 2 -15.45 3.86 8.12
CA ASP A 2 -14.07 3.60 7.81
C ASP A 2 -13.61 3.85 6.38
N THR A 3 -12.52 4.59 6.27
CA THR A 3 -11.79 4.79 5.02
C THR A 3 -11.04 3.52 4.66
N CYS A 4 -10.72 2.71 5.68
CA CYS A 4 -9.90 1.51 5.46
C CYS A 4 -10.86 0.36 5.10
N ALA A 5 -12.08 0.76 4.76
CA ALA A 5 -13.09 -0.11 4.19
C ALA A 5 -13.59 0.48 2.85
N THR A 6 -12.73 1.26 2.22
CA THR A 6 -13.02 1.80 0.87
C THR A 6 -11.80 1.72 -0.02
N LEU A 7 -10.71 1.25 0.54
CA LEU A 7 -9.46 1.06 -0.19
C LEU A 7 -9.61 -0.04 -1.24
N PRO A 8 -8.91 0.10 -2.39
CA PRO A 8 -8.73 -1.03 -3.31
C PRO A 8 -8.00 -2.23 -2.67
N SER A 9 -7.86 -3.30 -3.45
CA SER A 9 -7.17 -4.51 -3.01
C SER A 9 -6.30 -4.93 -4.15
N TRP A 10 -5.35 -5.81 -3.88
CA TRP A 10 -4.40 -6.23 -4.87
C TRP A 10 -4.58 -7.65 -5.33
N ASP A 11 -4.17 -7.87 -6.57
CA ASP A 11 -4.19 -9.18 -7.21
C ASP A 11 -2.80 -9.42 -7.75
N ALA A 12 -2.36 -10.66 -7.73
CA ALA A 12 -0.98 -10.99 -8.11
C ALA A 12 -0.65 -10.72 -9.59
N SER A 13 -1.66 -10.76 -10.45
CA SER A 13 -1.45 -10.60 -11.89
C SER A 13 -1.18 -9.15 -12.28
N THR A 14 -1.65 -8.24 -11.46
CA THR A 14 -1.63 -6.82 -11.79
C THR A 14 -0.26 -6.18 -11.59
N VAL A 15 0.13 -5.36 -12.55
CA VAL A 15 1.35 -4.58 -12.47
C VAL A 15 1.09 -3.44 -11.49
N TYR A 16 2.01 -3.22 -10.57
CA TYR A 16 1.83 -2.19 -9.54
C TYR A 16 1.96 -0.81 -10.15
N THR A 17 1.35 0.15 -9.47
CA THR A 17 1.13 1.49 -9.99
C THR A 17 1.40 2.59 -8.98
N ASN A 18 1.01 3.80 -9.39
CA ASN A 18 0.85 4.96 -8.53
C ASN A 18 -0.02 4.62 -7.28
N PRO A 19 0.02 5.47 -6.23
CA PRO A 19 -0.56 5.10 -4.92
C PRO A 19 -2.08 4.91 -4.77
N GLN A 20 -2.54 3.74 -5.20
CA GLN A 20 -3.91 3.31 -4.98
C GLN A 20 -4.14 2.91 -3.52
N GLN A 21 -3.11 2.30 -2.93
CA GLN A 21 -3.13 1.66 -1.59
C GLN A 21 -4.02 0.41 -1.58
N VAL A 22 -3.45 -0.71 -1.18
CA VAL A 22 -4.09 -2.02 -1.31
C VAL A 22 -3.85 -2.84 -0.06
N LYS A 23 -4.57 -3.95 0.06
CA LYS A 23 -4.44 -4.83 1.22
C LYS A 23 -3.97 -6.24 0.86
N HIS A 24 -3.36 -6.88 1.85
CA HIS A 24 -2.88 -8.27 1.78
C HIS A 24 -2.64 -8.74 3.21
N ASN A 25 -3.01 -9.98 3.52
CA ASN A 25 -2.86 -10.53 4.89
C ASN A 25 -3.46 -9.63 5.95
N SER A 26 -4.58 -9.03 5.54
CA SER A 26 -5.33 -8.02 6.30
C SER A 26 -4.47 -6.87 6.84
N LYS A 27 -3.35 -6.63 6.18
CA LYS A 27 -2.53 -5.44 6.37
C LYS A 27 -2.67 -4.65 5.11
N ARG A 28 -1.97 -3.54 5.02
CA ARG A 28 -2.07 -2.71 3.82
C ARG A 28 -0.68 -2.30 3.42
N TYR A 29 -0.57 -1.75 2.22
CA TYR A 29 0.67 -1.27 1.66
C TYR A 29 0.28 -0.48 0.44
N GLN A 30 1.24 0.24 -0.09
CA GLN A 30 1.00 1.12 -1.22
C GLN A 30 2.22 1.08 -2.10
N ALA A 31 2.09 1.31 -3.40
CA ALA A 31 3.25 1.55 -4.25
C ALA A 31 3.28 3.02 -4.59
N ASN A 32 4.47 3.57 -4.69
CA ASN A 32 4.63 4.98 -5.00
C ASN A 32 4.51 5.20 -6.50
N TYR A 33 5.10 4.29 -7.26
CA TYR A 33 5.15 4.38 -8.69
C TYR A 33 5.07 2.99 -9.32
N TRP A 34 4.98 2.97 -10.64
CA TRP A 34 4.85 1.72 -11.41
C TRP A 34 6.03 0.78 -11.13
N THR A 35 5.75 -0.45 -10.76
CA THR A 35 6.83 -1.36 -10.39
C THR A 35 7.72 -1.70 -11.58
N GLN A 36 8.90 -2.15 -11.24
CA GLN A 36 9.93 -2.51 -12.21
C GLN A 36 10.18 -4.01 -12.10
N ASN A 37 10.94 -4.39 -11.10
CA ASN A 37 11.14 -5.79 -10.73
C ASN A 37 11.35 -5.72 -9.23
N GLN A 38 10.57 -6.49 -8.48
CA GLN A 38 10.59 -6.37 -7.04
C GLN A 38 11.82 -7.04 -6.42
N ASN A 39 12.35 -6.35 -5.45
CA ASN A 39 13.50 -6.79 -4.67
C ASN A 39 13.02 -6.78 -3.22
N PRO A 40 12.37 -7.86 -2.77
CA PRO A 40 11.56 -7.70 -1.55
C PRO A 40 12.37 -7.57 -0.27
N SER A 41 13.56 -8.11 -0.31
CA SER A 41 14.43 -8.17 0.86
C SER A 41 14.92 -6.81 1.31
N THR A 42 15.17 -5.95 0.34
CA THR A 42 15.63 -4.58 0.60
C THR A 42 14.42 -3.68 0.80
N ASN A 43 13.25 -4.17 0.41
CA ASN A 43 12.03 -3.39 0.53
C ASN A 43 11.43 -3.63 1.91
N SER A 44 12.31 -3.98 2.82
CA SER A 44 12.01 -4.16 4.24
C SER A 44 11.86 -2.81 4.95
N GLY A 45 11.09 -1.91 4.34
CA GLY A 45 10.87 -0.58 4.88
C GLY A 45 12.04 0.37 4.76
N GLN A 46 13.02 0.00 3.93
CA GLN A 46 14.15 0.83 3.64
C GLN A 46 13.80 1.80 2.50
N TYR A 47 13.73 1.27 1.29
CA TYR A 47 13.42 2.04 0.10
C TYR A 47 12.99 1.07 -0.99
N GLY A 48 12.23 1.54 -1.95
CA GLY A 48 11.79 0.70 -3.05
C GLY A 48 10.46 1.15 -3.62
N PRO A 49 9.86 0.37 -4.55
CA PRO A 49 8.57 0.75 -5.13
C PRO A 49 7.46 0.88 -4.14
N TRP A 50 7.33 -0.11 -3.27
CA TRP A 50 6.25 -0.14 -2.31
C TRP A 50 6.62 0.23 -0.88
N LEU A 51 5.66 0.89 -0.26
CA LEU A 51 5.71 1.39 1.09
C LEU A 51 4.82 0.58 2.00
N ASP A 52 5.29 0.46 3.22
CA ASP A 52 4.54 -0.18 4.30
C ASP A 52 4.00 0.94 5.18
N LEU A 53 2.69 1.05 5.25
CA LEU A 53 2.05 2.14 5.97
C LEU A 53 1.81 1.80 7.42
N GLY A 54 2.16 2.73 8.29
CA GLY A 54 1.83 2.61 9.70
C GLY A 54 0.34 2.82 9.93
N ASN A 55 -0.28 3.62 9.07
CA ASN A 55 -1.69 3.95 9.20
C ASN A 55 -2.54 3.06 8.31
N CYS A 56 -3.83 3.30 8.38
CA CYS A 56 -4.82 2.53 7.61
C CYS A 56 -5.34 3.35 6.46
N VAL A 57 -5.65 4.60 6.78
CA VAL A 57 -6.20 5.52 5.81
C VAL A 57 -5.09 5.90 4.83
N THR A 58 -5.50 6.36 3.66
CA THR A 58 -4.58 6.83 2.64
C THR A 58 -4.61 8.37 2.59
N SER A 59 -5.81 8.92 2.67
CA SER A 59 -6.02 10.37 2.73
C SER A 59 -7.38 10.65 3.36
N GLY A 60 -7.47 11.71 4.16
CA GLY A 60 -8.72 12.09 4.80
C GLY A 60 -9.00 11.24 6.05
N ALA A 61 -10.21 11.33 6.59
CA ALA A 61 -10.58 10.55 7.78
C ALA A 61 -11.72 9.55 7.52
N HIS A 62 -12.87 10.02 7.06
CA HIS A 62 -14.05 9.13 6.85
C HIS A 62 -14.61 9.13 5.42
N HIS A 63 -14.21 10.12 4.61
CA HIS A 63 -14.70 10.27 3.21
C HIS A 63 -16.24 10.36 3.14
N HIS A 64 -16.80 10.29 1.94
CA HIS A 64 -18.26 10.43 1.73
C HIS A 64 -18.93 9.11 1.31
N HIS A 65 -18.13 8.14 0.89
CA HIS A 65 -18.62 6.82 0.51
C HIS A 65 -17.68 5.79 1.13
N HIS A 66 -18.11 4.55 1.28
CA HIS A 66 -17.30 3.45 1.81
C HIS A 66 -17.99 2.20 1.29
N HIS A 67 -17.36 1.03 1.40
CA HIS A 67 -18.03 -0.23 1.08
C HIS A 67 -18.78 -0.62 2.35
N MET A 1 -17.88 4.24 7.02
CA MET A 1 -16.88 5.03 7.80
C MET A 1 -15.49 4.51 7.53
N ASP A 2 -14.48 5.15 8.08
CA ASP A 2 -13.05 4.74 7.95
C ASP A 2 -12.46 4.79 6.54
N THR A 3 -11.23 5.28 6.50
CA THR A 3 -10.49 5.39 5.24
C THR A 3 -10.09 4.02 4.84
N CYS A 4 -10.01 3.22 5.87
CA CYS A 4 -9.39 1.91 5.81
C CYS A 4 -10.46 0.84 5.81
N ALA A 5 -11.67 1.27 5.48
CA ALA A 5 -12.77 0.33 5.21
C ALA A 5 -13.33 0.59 3.81
N THR A 6 -12.47 1.15 2.97
CA THR A 6 -12.83 1.45 1.58
C THR A 6 -11.64 1.24 0.64
N LEU A 7 -10.55 0.79 1.23
CA LEU A 7 -9.34 0.50 0.47
C LEU A 7 -9.54 -0.51 -0.65
N PRO A 8 -8.84 -0.32 -1.77
CA PRO A 8 -8.78 -1.41 -2.73
C PRO A 8 -7.85 -2.50 -2.21
N SER A 9 -7.72 -3.58 -2.94
CA SER A 9 -6.78 -4.62 -2.59
C SER A 9 -6.02 -4.96 -3.83
N TRP A 10 -4.90 -5.63 -3.65
CA TRP A 10 -4.02 -5.93 -4.73
C TRP A 10 -4.05 -7.37 -5.19
N ASP A 11 -3.56 -7.57 -6.40
CA ASP A 11 -3.41 -8.90 -6.98
C ASP A 11 -2.01 -9.06 -7.53
N ALA A 12 -1.51 -10.29 -7.49
CA ALA A 12 -0.12 -10.59 -7.84
C ALA A 12 0.22 -10.34 -9.32
N SER A 13 -0.79 -10.36 -10.18
CA SER A 13 -0.58 -10.17 -11.61
C SER A 13 -0.40 -8.70 -11.97
N THR A 14 -0.94 -7.82 -11.15
CA THR A 14 -1.03 -6.42 -11.48
C THR A 14 0.26 -5.64 -11.18
N VAL A 15 0.66 -4.81 -12.13
CA VAL A 15 1.82 -3.96 -11.98
C VAL A 15 1.32 -2.64 -11.41
N TYR A 16 2.03 -2.13 -10.41
CA TYR A 16 1.59 -0.92 -9.72
C TYR A 16 1.94 0.36 -10.45
N THR A 17 1.14 1.35 -10.13
CA THR A 17 1.24 2.73 -10.57
C THR A 17 1.55 3.60 -9.36
N ASN A 18 1.23 4.87 -9.53
CA ASN A 18 1.33 5.91 -8.53
C ASN A 18 0.77 5.49 -7.13
N PRO A 19 1.15 6.21 -6.05
CA PRO A 19 0.93 5.74 -4.67
C PRO A 19 -0.50 5.62 -4.16
N GLN A 20 -1.07 4.45 -4.41
CA GLN A 20 -2.28 4.01 -3.80
C GLN A 20 -1.89 2.99 -2.74
N GLN A 21 -2.78 2.72 -1.78
CA GLN A 21 -2.51 1.68 -0.78
C GLN A 21 -3.54 0.56 -0.90
N VAL A 22 -3.05 -0.65 -0.71
CA VAL A 22 -3.78 -1.91 -0.93
C VAL A 22 -3.45 -2.84 0.18
N LYS A 23 -4.16 -3.95 0.23
CA LYS A 23 -3.87 -5.02 1.16
C LYS A 23 -3.70 -6.33 0.41
N HIS A 24 -3.01 -7.24 1.07
CA HIS A 24 -2.84 -8.63 0.61
C HIS A 24 -2.14 -9.33 1.76
N ASN A 25 -2.32 -10.64 1.89
CA ASN A 25 -1.71 -11.43 2.98
C ASN A 25 -1.95 -10.81 4.35
N SER A 26 -3.17 -10.32 4.50
CA SER A 26 -3.67 -9.65 5.69
C SER A 26 -2.80 -8.53 6.26
N LYS A 27 -1.98 -7.94 5.40
CA LYS A 27 -1.30 -6.68 5.77
C LYS A 27 -1.54 -5.70 4.64
N ARG A 28 -0.98 -4.51 4.78
CA ARG A 28 -1.13 -3.45 3.79
C ARG A 28 0.18 -3.02 3.23
N TYR A 29 0.11 -2.34 2.11
CA TYR A 29 1.27 -1.71 1.53
C TYR A 29 0.84 -0.62 0.60
N GLN A 30 1.78 0.29 0.33
CA GLN A 30 1.52 1.42 -0.54
C GLN A 30 2.68 1.55 -1.49
N ALA A 31 2.35 1.68 -2.75
CA ALA A 31 3.36 1.82 -3.80
C ALA A 31 4.04 3.18 -3.75
N ASN A 32 5.18 3.28 -4.42
CA ASN A 32 5.87 4.54 -4.61
C ASN A 32 5.48 5.15 -5.96
N TYR A 33 5.55 4.32 -7.01
CA TYR A 33 5.22 4.76 -8.38
C TYR A 33 5.14 3.61 -9.38
N TRP A 34 6.00 2.61 -9.22
CA TRP A 34 6.04 1.46 -10.11
C TRP A 34 6.54 0.32 -9.25
N THR A 35 6.34 -0.92 -9.66
CA THR A 35 6.78 -2.06 -8.84
C THR A 35 7.49 -3.13 -9.67
N GLN A 36 8.00 -4.12 -8.96
CA GLN A 36 8.59 -5.32 -9.52
C GLN A 36 8.09 -6.42 -8.60
N ASN A 37 8.38 -7.67 -8.93
CA ASN A 37 8.03 -8.79 -8.05
C ASN A 37 9.08 -8.84 -6.95
N GLN A 38 8.85 -8.07 -5.90
CA GLN A 38 9.84 -7.92 -4.84
C GLN A 38 9.23 -7.80 -3.47
N ASN A 39 10.07 -7.95 -2.47
CA ASN A 39 9.66 -7.81 -1.07
C ASN A 39 10.00 -6.41 -0.60
N PRO A 40 9.18 -5.82 0.28
CA PRO A 40 9.50 -4.47 0.76
C PRO A 40 10.65 -4.43 1.77
N SER A 41 10.83 -5.54 2.47
CA SER A 41 11.81 -5.65 3.53
C SER A 41 13.24 -5.49 3.06
N THR A 42 13.49 -5.99 1.86
CA THR A 42 14.83 -5.95 1.25
C THR A 42 15.00 -4.61 0.57
N ASN A 43 13.89 -3.90 0.37
CA ASN A 43 13.89 -2.63 -0.32
C ASN A 43 13.72 -1.50 0.68
N SER A 44 14.08 -1.79 1.91
CA SER A 44 13.98 -0.87 3.03
C SER A 44 15.05 0.23 3.06
N GLY A 45 15.58 0.53 1.88
CA GLY A 45 16.58 1.55 1.72
C GLY A 45 16.00 2.94 1.56
N GLN A 46 15.86 3.30 0.31
CA GLN A 46 15.33 4.58 -0.08
C GLN A 46 13.82 4.64 0.16
N TYR A 47 13.11 3.78 -0.53
CA TYR A 47 11.65 3.65 -0.40
C TYR A 47 11.18 2.32 -0.95
N GLY A 48 11.76 2.00 -2.08
CA GLY A 48 11.46 0.76 -2.78
C GLY A 48 10.23 0.84 -3.66
N PRO A 49 9.81 -0.28 -4.28
CA PRO A 49 8.60 -0.31 -5.12
C PRO A 49 7.34 -0.01 -4.33
N TRP A 50 7.16 -0.78 -3.28
CA TRP A 50 6.12 -0.56 -2.31
C TRP A 50 6.68 -0.57 -0.90
N LEU A 51 6.12 0.27 -0.07
CA LEU A 51 6.39 0.33 1.35
C LEU A 51 5.34 -0.51 2.03
N ASP A 52 5.74 -1.16 3.10
CA ASP A 52 4.85 -2.01 3.90
C ASP A 52 4.20 -1.14 4.98
N LEU A 53 2.87 -1.15 5.05
CA LEU A 53 2.17 -0.31 6.01
C LEU A 53 1.82 -0.99 7.29
N GLY A 54 2.27 -0.35 8.34
CA GLY A 54 1.94 -0.75 9.69
C GLY A 54 0.56 -0.23 10.06
N ASN A 55 0.20 0.91 9.49
CA ASN A 55 -1.08 1.54 9.79
C ASN A 55 -2.22 1.13 8.88
N CYS A 56 -3.31 1.81 9.13
CA CYS A 56 -4.53 1.69 8.35
C CYS A 56 -4.79 3.02 7.68
N VAL A 57 -4.63 4.08 8.46
CA VAL A 57 -4.85 5.45 8.00
C VAL A 57 -3.52 5.92 7.44
N THR A 58 -3.58 6.90 6.56
CA THR A 58 -2.42 7.46 5.92
C THR A 58 -1.74 8.45 6.88
N SER A 59 -0.59 8.97 6.49
CA SER A 59 0.20 9.93 7.28
C SER A 59 0.79 9.26 8.53
N GLY A 60 1.10 10.06 9.55
CA GLY A 60 1.77 9.55 10.74
C GLY A 60 3.24 9.32 10.48
N ALA A 61 3.73 9.89 9.39
CA ALA A 61 5.12 9.73 8.99
C ALA A 61 6.06 10.36 10.02
N HIS A 62 7.16 9.68 10.30
CA HIS A 62 8.17 10.15 11.25
C HIS A 62 9.52 10.32 10.52
N HIS A 63 9.46 10.71 9.26
CA HIS A 63 10.68 10.87 8.45
C HIS A 63 10.47 11.94 7.38
N HIS A 64 11.47 12.77 7.16
CA HIS A 64 11.42 13.80 6.12
C HIS A 64 11.30 13.11 4.76
N HIS A 65 10.51 13.67 3.83
CA HIS A 65 10.32 13.07 2.51
C HIS A 65 10.37 14.10 1.37
N HIS A 66 9.59 15.17 1.48
CA HIS A 66 9.56 16.25 0.50
C HIS A 66 10.01 17.49 1.25
N HIS A 67 10.37 18.57 0.57
CA HIS A 67 10.68 19.83 1.25
C HIS A 67 9.41 20.64 1.19
N MET A 1 -18.29 2.84 11.05
CA MET A 1 -17.55 3.37 9.87
C MET A 1 -16.11 2.96 9.97
N ASP A 2 -15.65 2.19 8.99
CA ASP A 2 -14.32 1.62 9.02
C ASP A 2 -13.59 2.03 7.76
N THR A 3 -12.82 3.07 7.94
CA THR A 3 -12.07 3.71 6.88
C THR A 3 -11.07 2.77 6.25
N CYS A 4 -10.65 1.77 7.01
CA CYS A 4 -9.61 0.87 6.55
C CYS A 4 -10.20 -0.46 6.14
N ALA A 5 -11.52 -0.49 5.96
CA ALA A 5 -12.19 -1.65 5.39
C ALA A 5 -13.01 -1.23 4.17
N THR A 6 -12.59 -0.14 3.56
CA THR A 6 -13.19 0.37 2.33
C THR A 6 -12.07 0.70 1.35
N LEU A 7 -10.86 0.41 1.79
CA LEU A 7 -9.67 0.58 0.99
C LEU A 7 -9.76 -0.14 -0.35
N PRO A 8 -9.12 0.41 -1.40
CA PRO A 8 -8.96 -0.35 -2.63
C PRO A 8 -8.15 -1.62 -2.37
N SER A 9 -8.16 -2.54 -3.32
CA SER A 9 -7.44 -3.79 -3.16
C SER A 9 -6.61 -4.10 -4.38
N TRP A 10 -5.68 -5.04 -4.21
CA TRP A 10 -4.84 -5.46 -5.27
C TRP A 10 -5.23 -6.81 -5.79
N ASP A 11 -5.05 -6.92 -7.09
CA ASP A 11 -5.32 -8.13 -7.85
C ASP A 11 -4.00 -8.60 -8.40
N ALA A 12 -3.78 -9.92 -8.36
CA ALA A 12 -2.46 -10.50 -8.63
C ALA A 12 -1.83 -10.16 -9.99
N SER A 13 -2.66 -9.87 -10.99
CA SER A 13 -2.17 -9.59 -12.33
C SER A 13 -1.82 -8.12 -12.55
N THR A 14 -2.45 -7.24 -11.79
CA THR A 14 -2.37 -5.81 -12.06
C THR A 14 -1.03 -5.20 -11.67
N VAL A 15 -0.52 -4.33 -12.52
CA VAL A 15 0.72 -3.61 -12.26
C VAL A 15 0.39 -2.50 -11.27
N TYR A 16 1.28 -2.27 -10.31
CA TYR A 16 1.09 -1.21 -9.34
C TYR A 16 1.11 0.15 -10.03
N THR A 17 0.59 1.14 -9.32
CA THR A 17 0.48 2.49 -9.84
C THR A 17 1.14 3.48 -8.90
N ASN A 18 0.86 4.76 -9.17
CA ASN A 18 1.13 5.86 -8.26
C ASN A 18 0.52 5.52 -6.89
N PRO A 19 1.00 6.17 -5.78
CA PRO A 19 0.73 5.74 -4.40
C PRO A 19 -0.71 5.72 -3.84
N GLN A 20 -1.52 4.85 -4.41
CA GLN A 20 -2.76 4.43 -3.85
C GLN A 20 -2.41 3.38 -2.80
N GLN A 21 -3.29 3.14 -1.86
CA GLN A 21 -3.09 2.06 -0.89
C GLN A 21 -4.02 0.91 -1.29
N VAL A 22 -3.50 -0.30 -1.21
CA VAL A 22 -4.21 -1.52 -1.59
C VAL A 22 -3.99 -2.52 -0.49
N LYS A 23 -4.77 -3.60 -0.52
CA LYS A 23 -4.61 -4.69 0.41
C LYS A 23 -4.48 -6.02 -0.32
N HIS A 24 -3.84 -6.95 0.37
CA HIS A 24 -3.55 -8.30 -0.15
C HIS A 24 -2.99 -9.07 1.03
N ASN A 25 -3.22 -10.38 1.08
CA ASN A 25 -2.74 -11.22 2.22
C ASN A 25 -3.10 -10.66 3.56
N SER A 26 -4.31 -10.15 3.56
CA SER A 26 -4.96 -9.49 4.69
C SER A 26 -4.17 -8.42 5.41
N LYS A 27 -3.21 -7.81 4.72
CA LYS A 27 -2.63 -6.55 5.19
C LYS A 27 -2.76 -5.57 4.05
N ARG A 28 -2.24 -4.37 4.24
CA ARG A 28 -2.28 -3.33 3.23
C ARG A 28 -0.87 -2.94 2.94
N TYR A 29 -0.72 -2.08 1.95
CA TYR A 29 0.55 -1.49 1.59
C TYR A 29 0.27 -0.39 0.60
N GLN A 30 1.30 0.36 0.29
CA GLN A 30 1.22 1.45 -0.67
C GLN A 30 2.33 1.25 -1.68
N ALA A 31 2.03 1.49 -2.95
CA ALA A 31 3.04 1.37 -4.00
C ALA A 31 3.74 2.70 -4.17
N ASN A 32 4.97 2.69 -4.65
CA ASN A 32 5.66 3.92 -5.00
C ASN A 32 5.23 4.35 -6.39
N TYR A 33 5.27 3.41 -7.33
CA TYR A 33 4.88 3.70 -8.72
C TYR A 33 4.61 2.46 -9.57
N TRP A 34 5.48 1.47 -9.49
CA TRP A 34 5.38 0.26 -10.32
C TRP A 34 5.83 -0.94 -9.51
N THR A 35 5.63 -2.14 -10.05
CA THR A 35 6.00 -3.37 -9.35
C THR A 35 7.42 -3.79 -9.69
N GLN A 36 7.92 -4.69 -8.85
CA GLN A 36 9.27 -5.24 -8.95
C GLN A 36 9.30 -6.67 -8.40
N ASN A 37 8.47 -6.89 -7.38
CA ASN A 37 8.39 -8.17 -6.65
C ASN A 37 9.72 -8.50 -5.97
N GLN A 38 10.43 -7.43 -5.59
CA GLN A 38 11.74 -7.54 -4.97
C GLN A 38 11.66 -7.95 -3.52
N ASN A 39 12.80 -8.35 -2.98
CA ASN A 39 12.88 -8.71 -1.58
C ASN A 39 12.78 -7.43 -0.74
N PRO A 40 12.15 -7.49 0.44
CA PRO A 40 12.06 -6.26 1.25
C PRO A 40 13.36 -5.94 1.98
N SER A 41 14.14 -6.96 2.25
CA SER A 41 15.37 -6.84 3.03
C SER A 41 16.41 -5.97 2.36
N THR A 42 16.45 -6.06 1.05
CA THR A 42 17.42 -5.29 0.26
C THR A 42 16.90 -3.88 0.04
N ASN A 43 15.61 -3.69 0.29
CA ASN A 43 14.96 -2.41 0.09
C ASN A 43 14.69 -1.75 1.43
N SER A 44 15.48 -2.16 2.41
CA SER A 44 15.37 -1.66 3.77
C SER A 44 16.14 -0.37 4.01
N GLY A 45 16.33 0.40 2.95
CA GLY A 45 17.09 1.61 3.00
C GLY A 45 16.24 2.87 2.93
N GLN A 46 16.41 3.58 1.83
CA GLN A 46 15.73 4.86 1.61
C GLN A 46 14.24 4.71 1.39
N TYR A 47 13.89 3.98 0.34
CA TYR A 47 12.51 3.75 -0.05
C TYR A 47 12.54 2.50 -0.92
N GLY A 48 11.38 1.99 -1.30
CA GLY A 48 11.32 0.80 -2.14
C GLY A 48 10.14 0.82 -3.09
N PRO A 49 9.94 -0.26 -3.88
CA PRO A 49 8.81 -0.40 -4.83
C PRO A 49 7.48 -0.28 -4.13
N TRP A 50 7.41 -0.96 -3.02
CA TRP A 50 6.27 -0.97 -2.14
C TRP A 50 6.68 -0.60 -0.72
N LEU A 51 5.82 0.16 -0.08
CA LEU A 51 5.94 0.54 1.31
C LEU A 51 4.86 -0.16 2.09
N ASP A 52 5.19 -0.51 3.31
CA ASP A 52 4.23 -1.13 4.22
C ASP A 52 3.72 0.01 5.10
N LEU A 53 2.42 0.19 5.19
CA LEU A 53 1.87 1.36 5.85
C LEU A 53 1.81 1.25 7.35
N GLY A 54 2.41 2.24 7.98
CA GLY A 54 2.37 2.34 9.42
C GLY A 54 0.94 2.57 9.91
N ASN A 55 0.22 3.44 9.22
CA ASN A 55 -1.17 3.71 9.56
C ASN A 55 -2.10 2.87 8.74
N CYS A 56 -3.37 3.15 8.94
CA CYS A 56 -4.45 2.50 8.22
C CYS A 56 -5.19 3.54 7.41
N VAL A 57 -5.45 4.65 8.08
CA VAL A 57 -6.20 5.76 7.52
C VAL A 57 -5.20 6.89 7.33
N THR A 58 -5.57 7.91 6.57
CA THR A 58 -4.70 9.05 6.26
C THR A 58 -4.05 9.67 7.50
N SER A 59 -4.81 9.66 8.59
CA SER A 59 -4.34 10.13 9.90
C SER A 59 -3.86 11.59 9.83
N GLY A 60 -4.65 12.40 9.15
CA GLY A 60 -4.29 13.78 8.88
C GLY A 60 -4.42 13.98 7.38
N ALA A 61 -5.42 14.75 6.96
CA ALA A 61 -5.69 14.95 5.55
C ALA A 61 -4.53 15.73 4.92
N HIS A 62 -4.17 15.37 3.69
CA HIS A 62 -3.10 16.07 2.96
C HIS A 62 -3.43 15.93 1.49
N HIS A 63 -3.02 16.90 0.68
CA HIS A 63 -3.38 16.92 -0.74
C HIS A 63 -2.28 17.61 -1.55
N HIS A 64 -2.04 17.12 -2.77
CA HIS A 64 -1.03 17.69 -3.66
C HIS A 64 -1.46 17.39 -5.10
N HIS A 65 -1.24 18.34 -6.00
CA HIS A 65 -1.58 18.17 -7.45
C HIS A 65 -3.08 17.88 -7.67
N HIS A 66 -3.45 17.52 -8.89
CA HIS A 66 -4.79 17.01 -9.22
C HIS A 66 -4.47 16.05 -10.35
N HIS A 67 -4.90 14.80 -10.21
CA HIS A 67 -4.39 13.69 -11.04
C HIS A 67 -2.86 13.76 -10.94
N MET A 1 -17.46 -4.31 9.07
CA MET A 1 -17.23 -3.29 10.15
C MET A 1 -15.80 -2.79 10.11
N ASP A 2 -14.93 -3.51 9.42
CA ASP A 2 -13.52 -3.17 9.35
C ASP A 2 -13.29 -1.92 8.52
N THR A 3 -12.52 -1.01 9.08
CA THR A 3 -12.04 0.19 8.43
C THR A 3 -11.20 -0.19 7.22
N CYS A 4 -10.64 -1.38 7.29
CA CYS A 4 -9.65 -1.84 6.32
C CYS A 4 -10.29 -2.85 5.39
N ALA A 5 -11.62 -2.82 5.33
CA ALA A 5 -12.36 -3.64 4.36
C ALA A 5 -13.14 -2.75 3.40
N THR A 6 -12.65 -1.53 3.24
CA THR A 6 -13.20 -0.60 2.25
C THR A 6 -12.14 -0.06 1.32
N LEU A 7 -10.91 -0.39 1.66
CA LEU A 7 -9.77 -0.10 0.82
C LEU A 7 -9.86 -1.04 -0.38
N PRO A 8 -9.32 -0.64 -1.54
CA PRO A 8 -9.20 -1.68 -2.57
C PRO A 8 -8.05 -2.62 -2.19
N SER A 9 -7.84 -3.65 -2.99
CA SER A 9 -6.81 -4.63 -2.66
C SER A 9 -6.02 -4.93 -3.90
N TRP A 10 -4.81 -5.44 -3.73
CA TRP A 10 -3.96 -5.70 -4.82
C TRP A 10 -3.75 -7.14 -5.16
N ASP A 11 -3.51 -7.33 -6.45
CA ASP A 11 -3.25 -8.65 -7.01
C ASP A 11 -1.78 -9.01 -6.87
N ALA A 12 -1.48 -10.28 -7.01
CA ALA A 12 -0.09 -10.75 -6.96
C ALA A 12 0.64 -10.50 -8.30
N SER A 13 -0.13 -10.41 -9.39
CA SER A 13 0.45 -10.30 -10.73
C SER A 13 0.48 -8.88 -11.28
N THR A 14 -0.42 -8.02 -10.81
CA THR A 14 -0.54 -6.68 -11.36
C THR A 14 0.61 -5.79 -10.93
N VAL A 15 1.11 -5.04 -11.90
CA VAL A 15 2.20 -4.10 -11.70
C VAL A 15 1.68 -3.00 -10.81
N TYR A 16 2.43 -2.66 -9.78
CA TYR A 16 2.02 -1.66 -8.82
C TYR A 16 1.87 -0.30 -9.49
N THR A 17 1.02 0.53 -8.92
CA THR A 17 0.62 1.79 -9.52
C THR A 17 0.88 2.95 -8.57
N ASN A 18 0.26 4.07 -8.92
CA ASN A 18 0.14 5.25 -8.09
C ASN A 18 -0.44 4.87 -6.72
N PRO A 19 -0.31 5.74 -5.69
CA PRO A 19 -0.75 5.41 -4.32
C PRO A 19 -2.27 5.33 -4.07
N GLN A 20 -2.91 4.36 -4.71
CA GLN A 20 -4.31 4.05 -4.50
C GLN A 20 -4.55 3.53 -3.08
N GLN A 21 -3.50 2.89 -2.56
CA GLN A 21 -3.48 2.19 -1.26
C GLN A 21 -4.23 0.86 -1.40
N VAL A 22 -3.60 -0.23 -0.98
CA VAL A 22 -4.11 -1.57 -1.21
C VAL A 22 -3.85 -2.33 0.05
N LYS A 23 -4.35 -3.55 0.11
CA LYS A 23 -4.10 -4.42 1.22
C LYS A 23 -3.66 -5.75 0.68
N HIS A 24 -2.99 -6.51 1.54
CA HIS A 24 -2.36 -7.78 1.18
C HIS A 24 -1.86 -8.35 2.50
N ASN A 25 -1.89 -9.67 2.69
CA ASN A 25 -1.40 -10.30 3.93
C ASN A 25 -2.00 -9.72 5.20
N SER A 26 -3.25 -9.33 5.01
CA SER A 26 -4.08 -8.63 6.02
C SER A 26 -3.44 -7.38 6.61
N LYS A 27 -2.54 -6.79 5.83
CA LYS A 27 -1.96 -5.48 6.13
C LYS A 27 -2.26 -4.55 5.00
N ARG A 28 -1.84 -3.30 5.14
CA ARG A 28 -2.06 -2.28 4.15
C ARG A 28 -0.72 -1.93 3.55
N TYR A 29 -0.75 -1.57 2.29
CA TYR A 29 0.44 -1.19 1.58
C TYR A 29 0.07 -0.08 0.65
N GLN A 30 1.08 0.55 0.12
CA GLN A 30 0.91 1.62 -0.81
C GLN A 30 2.08 1.51 -1.73
N ALA A 31 1.91 1.88 -2.98
CA ALA A 31 3.02 1.95 -3.90
C ALA A 31 3.02 3.36 -4.46
N ASN A 32 4.20 3.89 -4.69
CA ASN A 32 4.30 5.24 -5.26
C ASN A 32 4.10 5.14 -6.76
N TYR A 33 4.65 4.07 -7.32
CA TYR A 33 4.61 3.84 -8.77
C TYR A 33 4.95 2.38 -9.07
N TRP A 34 5.25 2.10 -10.33
CA TRP A 34 5.60 0.77 -10.84
C TRP A 34 6.64 -0.01 -10.06
N THR A 35 6.56 -1.33 -10.24
CA THR A 35 7.59 -2.25 -9.79
C THR A 35 8.16 -2.85 -11.06
N GLN A 36 9.25 -3.56 -10.87
CA GLN A 36 9.96 -4.20 -11.94
C GLN A 36 9.88 -5.74 -11.90
N ASN A 37 10.76 -6.36 -11.13
CA ASN A 37 10.77 -7.81 -10.93
C ASN A 37 11.08 -8.01 -9.45
N GLN A 38 10.45 -7.19 -8.62
CA GLN A 38 10.82 -7.09 -7.21
C GLN A 38 9.64 -7.34 -6.28
N ASN A 39 10.01 -7.60 -5.04
CA ASN A 39 9.05 -7.82 -3.96
C ASN A 39 9.43 -6.87 -2.84
N PRO A 40 8.44 -6.34 -2.10
CA PRO A 40 8.80 -5.34 -1.09
C PRO A 40 9.46 -5.90 0.16
N SER A 41 9.05 -7.09 0.55
CA SER A 41 9.46 -7.69 1.83
C SER A 41 10.90 -8.10 1.88
N THR A 42 11.38 -8.56 0.74
CA THR A 42 12.71 -9.09 0.61
C THR A 42 13.69 -7.96 0.45
N ASN A 43 13.14 -6.79 0.13
CA ASN A 43 13.91 -5.63 -0.16
C ASN A 43 13.55 -4.52 0.82
N SER A 44 13.10 -4.96 1.99
CA SER A 44 12.65 -4.06 3.06
C SER A 44 13.76 -3.29 3.78
N GLY A 45 14.70 -2.74 3.01
CA GLY A 45 15.80 -2.01 3.56
C GLY A 45 15.57 -0.51 3.67
N GLN A 46 16.30 0.22 2.83
CA GLN A 46 16.29 1.67 2.86
C GLN A 46 15.01 2.30 2.30
N TYR A 47 14.78 2.10 1.00
CA TYR A 47 13.66 2.71 0.32
C TYR A 47 13.33 1.90 -0.93
N GLY A 48 12.09 1.99 -1.41
CA GLY A 48 11.69 1.34 -2.65
C GLY A 48 10.43 2.00 -3.16
N PRO A 49 9.88 1.56 -4.32
CA PRO A 49 8.65 2.14 -4.87
C PRO A 49 7.49 1.97 -3.91
N TRP A 50 7.41 0.76 -3.39
CA TRP A 50 6.40 0.34 -2.44
C TRP A 50 6.69 0.62 -0.95
N LEU A 51 5.61 0.71 -0.19
CA LEU A 51 5.61 0.99 1.22
C LEU A 51 4.74 0.02 1.98
N ASP A 52 5.17 -0.26 3.18
CA ASP A 52 4.48 -1.11 4.14
C ASP A 52 3.92 -0.26 5.27
N LEU A 53 2.61 -0.21 5.40
CA LEU A 53 1.96 0.51 6.46
C LEU A 53 1.66 -0.43 7.59
N GLY A 54 2.12 -0.04 8.76
CA GLY A 54 1.95 -0.87 9.95
C GLY A 54 0.49 -1.09 10.32
N ASN A 55 -0.36 -0.12 10.01
CA ASN A 55 -1.77 -0.27 10.27
C ASN A 55 -2.57 -0.81 9.10
N CYS A 56 -3.85 -0.83 9.35
CA CYS A 56 -4.87 -1.19 8.39
C CYS A 56 -5.83 -0.02 8.38
N VAL A 57 -6.11 0.44 9.59
CA VAL A 57 -6.98 1.59 9.85
C VAL A 57 -6.20 2.86 9.49
N THR A 58 -6.91 3.96 9.37
CA THR A 58 -6.32 5.25 9.05
C THR A 58 -5.47 5.72 10.25
N SER A 59 -4.72 6.81 10.05
CA SER A 59 -3.82 7.38 11.07
C SER A 59 -2.71 6.39 11.44
N GLY A 60 -2.08 6.59 12.59
CA GLY A 60 -0.97 5.75 13.01
C GLY A 60 0.25 6.57 13.37
N ALA A 61 1.42 6.01 13.14
CA ALA A 61 2.69 6.65 13.47
C ALA A 61 2.89 7.98 12.72
N HIS A 62 3.75 8.81 13.28
CA HIS A 62 4.11 10.13 12.71
C HIS A 62 4.90 10.01 11.39
N HIS A 63 4.19 9.72 10.30
CA HIS A 63 4.82 9.48 8.99
C HIS A 63 4.47 10.53 7.92
N HIS A 64 3.95 11.69 8.33
CA HIS A 64 3.62 12.77 7.40
C HIS A 64 3.63 14.09 8.18
N HIS A 65 3.94 15.20 7.52
CA HIS A 65 3.96 16.52 8.19
C HIS A 65 2.54 17.13 8.32
N HIS A 66 1.62 16.35 8.88
CA HIS A 66 0.14 16.58 8.81
C HIS A 66 -0.33 16.71 7.34
N HIS A 67 -0.26 17.87 6.74
CA HIS A 67 -0.53 18.03 5.31
C HIS A 67 0.46 19.08 4.86
N MET A 1 -17.80 0.17 7.69
CA MET A 1 -17.29 1.42 8.32
C MET A 1 -15.90 1.70 7.83
N ASP A 2 -15.25 2.73 8.38
CA ASP A 2 -13.82 3.02 8.21
C ASP A 2 -13.28 3.34 6.82
N THR A 3 -12.44 4.36 6.79
CA THR A 3 -11.69 4.76 5.63
C THR A 3 -10.69 3.68 5.31
N CYS A 4 -10.34 2.92 6.32
CA CYS A 4 -9.27 1.94 6.22
C CYS A 4 -9.85 0.54 6.15
N ALA A 5 -11.13 0.47 5.82
CA ALA A 5 -11.77 -0.79 5.47
C ALA A 5 -12.49 -0.62 4.12
N THR A 6 -12.00 0.33 3.36
CA THR A 6 -12.52 0.62 2.02
C THR A 6 -11.34 0.96 1.12
N LEU A 7 -10.17 0.67 1.64
CA LEU A 7 -8.92 0.74 0.89
C LEU A 7 -9.02 -0.09 -0.39
N PRO A 8 -8.34 0.34 -1.47
CA PRO A 8 -8.30 -0.52 -2.66
C PRO A 8 -7.48 -1.79 -2.40
N SER A 9 -7.47 -2.70 -3.35
CA SER A 9 -6.73 -3.95 -3.23
C SER A 9 -5.80 -4.12 -4.41
N TRP A 10 -4.77 -4.94 -4.23
CA TRP A 10 -3.91 -5.32 -5.29
C TRP A 10 -4.51 -6.54 -5.94
N ASP A 11 -4.12 -6.76 -7.17
CA ASP A 11 -4.48 -7.97 -7.90
C ASP A 11 -3.16 -8.50 -8.44
N ALA A 12 -2.98 -9.81 -8.37
CA ALA A 12 -1.66 -10.43 -8.58
C ALA A 12 -0.98 -10.15 -9.92
N SER A 13 -1.78 -10.06 -10.97
CA SER A 13 -1.26 -9.85 -12.33
C SER A 13 -1.06 -8.38 -12.67
N THR A 14 -1.84 -7.54 -12.00
CA THR A 14 -1.97 -6.14 -12.38
C THR A 14 -0.76 -5.27 -12.07
N VAL A 15 -0.43 -4.43 -13.04
CA VAL A 15 0.62 -3.44 -12.90
C VAL A 15 -0.01 -2.32 -12.10
N TYR A 16 0.69 -1.86 -11.09
CA TYR A 16 0.14 -0.84 -10.21
C TYR A 16 0.57 0.56 -10.61
N THR A 17 -0.05 1.54 -9.98
CA THR A 17 0.09 2.94 -10.35
C THR A 17 0.63 3.79 -9.21
N ASN A 18 0.47 5.10 -9.41
CA ASN A 18 0.70 6.14 -8.39
C ASN A 18 0.00 5.73 -7.07
N PRO A 19 0.48 6.23 -5.91
CA PRO A 19 0.20 5.70 -4.56
C PRO A 19 -1.25 5.56 -4.03
N GLN A 20 -1.98 4.66 -4.65
CA GLN A 20 -3.19 4.13 -4.10
C GLN A 20 -2.75 3.10 -3.07
N GLN A 21 -3.62 2.76 -2.13
CA GLN A 21 -3.29 1.77 -1.10
C GLN A 21 -3.71 0.40 -1.61
N VAL A 22 -3.07 -0.64 -1.12
CA VAL A 22 -3.45 -2.01 -1.41
C VAL A 22 -3.34 -2.81 -0.12
N LYS A 23 -3.85 -4.03 -0.14
CA LYS A 23 -3.71 -4.95 0.98
C LYS A 23 -2.98 -6.20 0.55
N HIS A 24 -2.38 -6.86 1.54
CA HIS A 24 -1.57 -8.07 1.33
C HIS A 24 -1.16 -8.65 2.67
N ASN A 25 -1.31 -9.96 2.85
CA ASN A 25 -0.95 -10.65 4.11
C ASN A 25 -1.63 -10.00 5.32
N SER A 26 -2.82 -9.52 5.02
CA SER A 26 -3.69 -8.75 5.94
C SER A 26 -3.01 -7.52 6.56
N LYS A 27 -2.01 -7.02 5.84
CA LYS A 27 -1.45 -5.71 6.05
C LYS A 27 -2.02 -4.83 4.96
N ARG A 28 -1.64 -3.57 5.01
CA ARG A 28 -1.89 -2.64 3.93
C ARG A 28 -0.52 -2.30 3.46
N TYR A 29 -0.45 -1.62 2.34
CA TYR A 29 0.77 -1.17 1.72
C TYR A 29 0.37 -0.09 0.74
N GLN A 30 1.37 0.58 0.18
CA GLN A 30 1.20 1.53 -0.89
C GLN A 30 2.28 1.20 -1.91
N ALA A 31 2.11 1.66 -3.12
CA ALA A 31 3.17 1.55 -4.12
C ALA A 31 3.60 2.96 -4.49
N ASN A 32 4.88 3.14 -4.71
CA ASN A 32 5.44 4.43 -5.10
C ASN A 32 4.93 4.82 -6.48
N TYR A 33 4.95 3.87 -7.40
CA TYR A 33 4.53 4.14 -8.78
C TYR A 33 4.19 2.90 -9.59
N TRP A 34 4.98 1.84 -9.43
CA TRP A 34 4.84 0.65 -10.27
C TRP A 34 5.00 -0.64 -9.45
N THR A 35 5.00 -1.77 -10.15
CA THR A 35 5.13 -3.10 -9.55
C THR A 35 6.46 -3.68 -9.95
N GLN A 36 6.75 -4.85 -9.38
CA GLN A 36 7.94 -5.64 -9.67
C GLN A 36 9.26 -4.89 -9.46
N ASN A 37 10.34 -5.46 -10.00
CA ASN A 37 11.71 -4.96 -9.78
C ASN A 37 12.03 -4.87 -8.27
N GLN A 38 11.45 -5.80 -7.51
CA GLN A 38 11.59 -5.79 -6.07
C GLN A 38 12.94 -6.37 -5.64
N ASN A 39 13.44 -5.78 -4.57
CA ASN A 39 14.65 -6.20 -3.85
C ASN A 39 14.09 -6.51 -2.45
N PRO A 40 13.57 -7.72 -2.22
CA PRO A 40 12.65 -8.03 -1.11
C PRO A 40 13.20 -7.76 0.26
N SER A 41 14.51 -7.81 0.31
CA SER A 41 15.22 -7.59 1.57
C SER A 41 15.06 -6.18 2.12
N THR A 42 15.14 -5.23 1.23
CA THR A 42 14.99 -3.81 1.57
C THR A 42 13.51 -3.48 1.48
N ASN A 43 12.75 -4.35 0.84
CA ASN A 43 11.34 -4.11 0.59
C ASN A 43 10.55 -4.78 1.69
N SER A 44 11.22 -4.90 2.81
CA SER A 44 10.63 -5.31 4.08
C SER A 44 9.82 -4.15 4.69
N GLY A 45 9.14 -3.40 3.83
CA GLY A 45 8.35 -2.27 4.23
C GLY A 45 9.09 -0.95 4.22
N GLN A 46 10.40 -1.04 4.18
CA GLN A 46 11.29 0.09 4.27
C GLN A 46 11.41 0.90 2.97
N TYR A 47 11.96 0.27 1.94
CA TYR A 47 12.28 0.96 0.69
C TYR A 47 12.12 0.08 -0.55
N GLY A 48 11.70 0.69 -1.65
CA GLY A 48 11.55 -0.01 -2.91
C GLY A 48 10.24 0.35 -3.61
N PRO A 49 9.75 -0.48 -4.56
CA PRO A 49 8.47 -0.20 -5.22
C PRO A 49 7.33 0.03 -4.25
N TRP A 50 7.17 -0.92 -3.35
CA TRP A 50 6.14 -0.85 -2.33
C TRP A 50 6.60 -0.58 -0.88
N LEU A 51 5.75 0.17 -0.19
CA LEU A 51 5.93 0.65 1.17
C LEU A 51 4.79 0.17 2.04
N ASP A 52 5.01 0.12 3.34
CA ASP A 52 3.96 -0.17 4.33
C ASP A 52 3.59 1.15 5.02
N LEU A 53 2.30 1.47 5.09
CA LEU A 53 1.86 2.73 5.64
C LEU A 53 1.98 2.82 7.15
N GLY A 54 2.56 3.93 7.59
CA GLY A 54 2.58 4.25 9.01
C GLY A 54 1.17 4.53 9.48
N ASN A 55 0.44 5.32 8.69
CA ASN A 55 -0.96 5.54 8.92
C ASN A 55 -1.77 4.34 8.52
N CYS A 56 -3.07 4.55 8.45
CA CYS A 56 -3.99 3.53 7.95
C CYS A 56 -4.41 3.92 6.55
N VAL A 57 -4.82 5.17 6.46
CA VAL A 57 -5.34 5.74 5.22
C VAL A 57 -4.34 6.80 4.82
N THR A 58 -4.30 7.15 3.53
CA THR A 58 -3.42 8.19 3.04
C THR A 58 -3.69 9.51 3.73
N SER A 59 -4.96 9.80 3.81
CA SER A 59 -5.50 10.94 4.51
C SER A 59 -6.93 10.56 4.77
N GLY A 60 -7.58 11.18 5.74
CA GLY A 60 -8.98 10.87 6.02
C GLY A 60 -9.88 11.21 4.85
N ALA A 61 -9.43 12.14 4.01
CA ALA A 61 -10.18 12.54 2.82
C ALA A 61 -10.42 11.36 1.87
N HIS A 62 -9.38 10.53 1.70
CA HIS A 62 -9.47 9.27 0.92
C HIS A 62 -10.16 9.42 -0.45
N HIS A 63 -9.90 10.50 -1.17
CA HIS A 63 -10.60 10.77 -2.43
C HIS A 63 -10.36 9.64 -3.43
N HIS A 64 -11.44 9.18 -4.05
CA HIS A 64 -11.38 8.05 -5.00
C HIS A 64 -12.35 8.34 -6.15
N HIS A 65 -12.10 7.79 -7.33
CA HIS A 65 -12.97 8.01 -8.51
C HIS A 65 -13.15 6.74 -9.33
N HIS A 66 -14.40 6.45 -9.69
CA HIS A 66 -14.82 5.32 -10.57
C HIS A 66 -14.54 3.89 -10.06
N HIS A 67 -13.32 3.62 -9.65
CA HIS A 67 -12.96 2.35 -9.02
C HIS A 67 -12.74 2.75 -7.57
N MET A 1 -12.24 4.37 13.25
CA MET A 1 -13.02 3.80 12.11
C MET A 1 -12.07 3.19 11.11
N ASP A 2 -12.57 2.29 10.28
CA ASP A 2 -11.73 1.60 9.31
C ASP A 2 -11.69 2.36 7.99
N THR A 3 -10.60 2.16 7.28
CA THR A 3 -10.38 2.76 5.95
C THR A 3 -9.83 1.66 5.07
N CYS A 4 -9.24 0.71 5.76
CA CYS A 4 -8.44 -0.33 5.14
C CYS A 4 -9.29 -1.55 4.87
N ALA A 5 -10.60 -1.34 4.96
CA ALA A 5 -11.57 -2.32 4.50
C ALA A 5 -12.48 -1.74 3.40
N THR A 6 -11.99 -0.67 2.80
CA THR A 6 -12.61 -0.07 1.60
C THR A 6 -11.50 0.21 0.59
N LEU A 7 -10.29 -0.11 1.00
CA LEU A 7 -9.12 -0.07 0.14
C LEU A 7 -9.26 -0.94 -1.10
N PRO A 8 -8.62 -0.55 -2.21
CA PRO A 8 -8.47 -1.57 -3.26
C PRO A 8 -7.44 -2.59 -2.78
N SER A 9 -7.30 -3.68 -3.52
CA SER A 9 -6.37 -4.73 -3.10
C SER A 9 -5.42 -5.03 -4.24
N TRP A 10 -4.33 -5.70 -3.92
CA TRP A 10 -3.35 -6.05 -4.90
C TRP A 10 -3.64 -7.39 -5.48
N ASP A 11 -3.25 -7.53 -6.74
CA ASP A 11 -3.35 -8.78 -7.48
C ASP A 11 -2.00 -9.04 -8.08
N ALA A 12 -1.59 -10.29 -8.09
CA ALA A 12 -0.22 -10.65 -8.45
C ALA A 12 0.16 -10.33 -9.90
N SER A 13 -0.81 -10.41 -10.80
CA SER A 13 -0.55 -10.19 -12.22
C SER A 13 -0.62 -8.71 -12.60
N THR A 14 -1.36 -7.96 -11.81
CA THR A 14 -1.61 -6.54 -12.10
C THR A 14 -0.40 -5.68 -11.73
N VAL A 15 -0.06 -4.78 -12.63
CA VAL A 15 1.03 -3.84 -12.38
C VAL A 15 0.47 -2.79 -11.45
N TYR A 16 1.16 -2.58 -10.34
CA TYR A 16 0.70 -1.64 -9.34
C TYR A 16 1.32 -0.27 -9.61
N THR A 17 0.56 0.75 -9.30
CA THR A 17 0.82 2.14 -9.68
C THR A 17 0.93 3.03 -8.45
N ASN A 18 0.64 4.30 -8.70
CA ASN A 18 0.66 5.41 -7.73
C ASN A 18 -0.03 5.09 -6.38
N PRO A 19 0.23 5.89 -5.32
CA PRO A 19 -0.09 5.53 -3.93
C PRO A 19 -1.58 5.47 -3.48
N GLN A 20 -2.32 4.55 -4.08
CA GLN A 20 -3.69 4.25 -3.71
C GLN A 20 -3.81 3.52 -2.38
N GLN A 21 -2.74 2.77 -2.08
CA GLN A 21 -2.65 1.79 -0.98
C GLN A 21 -3.43 0.52 -1.35
N VAL A 22 -2.80 -0.64 -1.18
CA VAL A 22 -3.37 -1.94 -1.53
C VAL A 22 -3.05 -2.85 -0.37
N LYS A 23 -3.68 -4.01 -0.35
CA LYS A 23 -3.50 -4.94 0.72
C LYS A 23 -3.30 -6.36 0.25
N HIS A 24 -2.72 -7.16 1.12
CA HIS A 24 -2.46 -8.60 0.88
C HIS A 24 -2.28 -9.23 2.25
N ASN A 25 -2.85 -10.41 2.49
CA ASN A 25 -2.81 -11.08 3.82
C ASN A 25 -3.29 -10.15 4.92
N SER A 26 -4.28 -9.37 4.53
CA SER A 26 -4.91 -8.30 5.33
C SER A 26 -3.93 -7.34 6.01
N LYS A 27 -2.74 -7.24 5.45
CA LYS A 27 -1.80 -6.17 5.75
C LYS A 27 -1.74 -5.35 4.51
N ARG A 28 -0.99 -4.26 4.53
CA ARG A 28 -1.07 -3.31 3.43
C ARG A 28 0.29 -2.77 3.05
N TYR A 29 0.30 -2.07 1.93
CA TYR A 29 1.48 -1.44 1.41
C TYR A 29 1.04 -0.44 0.37
N GLN A 30 1.93 0.46 0.00
CA GLN A 30 1.63 1.53 -0.92
C GLN A 30 2.84 1.80 -1.80
N ALA A 31 2.63 2.01 -3.08
CA ALA A 31 3.76 2.22 -4.02
C ALA A 31 3.89 3.68 -4.39
N ASN A 32 5.13 4.08 -4.67
CA ASN A 32 5.44 5.47 -5.00
C ASN A 32 4.85 5.87 -6.34
N TYR A 33 5.03 5.02 -7.35
CA TYR A 33 4.55 5.36 -8.70
C TYR A 33 4.27 4.18 -9.63
N TRP A 34 5.16 3.20 -9.63
CA TRP A 34 5.05 2.04 -10.51
C TRP A 34 5.79 0.93 -9.80
N THR A 35 5.33 -0.30 -9.89
CA THR A 35 5.95 -1.38 -9.11
C THR A 35 7.03 -2.13 -9.88
N GLN A 36 7.73 -3.00 -9.16
CA GLN A 36 8.76 -3.88 -9.70
C GLN A 36 8.58 -5.21 -8.98
N ASN A 37 9.26 -6.25 -9.46
CA ASN A 37 9.16 -7.58 -8.86
C ASN A 37 10.09 -7.74 -7.64
N GLN A 38 10.28 -6.66 -6.89
CA GLN A 38 11.19 -6.70 -5.74
C GLN A 38 10.48 -7.21 -4.49
N ASN A 39 11.26 -7.65 -3.53
CA ASN A 39 10.72 -8.17 -2.29
C ASN A 39 10.20 -7.00 -1.44
N PRO A 40 9.10 -7.21 -0.68
CA PRO A 40 8.59 -6.10 0.13
C PRO A 40 9.41 -5.84 1.39
N SER A 41 10.10 -6.85 1.86
CA SER A 41 10.87 -6.78 3.10
C SER A 41 12.02 -5.78 3.01
N THR A 42 12.60 -5.70 1.83
CA THR A 42 13.74 -4.85 1.55
C THR A 42 13.21 -3.47 1.17
N ASN A 43 11.94 -3.44 0.87
CA ASN A 43 11.21 -2.25 0.48
C ASN A 43 10.52 -1.68 1.72
N SER A 44 11.12 -1.94 2.87
CA SER A 44 10.67 -1.41 4.17
C SER A 44 10.96 0.11 4.33
N GLY A 45 10.63 0.89 3.30
CA GLY A 45 10.87 2.31 3.29
C GLY A 45 12.33 2.67 3.09
N GLN A 46 13.09 1.69 2.65
CA GLN A 46 14.50 1.84 2.36
C GLN A 46 14.72 2.37 0.94
N TYR A 47 14.35 1.57 -0.04
CA TYR A 47 14.50 1.92 -1.44
C TYR A 47 13.60 0.97 -2.23
N GLY A 48 13.21 1.38 -3.42
CA GLY A 48 12.39 0.54 -4.28
C GLY A 48 11.00 1.10 -4.55
N PRO A 49 10.14 0.34 -5.27
CA PRO A 49 8.78 0.79 -5.63
C PRO A 49 7.82 1.04 -4.49
N TRP A 50 7.65 0.06 -3.62
CA TRP A 50 6.68 0.13 -2.54
C TRP A 50 7.21 0.35 -1.13
N LEU A 51 6.30 0.80 -0.28
CA LEU A 51 6.50 1.04 1.13
C LEU A 51 5.52 0.17 1.89
N ASP A 52 5.92 -0.25 3.07
CA ASP A 52 5.06 -1.01 4.00
C ASP A 52 4.52 -0.02 5.05
N LEU A 53 3.20 0.03 5.21
CA LEU A 53 2.59 1.01 6.11
C LEU A 53 2.28 0.52 7.51
N GLY A 54 2.84 1.27 8.44
CA GLY A 54 2.60 1.03 9.85
C GLY A 54 1.24 1.53 10.30
N ASN A 55 0.75 2.59 9.66
CA ASN A 55 -0.55 3.13 9.97
C ASN A 55 -1.51 2.46 9.03
N CYS A 56 -2.74 2.92 9.07
CA CYS A 56 -3.79 2.46 8.16
C CYS A 56 -4.42 3.69 7.53
N VAL A 57 -4.68 4.66 8.39
CA VAL A 57 -5.36 5.89 8.01
C VAL A 57 -4.29 6.97 7.92
N THR A 58 -4.57 8.04 7.19
CA THR A 58 -3.66 9.16 7.12
C THR A 58 -3.53 9.78 8.50
N SER A 59 -2.38 10.39 8.75
CA SER A 59 -2.08 10.98 10.05
C SER A 59 -1.87 12.48 9.89
N GLY A 60 -2.16 13.22 10.94
CA GLY A 60 -2.01 14.67 10.92
C GLY A 60 -3.24 15.39 10.37
N ALA A 61 -3.25 16.71 10.50
CA ALA A 61 -4.36 17.53 10.03
C ALA A 61 -3.81 18.78 9.34
N HIS A 62 -3.98 18.88 8.03
CA HIS A 62 -3.44 20.01 7.28
C HIS A 62 -4.25 20.25 6.02
N HIS A 63 -4.48 21.51 5.66
CA HIS A 63 -5.19 21.87 4.43
C HIS A 63 -4.70 23.26 4.00
N HIS A 64 -4.94 23.63 2.75
CA HIS A 64 -4.48 24.92 2.20
C HIS A 64 -5.42 25.32 1.06
N HIS A 65 -5.74 26.61 0.97
CA HIS A 65 -6.69 27.15 -0.04
C HIS A 65 -8.10 26.59 0.20
N HIS A 66 -9.07 27.03 -0.59
CA HIS A 66 -10.42 26.46 -0.56
C HIS A 66 -10.41 25.28 -1.51
N HIS A 67 -11.41 24.42 -1.38
CA HIS A 67 -11.68 23.34 -2.31
C HIS A 67 -13.19 23.49 -2.38
N MET A 1 -14.91 7.65 8.95
CA MET A 1 -15.56 6.33 8.86
C MET A 1 -15.07 5.58 7.64
N ASP A 2 -13.92 4.95 7.76
CA ASP A 2 -13.33 4.14 6.71
C ASP A 2 -13.79 2.72 6.87
N THR A 3 -14.22 2.16 5.76
CA THR A 3 -14.64 0.77 5.73
C THR A 3 -13.41 -0.07 5.54
N CYS A 4 -12.50 0.54 4.80
CA CYS A 4 -11.26 -0.06 4.34
C CYS A 4 -11.54 -1.32 3.54
N ALA A 5 -12.80 -1.43 3.17
CA ALA A 5 -13.31 -2.45 2.27
C ALA A 5 -13.68 -1.72 0.99
N THR A 6 -13.01 -0.59 0.81
CA THR A 6 -13.22 0.29 -0.33
C THR A 6 -11.94 0.46 -1.10
N LEU A 7 -10.91 -0.15 -0.56
CA LEU A 7 -9.60 -0.09 -1.16
C LEU A 7 -9.57 -0.79 -2.52
N PRO A 8 -8.73 -0.31 -3.46
CA PRO A 8 -8.49 -1.04 -4.72
C PRO A 8 -7.45 -2.17 -4.49
N SER A 9 -7.91 -3.21 -3.83
CA SER A 9 -7.06 -4.29 -3.33
C SER A 9 -6.34 -5.14 -4.38
N TRP A 10 -5.15 -4.69 -4.72
CA TRP A 10 -4.18 -5.35 -5.57
C TRP A 10 -3.71 -6.71 -5.06
N ASP A 11 -2.91 -7.36 -5.89
CA ASP A 11 -2.33 -8.66 -5.60
C ASP A 11 -1.04 -8.77 -6.40
N ALA A 12 -0.12 -9.60 -5.94
CA ALA A 12 1.22 -9.73 -6.53
C ALA A 12 1.25 -10.10 -8.03
N SER A 13 0.17 -10.67 -8.52
CA SER A 13 0.08 -11.06 -9.93
C SER A 13 -0.05 -9.85 -10.84
N THR A 14 -0.57 -8.76 -10.30
CA THR A 14 -0.89 -7.58 -11.07
C THR A 14 0.23 -6.53 -10.96
N VAL A 15 0.30 -5.60 -11.91
CA VAL A 15 1.23 -4.50 -11.86
C VAL A 15 0.47 -3.35 -11.18
N TYR A 16 1.14 -2.53 -10.39
CA TYR A 16 0.48 -1.40 -9.73
C TYR A 16 1.06 -0.06 -10.14
N THR A 17 0.38 0.99 -9.71
CA THR A 17 0.70 2.37 -10.09
C THR A 17 1.00 3.24 -8.87
N ASN A 18 0.98 4.54 -9.12
CA ASN A 18 1.08 5.62 -8.14
C ASN A 18 0.10 5.46 -6.95
N PRO A 19 0.35 6.19 -5.83
CA PRO A 19 -0.29 5.89 -4.53
C PRO A 19 -1.80 5.99 -4.38
N GLN A 20 -2.45 4.88 -4.71
CA GLN A 20 -3.80 4.66 -4.33
C GLN A 20 -3.84 3.83 -3.02
N GLN A 21 -3.74 2.50 -3.11
CA GLN A 21 -3.68 1.60 -1.94
C GLN A 21 -3.68 0.13 -2.41
N VAL A 22 -2.98 -0.75 -1.71
CA VAL A 22 -2.98 -2.17 -2.01
C VAL A 22 -3.04 -2.96 -0.71
N LYS A 23 -3.15 -4.28 -0.83
CA LYS A 23 -3.09 -5.17 0.32
C LYS A 23 -1.98 -6.18 0.20
N HIS A 24 -1.59 -6.70 1.36
CA HIS A 24 -0.53 -7.69 1.51
C HIS A 24 -0.50 -8.17 2.95
N ASN A 25 -0.34 -9.48 3.17
CA ASN A 25 -0.27 -10.05 4.54
C ASN A 25 -1.45 -9.66 5.40
N SER A 26 -2.56 -9.53 4.70
CA SER A 26 -3.86 -9.08 5.24
C SER A 26 -3.79 -7.72 5.94
N LYS A 27 -2.80 -6.94 5.53
CA LYS A 27 -2.66 -5.54 5.90
C LYS A 27 -2.77 -4.74 4.64
N ARG A 28 -2.65 -3.43 4.79
CA ARG A 28 -2.79 -2.54 3.65
C ARG A 28 -1.45 -1.84 3.58
N TYR A 29 -1.20 -1.23 2.46
CA TYR A 29 0.05 -0.61 2.09
C TYR A 29 -0.31 0.34 0.98
N GLN A 30 0.63 1.16 0.58
CA GLN A 30 0.49 2.05 -0.55
C GLN A 30 1.80 2.13 -1.29
N ALA A 31 1.75 2.13 -2.62
CA ALA A 31 2.97 2.18 -3.43
C ALA A 31 3.24 3.57 -3.94
N ASN A 32 4.50 3.97 -3.90
CA ASN A 32 4.91 5.32 -4.31
C ASN A 32 4.76 5.56 -5.80
N TYR A 33 5.01 4.53 -6.57
CA TYR A 33 5.05 4.66 -8.02
C TYR A 33 4.72 3.35 -8.74
N TRP A 34 4.62 3.44 -10.05
CA TRP A 34 4.39 2.30 -10.93
C TRP A 34 5.49 1.25 -10.75
N THR A 35 5.12 -0.02 -10.87
CA THR A 35 6.04 -1.14 -10.63
C THR A 35 6.20 -1.90 -11.93
N GLN A 36 7.09 -2.87 -11.89
CA GLN A 36 7.33 -3.79 -13.01
C GLN A 36 7.40 -5.21 -12.47
N ASN A 37 8.19 -5.38 -11.43
CA ASN A 37 8.39 -6.65 -10.75
C ASN A 37 9.13 -6.15 -9.53
N GLN A 38 9.06 -6.88 -8.44
CA GLN A 38 9.73 -6.47 -7.22
C GLN A 38 10.58 -7.56 -6.59
N ASN A 39 11.44 -7.12 -5.69
CA ASN A 39 12.39 -7.97 -4.98
C ASN A 39 12.12 -7.80 -3.48
N PRO A 40 11.14 -8.55 -2.92
CA PRO A 40 10.62 -8.24 -1.59
C PRO A 40 11.64 -8.38 -0.49
N SER A 41 12.62 -9.21 -0.75
CA SER A 41 13.67 -9.52 0.22
C SER A 41 14.58 -8.34 0.54
N THR A 42 14.85 -7.54 -0.46
CA THR A 42 15.68 -6.34 -0.30
C THR A 42 14.76 -5.18 0.06
N ASN A 43 13.46 -5.39 -0.16
CA ASN A 43 12.45 -4.36 0.05
C ASN A 43 11.87 -4.58 1.45
N SER A 44 12.70 -5.20 2.28
CA SER A 44 12.39 -5.49 3.68
C SER A 44 12.53 -4.24 4.58
N GLY A 45 11.91 -3.15 4.18
CA GLY A 45 11.96 -1.92 4.92
C GLY A 45 13.15 -1.05 4.64
N GLN A 46 14.14 -1.65 4.02
CA GLN A 46 15.38 -1.00 3.63
C GLN A 46 15.11 0.12 2.64
N TYR A 47 14.62 -0.26 1.46
CA TYR A 47 14.23 0.67 0.42
C TYR A 47 13.25 -0.01 -0.48
N GLY A 48 12.33 0.74 -1.05
CA GLY A 48 11.35 0.18 -1.96
C GLY A 48 10.20 1.13 -2.24
N PRO A 49 9.31 0.79 -3.20
CA PRO A 49 8.17 1.67 -3.51
C PRO A 49 7.08 1.68 -2.48
N TRP A 50 6.66 0.48 -2.13
CA TRP A 50 5.55 0.29 -1.23
C TRP A 50 5.87 0.53 0.25
N LEU A 51 5.03 1.36 0.85
CA LEU A 51 5.07 1.71 2.25
C LEU A 51 4.02 0.94 3.00
N ASP A 52 4.34 0.63 4.23
CA ASP A 52 3.44 -0.03 5.17
C ASP A 52 2.65 1.05 5.88
N LEU A 53 1.38 1.16 5.54
CA LEU A 53 0.57 2.30 5.97
C LEU A 53 0.12 2.28 7.41
N GLY A 54 0.15 3.47 7.99
CA GLY A 54 -0.42 3.70 9.29
C GLY A 54 -1.94 3.74 9.21
N ASN A 55 -2.46 4.43 8.21
CA ASN A 55 -3.91 4.48 8.00
C ASN A 55 -4.39 3.33 7.19
N CYS A 56 -5.66 3.40 6.89
CA CYS A 56 -6.34 2.38 6.11
C CYS A 56 -6.60 2.87 4.71
N VAL A 57 -7.15 4.07 4.64
CA VAL A 57 -7.51 4.70 3.38
C VAL A 57 -6.72 6.01 3.34
N THR A 58 -6.62 6.61 2.17
CA THR A 58 -5.95 7.89 2.03
C THR A 58 -6.66 8.96 2.84
N SER A 59 -5.90 9.94 3.28
CA SER A 59 -6.45 11.06 4.05
C SER A 59 -7.19 12.00 3.09
N GLY A 60 -8.14 12.74 3.61
CA GLY A 60 -8.90 13.67 2.79
C GLY A 60 -9.97 12.94 1.99
N ALA A 61 -10.35 13.51 0.86
CA ALA A 61 -11.35 12.89 -0.02
C ALA A 61 -10.93 13.14 -1.47
N HIS A 62 -11.20 12.17 -2.33
CA HIS A 62 -10.87 12.26 -3.76
C HIS A 62 -11.80 11.30 -4.49
N HIS A 63 -12.01 11.52 -5.78
CA HIS A 63 -12.83 10.61 -6.60
C HIS A 63 -12.40 10.76 -8.05
N HIS A 64 -12.68 9.75 -8.86
CA HIS A 64 -12.25 9.70 -10.27
C HIS A 64 -13.41 9.06 -11.03
N HIS A 65 -13.54 9.28 -12.33
CA HIS A 65 -14.62 8.66 -13.11
C HIS A 65 -14.18 8.26 -14.54
N HIS A 66 -14.24 9.19 -15.47
CA HIS A 66 -13.69 9.03 -16.82
C HIS A 66 -13.04 10.38 -16.89
N HIS A 67 -11.71 10.39 -16.84
CA HIS A 67 -10.92 11.57 -16.47
C HIS A 67 -11.56 12.16 -15.18
N MET A 1 -18.61 -1.95 6.63
CA MET A 1 -18.03 -1.12 7.72
C MET A 1 -16.65 -0.64 7.32
N ASP A 2 -15.93 -0.02 8.25
CA ASP A 2 -14.49 0.27 8.13
C ASP A 2 -13.94 1.20 7.03
N THR A 3 -12.97 1.98 7.46
CA THR A 3 -12.15 2.83 6.63
C THR A 3 -11.26 1.96 5.78
N CYS A 4 -11.00 0.76 6.28
CA CYS A 4 -9.99 -0.13 5.72
C CYS A 4 -10.70 -1.25 4.97
N ALA A 5 -11.97 -1.00 4.67
CA ALA A 5 -12.72 -1.86 3.77
C ALA A 5 -13.26 -1.00 2.62
N THR A 6 -12.57 0.10 2.38
CA THR A 6 -12.92 0.99 1.27
C THR A 6 -11.72 1.29 0.39
N LEU A 7 -10.59 0.74 0.80
CA LEU A 7 -9.39 0.77 -0.02
C LEU A 7 -9.57 -0.09 -1.27
N PRO A 8 -8.85 0.23 -2.36
CA PRO A 8 -8.76 -0.76 -3.44
C PRO A 8 -7.80 -1.88 -3.03
N SER A 9 -7.65 -2.89 -3.86
CA SER A 9 -6.81 -4.03 -3.53
C SER A 9 -5.88 -4.37 -4.66
N TRP A 10 -4.69 -4.84 -4.32
CA TRP A 10 -3.77 -5.32 -5.30
C TRP A 10 -4.29 -6.62 -5.83
N ASP A 11 -3.90 -6.88 -7.05
CA ASP A 11 -4.23 -8.11 -7.74
C ASP A 11 -2.95 -8.62 -8.38
N ALA A 12 -2.75 -9.93 -8.36
CA ALA A 12 -1.48 -10.53 -8.76
C ALA A 12 -1.07 -10.25 -10.22
N SER A 13 -2.05 -10.15 -11.10
CA SER A 13 -1.77 -9.93 -12.52
C SER A 13 -1.61 -8.44 -12.85
N THR A 14 -2.23 -7.61 -12.03
CA THR A 14 -2.33 -6.19 -12.33
C THR A 14 -1.10 -5.39 -11.95
N VAL A 15 -0.71 -4.51 -12.83
CA VAL A 15 0.39 -3.59 -12.60
C VAL A 15 -0.25 -2.44 -11.85
N TYR A 16 0.37 -2.03 -10.76
CA TYR A 16 -0.23 -1.04 -9.89
C TYR A 16 0.61 0.19 -9.67
N THR A 17 -0.12 1.26 -9.39
CA THR A 17 0.37 2.62 -9.15
C THR A 17 -0.20 3.03 -7.82
N ASN A 18 -0.15 4.32 -7.56
CA ASN A 18 -0.71 4.99 -6.37
C ASN A 18 -2.24 5.37 -6.19
N PRO A 19 -3.18 4.40 -6.10
CA PRO A 19 -4.45 4.90 -5.51
C PRO A 19 -4.37 4.81 -3.98
N GLN A 20 -3.46 5.60 -3.40
CA GLN A 20 -3.12 5.67 -1.99
C GLN A 20 -2.72 4.38 -1.24
N GLN A 21 -3.51 3.31 -1.28
CA GLN A 21 -3.13 2.04 -0.64
C GLN A 21 -3.78 0.85 -1.35
N VAL A 22 -3.10 -0.28 -1.31
CA VAL A 22 -3.65 -1.59 -1.67
C VAL A 22 -3.26 -2.52 -0.53
N LYS A 23 -3.82 -3.71 -0.52
CA LYS A 23 -3.35 -4.74 0.38
C LYS A 23 -2.41 -5.66 -0.37
N HIS A 24 -1.51 -6.25 0.37
CA HIS A 24 -0.44 -7.12 -0.15
C HIS A 24 0.21 -7.75 1.06
N ASN A 25 0.52 -9.05 1.04
CA ASN A 25 1.15 -9.75 2.18
C ASN A 25 0.39 -9.56 3.49
N SER A 26 -0.92 -9.42 3.31
CA SER A 26 -1.91 -9.10 4.36
C SER A 26 -1.54 -7.88 5.21
N LYS A 27 -0.75 -7.01 4.63
CA LYS A 27 -0.42 -5.70 5.16
C LYS A 27 -0.91 -4.71 4.16
N ARG A 28 -0.65 -3.44 4.40
CA ARG A 28 -0.98 -2.41 3.45
C ARG A 28 0.25 -1.95 2.79
N TYR A 29 0.12 -1.64 1.54
CA TYR A 29 1.23 -1.12 0.79
C TYR A 29 0.73 -0.04 -0.12
N GLN A 30 1.67 0.69 -0.64
CA GLN A 30 1.45 1.72 -1.62
C GLN A 30 2.57 1.54 -2.58
N ALA A 31 2.33 1.77 -3.85
CA ALA A 31 3.41 1.80 -4.82
C ALA A 31 3.44 3.19 -5.40
N ASN A 32 4.64 3.70 -5.59
CA ASN A 32 4.81 4.99 -6.23
C ASN A 32 4.37 4.76 -7.68
N TYR A 33 4.93 3.70 -8.25
CA TYR A 33 4.64 3.25 -9.56
C TYR A 33 5.03 1.78 -9.55
N TRP A 34 4.52 1.03 -10.53
CA TRP A 34 5.02 -0.31 -10.86
C TRP A 34 5.30 -1.29 -9.73
N THR A 35 4.30 -2.11 -9.42
CA THR A 35 4.50 -3.24 -8.52
C THR A 35 5.55 -4.17 -9.09
N GLN A 36 6.09 -4.97 -8.19
CA GLN A 36 7.24 -5.83 -8.48
C GLN A 36 7.10 -7.20 -7.85
N ASN A 37 8.05 -8.06 -8.14
CA ASN A 37 8.20 -9.36 -7.47
C ASN A 37 9.36 -9.24 -6.48
N GLN A 38 9.68 -8.00 -6.13
CA GLN A 38 10.80 -7.68 -5.23
C GLN A 38 10.47 -8.13 -3.82
N ASN A 39 11.51 -8.24 -3.01
CA ASN A 39 11.31 -8.65 -1.61
C ASN A 39 10.68 -7.47 -0.88
N PRO A 40 9.78 -7.73 0.09
CA PRO A 40 9.16 -6.61 0.80
C PRO A 40 9.97 -6.05 1.96
N SER A 41 10.77 -6.90 2.58
CA SER A 41 11.50 -6.57 3.80
C SER A 41 12.54 -5.49 3.61
N THR A 42 13.15 -5.52 2.44
CA THR A 42 14.21 -4.61 2.07
C THR A 42 13.61 -3.34 1.54
N ASN A 43 12.33 -3.43 1.22
CA ASN A 43 11.56 -2.37 0.61
C ASN A 43 10.50 -1.92 1.60
N SER A 44 10.83 -2.08 2.87
CA SER A 44 9.98 -1.69 4.00
C SER A 44 9.93 -0.17 4.21
N GLY A 45 9.71 0.57 3.12
CA GLY A 45 9.74 2.01 3.13
C GLY A 45 11.13 2.56 3.26
N GLN A 46 12.09 1.69 3.00
CA GLN A 46 13.50 2.01 3.00
C GLN A 46 13.86 2.67 1.68
N TYR A 47 13.74 1.89 0.60
CA TYR A 47 13.98 2.34 -0.75
C TYR A 47 13.26 1.37 -1.64
N GLY A 48 12.88 1.82 -2.83
CA GLY A 48 12.20 0.96 -3.79
C GLY A 48 10.91 1.58 -4.29
N PRO A 49 10.15 0.89 -5.16
CA PRO A 49 8.90 1.44 -5.70
C PRO A 49 7.81 1.61 -4.65
N TRP A 50 7.61 0.54 -3.92
CA TRP A 50 6.58 0.45 -2.92
C TRP A 50 7.00 0.64 -1.46
N LEU A 51 6.06 1.16 -0.71
CA LEU A 51 6.12 1.38 0.72
C LEU A 51 5.27 0.36 1.42
N ASP A 52 5.70 0.02 2.61
CA ASP A 52 5.04 -0.95 3.49
C ASP A 52 4.37 -0.24 4.68
N LEU A 53 3.05 -0.17 4.67
CA LEU A 53 2.30 0.45 5.72
C LEU A 53 1.83 -0.56 6.74
N GLY A 54 2.24 -0.28 7.97
CA GLY A 54 1.86 -1.13 9.09
C GLY A 54 0.38 -1.03 9.42
N ASN A 55 -0.20 0.13 9.19
CA ASN A 55 -1.60 0.37 9.49
C ASN A 55 -2.59 -0.35 8.60
N CYS A 56 -3.83 0.03 8.80
CA CYS A 56 -4.94 -0.40 7.97
C CYS A 56 -5.27 0.71 7.01
N VAL A 57 -5.41 1.90 7.57
CA VAL A 57 -5.78 3.06 6.81
C VAL A 57 -4.61 4.04 6.88
N THR A 58 -4.52 4.89 5.88
CA THR A 58 -3.47 5.89 5.79
C THR A 58 -3.69 6.96 6.85
N SER A 59 -4.93 7.39 6.92
CA SER A 59 -5.39 8.38 7.88
C SER A 59 -6.88 8.18 8.02
N GLY A 60 -7.44 8.54 9.17
CA GLY A 60 -8.88 8.43 9.40
C GLY A 60 -9.67 9.34 8.48
N ALA A 61 -8.99 10.31 7.89
CA ALA A 61 -9.61 11.23 6.93
C ALA A 61 -10.05 10.50 5.64
N HIS A 62 -9.51 9.31 5.40
CA HIS A 62 -9.82 8.53 4.18
C HIS A 62 -11.24 7.97 4.19
N HIS A 63 -12.20 8.80 3.80
CA HIS A 63 -13.60 8.40 3.67
C HIS A 63 -13.87 8.28 2.17
N HIS A 64 -14.95 7.60 1.78
CA HIS A 64 -15.30 7.47 0.36
C HIS A 64 -16.81 7.29 0.22
N HIS A 65 -17.31 7.47 -0.99
CA HIS A 65 -18.72 7.25 -1.31
C HIS A 65 -18.74 6.49 -2.64
N HIS A 66 -19.92 6.25 -3.18
CA HIS A 66 -20.11 5.76 -4.54
C HIS A 66 -20.89 6.89 -5.17
N HIS A 67 -21.20 6.80 -6.45
CA HIS A 67 -22.20 7.68 -7.04
C HIS A 67 -23.52 7.16 -6.47
N MET A 1 -11.72 -6.00 13.66
CA MET A 1 -12.53 -4.91 13.04
C MET A 1 -12.32 -4.92 11.54
N ASP A 2 -12.72 -3.83 10.86
CA ASP A 2 -12.48 -3.61 9.43
C ASP A 2 -13.27 -4.48 8.48
N THR A 3 -13.61 -3.86 7.38
CA THR A 3 -13.99 -4.59 6.19
C THR A 3 -12.66 -4.82 5.50
N CYS A 4 -11.92 -3.71 5.37
CA CYS A 4 -10.68 -3.58 4.61
C CYS A 4 -10.86 -4.02 3.17
N ALA A 5 -12.14 -4.06 2.82
CA ALA A 5 -12.59 -4.38 1.48
C ALA A 5 -13.37 -3.16 1.00
N THR A 6 -13.03 -2.03 1.61
CA THR A 6 -13.57 -0.74 1.22
C THR A 6 -12.49 0.01 0.48
N LEU A 7 -11.29 -0.52 0.65
CA LEU A 7 -10.13 -0.13 -0.12
C LEU A 7 -10.26 -0.82 -1.47
N PRO A 8 -9.67 -0.24 -2.53
CA PRO A 8 -9.48 -1.10 -3.70
C PRO A 8 -8.46 -2.20 -3.35
N SER A 9 -8.56 -3.34 -4.00
CA SER A 9 -7.70 -4.49 -3.66
C SER A 9 -6.98 -5.01 -4.88
N TRP A 10 -5.68 -5.15 -4.72
CA TRP A 10 -4.78 -5.65 -5.69
C TRP A 10 -4.18 -6.95 -5.23
N ASP A 11 -3.41 -7.53 -6.12
CA ASP A 11 -2.76 -8.82 -5.86
C ASP A 11 -1.46 -8.62 -5.09
N ALA A 12 -0.90 -9.71 -4.59
CA ALA A 12 0.32 -9.68 -3.81
C ALA A 12 1.57 -9.61 -4.70
N SER A 13 1.47 -10.12 -5.92
CA SER A 13 2.63 -10.21 -6.82
C SER A 13 2.59 -9.24 -7.99
N THR A 14 1.39 -8.85 -8.39
CA THR A 14 1.20 -8.03 -9.58
C THR A 14 1.71 -6.58 -9.39
N VAL A 15 2.34 -6.07 -10.45
CA VAL A 15 2.87 -4.70 -10.48
C VAL A 15 1.71 -3.71 -10.32
N TYR A 16 1.96 -2.61 -9.61
CA TYR A 16 0.91 -1.61 -9.35
C TYR A 16 1.41 -0.20 -9.63
N THR A 17 0.48 0.73 -9.74
CA THR A 17 0.76 2.14 -10.07
C THR A 17 0.97 3.01 -8.84
N ASN A 18 1.16 4.31 -9.08
CA ASN A 18 1.25 5.37 -8.10
C ASN A 18 0.17 5.31 -6.98
N PRO A 19 0.42 5.94 -5.79
CA PRO A 19 -0.31 5.83 -4.51
C PRO A 19 -1.84 5.71 -4.42
N GLN A 20 -2.32 4.62 -4.93
CA GLN A 20 -3.64 4.12 -4.65
C GLN A 20 -3.42 3.01 -3.64
N GLN A 21 -4.48 2.58 -2.96
CA GLN A 21 -4.35 1.56 -1.93
C GLN A 21 -4.35 0.16 -2.53
N VAL A 22 -3.76 -0.78 -1.81
CA VAL A 22 -3.80 -2.19 -2.13
C VAL A 22 -3.82 -2.84 -0.77
N LYS A 23 -3.85 -4.16 -0.76
CA LYS A 23 -3.64 -4.90 0.44
C LYS A 23 -2.52 -5.88 0.20
N HIS A 24 -1.92 -6.31 1.28
CA HIS A 24 -0.74 -7.19 1.25
C HIS A 24 -0.61 -7.59 2.70
N ASN A 25 -0.11 -8.78 3.00
CA ASN A 25 0.07 -9.23 4.39
C ASN A 25 -1.19 -9.08 5.24
N SER A 26 -2.30 -9.26 4.55
CA SER A 26 -3.67 -9.08 5.07
C SER A 26 -3.94 -7.77 5.80
N LYS A 27 -3.17 -6.75 5.48
CA LYS A 27 -3.47 -5.37 5.90
C LYS A 27 -3.36 -4.45 4.68
N ARG A 28 -3.53 -3.16 4.90
CA ARG A 28 -3.42 -2.16 3.85
C ARG A 28 -1.97 -1.84 3.54
N TYR A 29 -1.75 -1.51 2.28
CA TYR A 29 -0.46 -1.03 1.81
C TYR A 29 -0.86 -0.03 0.75
N GLN A 30 0.11 0.68 0.25
CA GLN A 30 -0.09 1.74 -0.70
C GLN A 30 1.18 1.76 -1.52
N ALA A 31 1.17 2.30 -2.72
CA ALA A 31 2.38 2.39 -3.52
C ALA A 31 3.01 3.79 -3.35
N ASN A 32 4.28 3.90 -3.68
CA ASN A 32 4.97 5.20 -3.70
C ASN A 32 4.94 5.75 -5.12
N TYR A 33 5.06 4.83 -6.08
CA TYR A 33 5.02 5.15 -7.51
C TYR A 33 4.75 3.84 -8.21
N TRP A 34 4.62 3.88 -9.52
CA TRP A 34 4.50 2.67 -10.32
C TRP A 34 5.72 1.80 -10.00
N THR A 35 5.45 0.60 -9.55
CA THR A 35 6.50 -0.25 -9.00
C THR A 35 7.19 -1.00 -10.12
N GLN A 36 8.23 -1.71 -9.74
CA GLN A 36 9.01 -2.52 -10.66
C GLN A 36 8.77 -3.98 -10.29
N ASN A 37 9.27 -4.89 -11.10
CA ASN A 37 9.20 -6.32 -10.77
C ASN A 37 10.30 -6.63 -9.75
N GLN A 38 10.01 -6.41 -8.48
CA GLN A 38 11.00 -6.57 -7.42
C GLN A 38 10.77 -7.80 -6.55
N ASN A 39 11.81 -8.13 -5.80
CA ASN A 39 11.75 -9.25 -4.85
C ASN A 39 11.49 -8.68 -3.46
N PRO A 40 10.72 -9.39 -2.62
CA PRO A 40 10.37 -8.81 -1.31
C PRO A 40 11.53 -8.75 -0.33
N SER A 41 12.50 -9.63 -0.52
CA SER A 41 13.64 -9.76 0.39
C SER A 41 14.52 -8.54 0.43
N THR A 42 14.69 -7.92 -0.72
CA THR A 42 15.51 -6.72 -0.87
C THR A 42 14.63 -5.52 -0.56
N ASN A 43 13.33 -5.74 -0.56
CA ASN A 43 12.35 -4.68 -0.34
C ASN A 43 11.99 -4.66 1.13
N SER A 44 12.92 -5.15 1.92
CA SER A 44 12.84 -5.13 3.38
C SER A 44 13.09 -3.71 3.96
N GLY A 45 12.25 -2.76 3.56
CA GLY A 45 12.34 -1.41 4.04
C GLY A 45 13.27 -0.50 3.26
N GLN A 46 14.11 -1.12 2.47
CA GLN A 46 15.16 -0.46 1.69
C GLN A 46 14.63 0.59 0.70
N TYR A 47 14.05 0.12 -0.41
CA TYR A 47 13.66 1.00 -1.52
C TYR A 47 12.26 1.57 -1.34
N GLY A 48 11.47 0.84 -0.58
CA GLY A 48 10.07 1.17 -0.36
C GLY A 48 9.23 1.47 -1.61
N PRO A 49 9.15 0.56 -2.61
CA PRO A 49 8.23 0.84 -3.72
C PRO A 49 6.81 0.89 -3.24
N TRP A 50 6.50 -0.08 -2.40
CA TRP A 50 5.23 -0.16 -1.73
C TRP A 50 5.42 0.23 -0.25
N LEU A 51 4.54 1.11 0.21
CA LEU A 51 4.49 1.59 1.57
C LEU A 51 3.65 0.68 2.42
N ASP A 52 4.10 0.52 3.64
CA ASP A 52 3.47 -0.35 4.64
C ASP A 52 2.65 0.45 5.65
N LEU A 53 1.33 0.38 5.55
CA LEU A 53 0.45 1.05 6.48
C LEU A 53 0.06 0.14 7.62
N GLY A 54 0.16 0.67 8.83
CA GLY A 54 -0.14 -0.12 10.02
C GLY A 54 -1.59 -0.55 10.16
N ASN A 55 -2.52 0.26 9.71
CA ASN A 55 -3.94 -0.06 9.84
C ASN A 55 -4.50 -0.67 8.58
N CYS A 56 -5.81 -0.71 8.54
CA CYS A 56 -6.54 -1.17 7.38
C CYS A 56 -7.51 -0.05 6.98
N VAL A 57 -8.21 0.50 7.97
CA VAL A 57 -9.15 1.59 7.77
C VAL A 57 -8.68 2.67 8.73
N THR A 58 -9.18 3.89 8.57
CA THR A 58 -8.83 5.01 9.45
C THR A 58 -9.24 4.70 10.88
N SER A 59 -10.38 4.03 11.01
CA SER A 59 -10.88 3.53 12.27
C SER A 59 -11.70 2.30 11.97
N GLY A 60 -11.78 1.36 12.91
CA GLY A 60 -12.52 0.13 12.69
C GLY A 60 -14.00 0.23 12.96
N ALA A 61 -14.59 1.37 12.62
CA ALA A 61 -16.01 1.62 12.87
C ALA A 61 -16.88 0.58 12.14
N HIS A 62 -18.00 0.25 12.77
CA HIS A 62 -18.95 -0.80 12.33
C HIS A 62 -18.33 -2.20 12.51
N HIS A 63 -18.86 -2.94 13.48
CA HIS A 63 -18.34 -4.26 13.85
C HIS A 63 -18.34 -5.22 12.65
N HIS A 64 -17.16 -5.56 12.14
CA HIS A 64 -17.04 -6.40 10.95
C HIS A 64 -15.82 -7.32 11.04
N HIS A 65 -15.90 -8.48 10.39
CA HIS A 65 -14.79 -9.43 10.33
C HIS A 65 -13.78 -8.95 9.29
N HIS A 66 -12.50 -9.01 9.62
CA HIS A 66 -11.42 -8.62 8.70
C HIS A 66 -11.45 -9.45 7.42
N HIS A 67 -10.85 -8.94 6.36
CA HIS A 67 -10.69 -9.64 5.09
C HIS A 67 -9.39 -9.10 4.55
N MET A 1 -16.69 -2.78 10.00
CA MET A 1 -16.57 -1.74 11.07
C MET A 1 -15.32 -0.89 10.86
N ASP A 2 -14.25 -1.54 10.46
CA ASP A 2 -12.97 -0.89 10.22
C ASP A 2 -12.92 0.00 9.01
N THR A 3 -11.99 0.93 9.13
CA THR A 3 -11.61 1.91 8.12
C THR A 3 -11.16 1.21 6.90
N CYS A 4 -10.72 0.02 7.19
CA CYS A 4 -9.86 -0.75 6.30
C CYS A 4 -10.70 -1.83 5.64
N ALA A 5 -12.01 -1.62 5.68
CA ALA A 5 -12.95 -2.47 4.95
C ALA A 5 -13.65 -1.70 3.82
N THR A 6 -12.99 -0.66 3.35
CA THR A 6 -13.52 0.18 2.28
C THR A 6 -12.43 0.64 1.32
N LEU A 7 -11.23 0.18 1.59
CA LEU A 7 -10.06 0.52 0.80
C LEU A 7 -10.13 0.00 -0.64
N PRO A 8 -9.46 0.70 -1.58
CA PRO A 8 -9.35 0.07 -2.90
C PRO A 8 -8.44 -1.15 -2.81
N SER A 9 -8.67 -2.14 -3.66
CA SER A 9 -7.96 -3.40 -3.57
C SER A 9 -7.44 -3.88 -4.91
N TRP A 10 -6.15 -4.15 -4.90
CA TRP A 10 -5.38 -4.60 -5.98
C TRP A 10 -4.88 -5.99 -5.69
N ASP A 11 -4.23 -6.57 -6.66
CA ASP A 11 -3.64 -7.89 -6.50
C ASP A 11 -2.23 -7.96 -7.06
N ALA A 12 -1.45 -8.90 -6.54
CA ALA A 12 -0.02 -8.98 -6.85
C ALA A 12 0.28 -9.31 -8.32
N SER A 13 -0.65 -9.97 -8.99
CA SER A 13 -0.50 -10.32 -10.39
C SER A 13 -0.66 -9.10 -11.29
N THR A 14 -1.41 -8.13 -10.81
CA THR A 14 -1.72 -6.93 -11.58
C THR A 14 -0.60 -5.90 -11.40
N VAL A 15 -0.27 -5.19 -12.48
CA VAL A 15 0.76 -4.17 -12.44
C VAL A 15 0.31 -3.08 -11.47
N TYR A 16 1.21 -2.70 -10.57
CA TYR A 16 0.92 -1.76 -9.50
C TYR A 16 0.91 -0.33 -10.04
N THR A 17 0.34 0.58 -9.27
CA THR A 17 0.13 1.96 -9.69
C THR A 17 0.56 2.98 -8.62
N ASN A 18 0.18 4.22 -8.86
CA ASN A 18 0.32 5.35 -7.93
C ASN A 18 -0.33 5.05 -6.54
N PRO A 19 -0.01 5.87 -5.50
CA PRO A 19 -0.38 5.50 -4.11
C PRO A 19 -1.82 5.66 -3.66
N GLN A 20 -2.71 4.87 -4.24
CA GLN A 20 -4.05 4.75 -3.75
C GLN A 20 -4.01 3.86 -2.50
N GLN A 21 -4.05 2.55 -2.71
CA GLN A 21 -3.84 1.54 -1.68
C GLN A 21 -3.99 0.20 -2.36
N VAL A 22 -3.33 -0.83 -1.83
CA VAL A 22 -3.51 -2.19 -2.28
C VAL A 22 -3.60 -3.02 -1.03
N LYS A 23 -3.95 -4.28 -1.20
CA LYS A 23 -4.08 -5.21 -0.08
C LYS A 23 -3.19 -6.44 -0.19
N HIS A 24 -2.91 -7.02 0.96
CA HIS A 24 -2.08 -8.21 1.11
C HIS A 24 -2.22 -8.74 2.52
N ASN A 25 -2.46 -10.04 2.67
CA ASN A 25 -2.62 -10.68 3.99
C ASN A 25 -3.67 -10.00 4.84
N SER A 26 -4.68 -9.55 4.11
CA SER A 26 -5.84 -8.79 4.64
C SER A 26 -5.43 -7.52 5.39
N LYS A 27 -4.26 -7.02 5.05
CA LYS A 27 -3.78 -5.72 5.50
C LYS A 27 -3.53 -4.91 4.26
N ARG A 28 -3.02 -3.71 4.44
CA ARG A 28 -2.78 -2.84 3.29
C ARG A 28 -1.30 -2.63 3.10
N TYR A 29 -1.01 -2.07 1.95
CA TYR A 29 0.32 -1.74 1.45
C TYR A 29 -0.01 -0.63 0.49
N GLN A 30 1.02 -0.04 -0.07
CA GLN A 30 0.87 1.03 -1.03
C GLN A 30 2.01 0.93 -2.03
N ALA A 31 1.84 1.49 -3.23
CA ALA A 31 2.93 1.59 -4.20
C ALA A 31 3.03 3.03 -4.57
N ASN A 32 4.25 3.49 -4.81
CA ASN A 32 4.48 4.88 -5.14
C ASN A 32 4.19 5.13 -6.62
N TYR A 33 4.54 4.18 -7.47
CA TYR A 33 4.33 4.34 -8.88
C TYR A 33 3.96 3.08 -9.67
N TRP A 34 4.70 2.01 -9.47
CA TRP A 34 4.62 0.85 -10.35
C TRP A 34 5.14 -0.39 -9.64
N THR A 35 5.21 -1.50 -10.35
CA THR A 35 5.75 -2.74 -9.82
C THR A 35 7.20 -2.92 -10.25
N GLN A 36 7.86 -3.86 -9.62
CA GLN A 36 9.23 -4.24 -9.90
C GLN A 36 9.36 -5.68 -9.48
N ASN A 37 10.49 -6.30 -9.79
CA ASN A 37 10.78 -7.65 -9.31
C ASN A 37 11.67 -7.54 -8.07
N GLN A 38 11.38 -6.54 -7.24
CA GLN A 38 12.22 -6.26 -6.08
C GLN A 38 12.07 -7.33 -5.01
N ASN A 39 13.13 -7.45 -4.23
CA ASN A 39 13.18 -8.25 -3.01
C ASN A 39 13.01 -7.27 -1.84
N PRO A 40 11.76 -6.93 -1.45
CA PRO A 40 11.55 -5.79 -0.55
C PRO A 40 12.11 -5.98 0.83
N SER A 41 12.24 -7.23 1.22
CA SER A 41 12.67 -7.59 2.56
C SER A 41 14.08 -7.13 2.88
N THR A 42 14.92 -7.16 1.86
CA THR A 42 16.31 -6.72 1.98
C THR A 42 16.38 -5.23 1.67
N ASN A 43 15.31 -4.71 1.06
CA ASN A 43 15.28 -3.33 0.63
C ASN A 43 14.41 -2.55 1.62
N SER A 44 14.34 -3.08 2.83
CA SER A 44 13.55 -2.54 3.94
C SER A 44 14.16 -1.27 4.58
N GLY A 45 14.51 -0.32 3.73
CA GLY A 45 15.14 0.90 4.18
C GLY A 45 15.67 1.77 3.06
N GLN A 46 15.80 1.15 1.91
CA GLN A 46 16.37 1.78 0.73
C GLN A 46 15.47 2.89 0.15
N TYR A 47 14.41 2.50 -0.54
CA TYR A 47 13.41 3.45 -1.03
C TYR A 47 12.16 2.71 -1.45
N GLY A 48 12.42 1.76 -2.31
CA GLY A 48 11.44 0.80 -2.81
C GLY A 48 10.32 1.34 -3.70
N PRO A 49 9.71 0.47 -4.54
CA PRO A 49 8.52 0.91 -5.28
C PRO A 49 7.29 0.96 -4.39
N TRP A 50 7.13 -0.12 -3.66
CA TRP A 50 6.04 -0.30 -2.72
C TRP A 50 6.44 -0.19 -1.25
N LEU A 51 5.49 0.29 -0.47
CA LEU A 51 5.59 0.48 0.96
C LEU A 51 4.70 -0.49 1.69
N ASP A 52 5.19 -0.87 2.85
CA ASP A 52 4.49 -1.73 3.80
C ASP A 52 4.00 -0.88 4.96
N LEU A 53 2.70 -0.68 5.08
CA LEU A 53 2.17 0.14 6.13
C LEU A 53 1.88 -0.70 7.36
N GLY A 54 2.49 -0.29 8.45
CA GLY A 54 2.33 -1.01 9.71
C GLY A 54 0.90 -0.97 10.21
N ASN A 55 0.20 0.13 9.95
CA ASN A 55 -1.19 0.23 10.31
C ASN A 55 -2.16 0.03 9.19
N CYS A 56 -3.40 0.15 9.59
CA CYS A 56 -4.55 0.09 8.72
C CYS A 56 -5.22 1.46 8.79
N VAL A 57 -5.35 1.95 10.01
CA VAL A 57 -5.97 3.24 10.27
C VAL A 57 -4.92 4.32 10.04
N THR A 58 -5.38 5.55 9.85
CA THR A 58 -4.48 6.68 9.71
C THR A 58 -3.70 6.87 11.00
N SER A 59 -2.48 7.34 10.88
CA SER A 59 -1.57 7.50 12.02
C SER A 59 -2.02 8.54 13.03
N GLY A 60 -2.77 9.49 12.53
CA GLY A 60 -3.25 10.60 13.34
C GLY A 60 -4.61 11.06 12.86
N ALA A 61 -5.21 12.03 13.55
CA ALA A 61 -6.53 12.57 13.20
C ALA A 61 -7.58 11.47 12.98
N HIS A 62 -8.05 10.87 14.08
CA HIS A 62 -9.02 9.77 14.04
C HIS A 62 -10.22 10.09 13.12
N HIS A 63 -10.29 9.38 11.99
CA HIS A 63 -11.32 9.64 10.98
C HIS A 63 -12.33 8.50 10.98
N HIS A 64 -13.62 8.83 10.95
CA HIS A 64 -14.66 7.79 10.94
C HIS A 64 -14.75 7.03 9.60
N HIS A 65 -14.27 7.60 8.51
CA HIS A 65 -14.26 6.89 7.22
C HIS A 65 -13.18 7.40 6.26
N HIS A 66 -12.95 6.61 5.22
CA HIS A 66 -12.01 6.92 4.14
C HIS A 66 -12.75 6.79 2.81
N HIS A 67 -12.32 7.57 1.83
CA HIS A 67 -12.68 7.38 0.43
C HIS A 67 -11.34 7.72 -0.16
N MET A 1 -16.71 2.83 9.52
CA MET A 1 -15.82 4.01 9.80
C MET A 1 -14.42 3.75 9.30
N ASP A 2 -13.99 2.51 9.42
CA ASP A 2 -12.67 2.07 9.01
C ASP A 2 -12.50 2.05 7.50
N THR A 3 -11.75 3.02 7.02
CA THR A 3 -11.37 3.11 5.62
C THR A 3 -10.61 1.90 5.14
N CYS A 4 -9.96 1.25 6.08
CA CYS A 4 -9.05 0.19 5.78
C CYS A 4 -9.63 -1.16 6.08
N ALA A 5 -10.94 -1.13 6.23
CA ALA A 5 -11.75 -2.34 6.20
C ALA A 5 -12.61 -2.36 4.94
N THR A 6 -12.13 -1.64 3.94
CA THR A 6 -12.78 -1.55 2.62
C THR A 6 -11.75 -1.17 1.56
N LEU A 7 -10.50 -1.19 1.98
CA LEU A 7 -9.36 -0.89 1.12
C LEU A 7 -9.33 -1.63 -0.21
N PRO A 8 -8.80 -0.99 -1.28
CA PRO A 8 -8.63 -1.72 -2.53
C PRO A 8 -7.60 -2.84 -2.40
N SER A 9 -7.54 -3.68 -3.42
CA SER A 9 -6.59 -4.76 -3.46
C SER A 9 -5.76 -4.61 -4.71
N TRP A 10 -4.61 -5.28 -4.74
CA TRP A 10 -3.83 -5.36 -5.92
C TRP A 10 -4.51 -6.39 -6.81
N ASP A 11 -4.28 -6.28 -8.09
CA ASP A 11 -4.80 -7.23 -9.08
C ASP A 11 -3.61 -7.86 -9.78
N ALA A 12 -3.67 -9.16 -9.99
CA ALA A 12 -2.52 -9.91 -10.51
C ALA A 12 -2.06 -9.49 -11.91
N SER A 13 -2.99 -9.03 -12.73
CA SER A 13 -2.68 -8.63 -14.11
C SER A 13 -2.21 -7.18 -14.19
N THR A 14 -2.61 -6.38 -13.22
CA THR A 14 -2.40 -4.95 -13.28
C THR A 14 -1.03 -4.52 -12.75
N VAL A 15 -0.39 -3.63 -13.49
CA VAL A 15 0.85 -3.02 -13.06
C VAL A 15 0.40 -1.84 -12.23
N TYR A 16 0.88 -1.75 -11.01
CA TYR A 16 0.38 -0.73 -10.12
C TYR A 16 0.97 0.65 -10.39
N THR A 17 0.27 1.65 -9.92
CA THR A 17 0.51 3.05 -10.28
C THR A 17 0.93 3.89 -9.09
N ASN A 18 0.81 5.20 -9.30
CA ASN A 18 0.95 6.24 -8.28
C ASN A 18 0.19 5.86 -6.99
N PRO A 19 0.57 6.42 -5.82
CA PRO A 19 0.15 5.85 -4.54
C PRO A 19 -1.32 5.74 -4.20
N GLN A 20 -1.80 4.54 -4.49
CA GLN A 20 -3.03 4.03 -3.99
C GLN A 20 -2.70 2.85 -3.08
N GLN A 21 -3.57 2.58 -2.14
CA GLN A 21 -3.34 1.53 -1.15
C GLN A 21 -3.88 0.18 -1.65
N VAL A 22 -3.20 -0.88 -1.25
CA VAL A 22 -3.52 -2.25 -1.64
C VAL A 22 -3.40 -3.10 -0.41
N LYS A 23 -3.80 -4.37 -0.51
CA LYS A 23 -3.60 -5.33 0.54
C LYS A 23 -2.77 -6.51 0.06
N HIS A 24 -2.12 -7.13 1.02
CA HIS A 24 -1.20 -8.26 0.79
C HIS A 24 -0.88 -8.87 2.14
N ASN A 25 -0.84 -10.20 2.25
CA ASN A 25 -0.57 -10.89 3.52
C ASN A 25 -1.49 -10.44 4.64
N SER A 26 -2.71 -10.20 4.21
CA SER A 26 -3.83 -9.67 5.02
C SER A 26 -3.49 -8.38 5.76
N LYS A 27 -2.53 -7.64 5.23
CA LYS A 27 -2.17 -6.32 5.73
C LYS A 27 -2.27 -5.33 4.60
N ARG A 28 -1.97 -4.09 4.89
CA ARG A 28 -2.08 -3.01 3.89
C ARG A 28 -0.69 -2.68 3.44
N TYR A 29 -0.59 -1.88 2.39
CA TYR A 29 0.64 -1.36 1.84
C TYR A 29 0.23 -0.27 0.86
N GLN A 30 1.22 0.47 0.37
CA GLN A 30 1.07 1.38 -0.75
C GLN A 30 2.23 1.09 -1.69
N ALA A 31 2.14 1.56 -2.93
CA ALA A 31 3.28 1.56 -3.83
C ALA A 31 3.44 3.00 -4.27
N ASN A 32 4.66 3.44 -4.46
CA ASN A 32 4.89 4.79 -4.94
C ASN A 32 4.58 4.83 -6.43
N TYR A 33 5.08 3.83 -7.14
CA TYR A 33 4.88 3.71 -8.58
C TYR A 33 5.37 2.33 -8.97
N TRP A 34 4.73 1.71 -9.97
CA TRP A 34 5.21 0.46 -10.60
C TRP A 34 5.68 -0.65 -9.65
N THR A 35 4.75 -1.50 -9.26
CA THR A 35 5.08 -2.62 -8.38
C THR A 35 6.05 -3.57 -9.03
N GLN A 36 6.71 -4.35 -8.18
CA GLN A 36 7.71 -5.34 -8.58
C GLN A 36 7.57 -6.53 -7.66
N ASN A 37 8.25 -7.61 -8.01
CA ASN A 37 8.29 -8.81 -7.18
C ASN A 37 9.55 -8.80 -6.33
N GLN A 38 10.05 -7.60 -6.06
CA GLN A 38 11.32 -7.43 -5.35
C GLN A 38 11.27 -7.91 -3.90
N ASN A 39 12.45 -8.04 -3.32
CA ASN A 39 12.59 -8.56 -1.96
C ASN A 39 12.04 -7.56 -0.94
N PRO A 40 11.42 -8.07 0.15
CA PRO A 40 10.82 -7.16 1.13
C PRO A 40 11.80 -6.40 1.99
N SER A 41 12.98 -6.98 2.15
CA SER A 41 13.99 -6.46 3.06
C SER A 41 14.50 -5.10 2.69
N THR A 42 14.61 -4.86 1.40
CA THR A 42 15.07 -3.58 0.90
C THR A 42 13.89 -2.62 0.89
N ASN A 43 12.69 -3.17 0.90
CA ASN A 43 11.46 -2.38 0.78
C ASN A 43 10.95 -2.09 2.18
N SER A 44 11.90 -2.09 3.11
CA SER A 44 11.68 -1.71 4.50
C SER A 44 11.60 -0.18 4.65
N GLY A 45 11.07 0.49 3.63
CA GLY A 45 11.01 1.93 3.61
C GLY A 45 12.25 2.56 3.04
N GLN A 46 13.30 1.76 2.95
CA GLN A 46 14.60 2.19 2.49
C GLN A 46 14.62 2.44 0.99
N TYR A 47 14.40 1.40 0.22
CA TYR A 47 14.48 1.46 -1.24
C TYR A 47 13.57 0.47 -1.94
N GLY A 48 12.94 0.96 -3.00
CA GLY A 48 12.08 0.13 -3.81
C GLY A 48 10.70 0.72 -4.06
N PRO A 49 9.82 -0.01 -4.77
CA PRO A 49 8.49 0.50 -5.12
C PRO A 49 7.54 0.72 -3.97
N TRP A 50 7.42 -0.31 -3.14
CA TRP A 50 6.36 -0.39 -2.18
C TRP A 50 6.73 -0.15 -0.71
N LEU A 51 5.72 0.32 0.01
CA LEU A 51 5.82 0.81 1.36
C LEU A 51 4.71 0.27 2.23
N ASP A 52 5.00 0.16 3.52
CA ASP A 52 3.97 -0.15 4.51
C ASP A 52 3.41 1.16 5.05
N LEU A 53 2.10 1.32 4.97
CA LEU A 53 1.48 2.57 5.40
C LEU A 53 1.43 2.71 6.91
N GLY A 54 1.82 3.89 7.36
CA GLY A 54 1.74 4.18 8.79
C GLY A 54 0.29 4.19 9.28
N ASN A 55 -0.60 4.79 8.50
CA ASN A 55 -2.00 4.87 8.88
C ASN A 55 -2.95 3.93 8.17
N CYS A 56 -4.19 4.07 8.58
CA CYS A 56 -5.31 3.30 8.05
C CYS A 56 -6.15 4.21 7.15
N VAL A 57 -6.37 5.42 7.65
CA VAL A 57 -7.11 6.44 6.92
C VAL A 57 -6.11 7.20 6.04
N THR A 58 -6.60 7.86 5.01
CA THR A 58 -5.77 8.71 4.19
C THR A 58 -5.45 9.96 5.01
N SER A 59 -4.39 10.64 4.62
CA SER A 59 -3.94 11.84 5.32
C SER A 59 -3.39 12.83 4.31
N GLY A 60 -3.42 14.11 4.65
CA GLY A 60 -2.96 15.15 3.74
C GLY A 60 -3.92 15.33 2.57
N ALA A 61 -3.48 16.05 1.55
CA ALA A 61 -4.27 16.28 0.34
C ALA A 61 -4.25 15.07 -0.61
N HIS A 62 -4.02 13.88 -0.05
CA HIS A 62 -3.90 12.65 -0.80
C HIS A 62 -5.26 12.19 -1.36
N HIS A 63 -5.60 12.69 -2.54
CA HIS A 63 -6.86 12.39 -3.21
C HIS A 63 -6.53 11.78 -4.58
N HIS A 64 -7.53 11.29 -5.31
CA HIS A 64 -7.32 10.72 -6.65
C HIS A 64 -8.35 11.29 -7.62
N HIS A 65 -8.16 11.07 -8.92
CA HIS A 65 -8.99 11.74 -9.95
C HIS A 65 -10.30 11.03 -10.34
N HIS A 66 -10.28 9.70 -10.50
CA HIS A 66 -11.48 8.97 -10.95
C HIS A 66 -11.69 7.72 -10.10
N HIS A 67 -10.59 7.03 -9.84
CA HIS A 67 -10.53 6.00 -8.82
C HIS A 67 -9.22 6.38 -8.19
N MET A 1 -12.03 -4.16 13.55
CA MET A 1 -12.68 -3.10 12.72
C MET A 1 -11.62 -2.17 12.18
N ASP A 2 -11.62 -1.96 10.87
CA ASP A 2 -10.57 -1.20 10.21
C ASP A 2 -11.05 -0.50 8.96
N THR A 3 -10.39 0.63 8.73
CA THR A 3 -10.55 1.51 7.57
C THR A 3 -10.24 0.71 6.35
N CYS A 4 -9.45 -0.29 6.61
CA CYS A 4 -8.67 -0.96 5.58
C CYS A 4 -9.35 -2.27 5.26
N ALA A 5 -10.62 -2.32 5.61
CA ALA A 5 -11.51 -3.35 5.08
C ALA A 5 -12.50 -2.73 4.10
N THR A 6 -12.09 -1.62 3.53
CA THR A 6 -12.84 -0.98 2.44
C THR A 6 -11.92 -0.33 1.43
N LEU A 7 -10.63 -0.43 1.70
CA LEU A 7 -9.62 0.02 0.76
C LEU A 7 -9.67 -0.79 -0.53
N PRO A 8 -9.18 -0.21 -1.65
CA PRO A 8 -9.02 -1.04 -2.83
C PRO A 8 -8.07 -2.20 -2.54
N SER A 9 -8.11 -3.23 -3.36
CA SER A 9 -7.25 -4.37 -3.16
C SER A 9 -6.52 -4.63 -4.44
N TRP A 10 -5.39 -5.33 -4.36
CA TRP A 10 -4.62 -5.60 -5.50
C TRP A 10 -4.73 -7.00 -6.02
N ASP A 11 -4.50 -7.12 -7.30
CA ASP A 11 -4.53 -8.41 -7.99
C ASP A 11 -3.20 -9.12 -7.83
N ALA A 12 -3.23 -10.44 -7.93
CA ALA A 12 -2.02 -11.25 -7.72
C ALA A 12 -1.03 -11.16 -8.90
N SER A 13 -1.56 -10.90 -10.10
CA SER A 13 -0.74 -10.89 -11.31
C SER A 13 -0.31 -9.50 -11.75
N THR A 14 -1.09 -8.49 -11.36
CA THR A 14 -0.88 -7.14 -11.84
C THR A 14 0.34 -6.46 -11.21
N VAL A 15 1.10 -5.78 -12.05
CA VAL A 15 2.26 -5.01 -11.61
C VAL A 15 1.70 -3.82 -10.87
N TYR A 16 2.20 -3.54 -9.68
CA TYR A 16 1.60 -2.52 -8.84
C TYR A 16 2.06 -1.14 -9.30
N THR A 17 1.14 -0.19 -9.19
CA THR A 17 1.27 1.16 -9.73
C THR A 17 1.12 2.23 -8.66
N ASN A 18 0.91 3.45 -9.13
CA ASN A 18 0.74 4.65 -8.33
C ASN A 18 -0.20 4.53 -7.10
N PRO A 19 -0.07 5.42 -6.10
CA PRO A 19 -0.68 5.25 -4.76
C PRO A 19 -2.21 5.29 -4.62
N GLN A 20 -2.84 4.21 -5.08
CA GLN A 20 -4.24 3.96 -4.84
C GLN A 20 -4.48 3.42 -3.44
N GLN A 21 -3.43 2.77 -2.95
CA GLN A 21 -3.39 2.00 -1.67
C GLN A 21 -4.13 0.66 -1.87
N VAL A 22 -3.51 -0.43 -1.45
CA VAL A 22 -4.05 -1.77 -1.66
C VAL A 22 -3.93 -2.55 -0.38
N LYS A 23 -4.56 -3.71 -0.34
CA LYS A 23 -4.50 -4.59 0.80
C LYS A 23 -4.26 -6.01 0.35
N HIS A 24 -3.74 -6.80 1.29
CA HIS A 24 -3.32 -8.19 1.05
C HIS A 24 -2.93 -8.75 2.41
N ASN A 25 -3.27 -10.01 2.71
CA ASN A 25 -2.92 -10.65 4.01
C ASN A 25 -3.40 -9.85 5.21
N SER A 26 -4.50 -9.17 4.96
CA SER A 26 -5.15 -8.22 5.89
C SER A 26 -4.20 -7.13 6.40
N LYS A 27 -3.17 -6.85 5.62
CA LYS A 27 -2.33 -5.68 5.78
C LYS A 27 -2.69 -4.76 4.65
N ARG A 28 -2.03 -3.62 4.60
CA ARG A 28 -2.27 -2.67 3.52
C ARG A 28 -0.86 -2.37 3.07
N TYR A 29 -0.74 -1.71 1.95
CA TYR A 29 0.52 -1.35 1.35
C TYR A 29 0.19 -0.24 0.37
N GLN A 30 1.20 0.46 -0.08
CA GLN A 30 1.04 1.47 -1.10
C GLN A 30 2.32 1.61 -1.89
N ALA A 31 2.20 1.70 -3.20
CA ALA A 31 3.36 1.95 -4.03
C ALA A 31 3.46 3.43 -4.36
N ASN A 32 4.67 3.85 -4.66
CA ASN A 32 4.96 5.23 -4.95
C ASN A 32 4.68 5.51 -6.43
N TYR A 33 5.14 4.63 -7.31
CA TYR A 33 4.95 4.80 -8.74
C TYR A 33 4.64 3.51 -9.50
N TRP A 34 5.51 2.52 -9.40
CA TRP A 34 5.39 1.30 -10.17
C TRP A 34 6.34 0.28 -9.55
N THR A 35 6.05 -1.02 -9.65
CA THR A 35 6.98 -2.04 -9.17
C THR A 35 7.56 -2.75 -10.38
N GLN A 36 8.50 -3.63 -10.11
CA GLN A 36 9.13 -4.43 -11.18
C GLN A 36 9.16 -5.93 -10.83
N ASN A 37 10.17 -6.34 -10.08
CA ASN A 37 10.34 -7.76 -9.69
C ASN A 37 11.08 -7.82 -8.36
N GLN A 38 11.00 -6.74 -7.60
CA GLN A 38 11.73 -6.64 -6.35
C GLN A 38 11.10 -7.53 -5.27
N ASN A 39 11.76 -7.60 -4.13
CA ASN A 39 11.16 -8.16 -2.93
C ASN A 39 11.26 -7.03 -1.90
N PRO A 40 10.26 -6.88 -1.01
CA PRO A 40 10.32 -5.72 -0.11
C PRO A 40 11.21 -5.87 1.11
N SER A 41 11.34 -7.08 1.61
CA SER A 41 12.06 -7.34 2.86
C SER A 41 13.53 -7.02 2.79
N THR A 42 14.08 -7.25 1.62
CA THR A 42 15.51 -7.03 1.37
C THR A 42 15.75 -5.55 1.08
N ASN A 43 14.67 -4.82 0.77
CA ASN A 43 14.78 -3.41 0.44
C ASN A 43 14.10 -2.57 1.51
N SER A 44 14.04 -3.14 2.70
CA SER A 44 13.45 -2.53 3.88
C SER A 44 14.27 -1.40 4.50
N GLY A 45 14.95 -0.61 3.67
CA GLY A 45 15.76 0.48 4.14
C GLY A 45 16.10 1.53 3.11
N GLN A 46 15.89 1.20 1.84
CA GLN A 46 16.22 2.08 0.75
C GLN A 46 15.19 3.20 0.54
N TYR A 47 14.11 2.90 -0.18
CA TYR A 47 13.02 3.81 -0.48
C TYR A 47 11.94 2.97 -1.10
N GLY A 48 12.41 2.31 -2.13
CA GLY A 48 11.68 1.26 -2.81
C GLY A 48 10.52 1.67 -3.70
N PRO A 49 10.04 0.73 -4.55
CA PRO A 49 8.83 0.93 -5.36
C PRO A 49 7.62 1.10 -4.47
N TRP A 50 7.57 0.21 -3.49
CA TRP A 50 6.45 0.05 -2.58
C TRP A 50 6.80 0.23 -1.11
N LEU A 51 5.82 0.73 -0.38
CA LEU A 51 5.87 0.94 1.04
C LEU A 51 4.85 0.07 1.74
N ASP A 52 5.22 -0.31 2.94
CA ASP A 52 4.34 -0.97 3.89
C ASP A 52 3.98 0.10 4.91
N LEU A 53 2.74 0.56 4.90
CA LEU A 53 2.35 1.67 5.74
C LEU A 53 2.25 1.26 7.19
N GLY A 54 2.77 2.12 8.05
CA GLY A 54 2.64 1.90 9.48
C GLY A 54 1.18 2.01 9.90
N ASN A 55 0.51 3.05 9.40
CA ASN A 55 -0.90 3.20 9.65
C ASN A 55 -1.76 2.38 8.72
N CYS A 56 -3.04 2.62 8.89
CA CYS A 56 -4.06 2.07 8.06
C CYS A 56 -4.80 3.24 7.44
N VAL A 57 -5.09 4.20 8.29
CA VAL A 57 -5.89 5.36 7.93
C VAL A 57 -4.94 6.39 7.34
N THR A 58 -5.49 7.31 6.56
CA THR A 58 -4.69 8.37 5.91
C THR A 58 -4.00 9.22 6.96
N SER A 59 -4.69 9.40 8.07
CA SER A 59 -4.17 10.10 9.26
C SER A 59 -3.62 11.51 8.95
N GLY A 60 -4.18 12.15 7.94
CA GLY A 60 -3.70 13.47 7.54
C GLY A 60 -4.55 14.06 6.43
N ALA A 61 -3.98 15.07 5.77
CA ALA A 61 -4.62 15.83 4.68
C ALA A 61 -5.82 16.67 5.14
N HIS A 62 -6.10 17.75 4.42
CA HIS A 62 -7.20 18.66 4.75
C HIS A 62 -7.96 18.96 3.46
N HIS A 63 -9.25 19.24 3.57
CA HIS A 63 -10.09 19.65 2.42
C HIS A 63 -9.96 18.71 1.20
N HIS A 64 -9.92 17.40 1.43
CA HIS A 64 -9.74 16.43 0.35
C HIS A 64 -10.64 15.23 0.58
N HIS A 65 -11.17 14.64 -0.50
CA HIS A 65 -12.03 13.46 -0.40
C HIS A 65 -11.53 12.38 -1.36
N HIS A 66 -11.35 11.16 -0.86
CA HIS A 66 -10.98 9.97 -1.68
C HIS A 66 -9.66 10.14 -2.48
N HIS A 67 -9.26 9.10 -3.20
CA HIS A 67 -8.12 9.09 -4.11
C HIS A 67 -8.55 7.98 -5.05
N MET A 1 -16.64 2.04 11.73
CA MET A 1 -16.41 2.04 10.26
C MET A 1 -15.07 2.68 9.96
N ASP A 2 -14.24 1.98 9.22
CA ASP A 2 -12.86 2.38 9.05
C ASP A 2 -12.55 2.87 7.66
N THR A 3 -11.60 3.79 7.61
CA THR A 3 -10.98 4.24 6.39
C THR A 3 -10.33 3.06 5.73
N CYS A 4 -9.99 2.09 6.56
CA CYS A 4 -9.17 0.96 6.17
C CYS A 4 -10.04 -0.28 6.02
N ALA A 5 -11.35 -0.04 5.92
CA ALA A 5 -12.30 -1.11 5.63
C ALA A 5 -13.06 -0.79 4.34
N THR A 6 -12.42 0.01 3.51
CA THR A 6 -12.99 0.42 2.22
C THR A 6 -11.96 0.49 1.13
N LEU A 7 -10.74 0.16 1.51
CA LEU A 7 -9.62 0.15 0.59
C LEU A 7 -9.83 -0.76 -0.61
N PRO A 8 -9.18 -0.43 -1.75
CA PRO A 8 -9.12 -1.40 -2.84
C PRO A 8 -8.13 -2.48 -2.47
N SER A 9 -7.79 -3.34 -3.41
CA SER A 9 -6.87 -4.42 -3.13
C SER A 9 -6.05 -4.67 -4.36
N TRP A 10 -4.89 -5.27 -4.17
CA TRP A 10 -4.01 -5.55 -5.22
C TRP A 10 -3.77 -6.99 -5.50
N ASP A 11 -3.12 -7.22 -6.61
CA ASP A 11 -2.57 -8.51 -6.95
C ASP A 11 -1.33 -8.38 -7.82
N ALA A 12 -0.51 -9.43 -7.83
CA ALA A 12 0.82 -9.38 -8.46
C ALA A 12 0.82 -9.13 -9.97
N SER A 13 -0.28 -9.44 -10.63
CA SER A 13 -0.39 -9.29 -12.10
C SER A 13 -0.49 -7.82 -12.50
N THR A 14 -1.02 -7.01 -11.60
CA THR A 14 -1.35 -5.63 -11.93
C THR A 14 -0.16 -4.68 -11.79
N VAL A 15 0.01 -3.78 -12.76
CA VAL A 15 1.09 -2.80 -12.74
C VAL A 15 0.68 -1.65 -11.85
N TYR A 16 1.57 -1.28 -10.96
CA TYR A 16 1.29 -0.31 -9.91
C TYR A 16 1.30 1.15 -10.28
N THR A 17 0.57 1.87 -9.46
CA THR A 17 0.55 3.31 -9.36
C THR A 17 0.49 3.60 -7.88
N ASN A 18 0.15 4.84 -7.58
CA ASN A 18 -0.33 5.24 -6.23
C ASN A 18 -1.88 5.19 -5.99
N PRO A 19 -2.52 4.00 -5.94
CA PRO A 19 -3.95 4.09 -5.63
C PRO A 19 -4.20 4.09 -4.11
N GLN A 20 -3.72 5.14 -3.45
CA GLN A 20 -3.76 5.32 -2.00
C GLN A 20 -3.19 4.21 -1.09
N GLN A 21 -3.79 3.03 -1.09
CA GLN A 21 -3.33 1.86 -0.33
C GLN A 21 -3.95 0.67 -1.03
N VAL A 22 -3.28 -0.46 -0.96
CA VAL A 22 -3.84 -1.75 -1.34
C VAL A 22 -3.48 -2.69 -0.23
N LYS A 23 -4.08 -3.86 -0.27
CA LYS A 23 -3.85 -4.87 0.70
C LYS A 23 -3.77 -6.21 0.01
N HIS A 24 -3.21 -7.17 0.72
CA HIS A 24 -3.03 -8.56 0.30
C HIS A 24 -2.35 -9.18 1.51
N ASN A 25 -2.58 -10.45 1.80
CA ASN A 25 -1.94 -11.14 2.95
C ASN A 25 -2.11 -10.38 4.26
N SER A 26 -3.27 -9.76 4.32
CA SER A 26 -3.71 -8.83 5.38
C SER A 26 -2.71 -7.77 5.81
N LYS A 27 -1.80 -7.44 4.90
CA LYS A 27 -0.95 -6.25 5.02
C LYS A 27 -1.58 -5.05 4.37
N ARG A 28 -0.95 -3.90 4.57
CA ARG A 28 -1.27 -2.69 3.89
C ARG A 28 -0.02 -2.22 3.23
N TYR A 29 -0.10 -1.85 1.98
CA TYR A 29 1.03 -1.33 1.28
C TYR A 29 0.62 -0.38 0.22
N GLN A 30 1.54 0.49 -0.13
CA GLN A 30 1.30 1.53 -1.09
C GLN A 30 2.51 1.59 -1.99
N ALA A 31 2.28 1.75 -3.28
CA ALA A 31 3.41 1.88 -4.21
C ALA A 31 3.57 3.32 -4.65
N ASN A 32 4.80 3.71 -4.96
CA ASN A 32 5.04 5.02 -5.53
C ASN A 32 4.54 4.98 -6.97
N TYR A 33 5.01 3.98 -7.70
CA TYR A 33 4.64 3.76 -9.08
C TYR A 33 5.32 2.44 -9.47
N TRP A 34 4.69 1.69 -10.37
CA TRP A 34 5.22 0.44 -10.93
C TRP A 34 5.59 -0.66 -9.92
N THR A 35 5.85 -1.86 -10.45
CA THR A 35 5.99 -3.06 -9.62
C THR A 35 7.33 -3.75 -9.86
N GLN A 36 7.62 -4.68 -8.95
CA GLN A 36 8.86 -5.47 -8.94
C GLN A 36 8.51 -6.81 -8.31
N ASN A 37 9.50 -7.66 -8.10
CA ASN A 37 9.33 -8.92 -7.37
C ASN A 37 10.19 -8.84 -6.10
N GLN A 38 10.33 -7.62 -5.58
CA GLN A 38 11.25 -7.35 -4.48
C GLN A 38 10.74 -7.77 -3.10
N ASN A 39 11.67 -7.80 -2.16
CA ASN A 39 11.36 -8.11 -0.76
C ASN A 39 10.77 -6.88 -0.07
N PRO A 40 9.85 -7.08 0.90
CA PRO A 40 9.27 -5.92 1.60
C PRO A 40 10.24 -5.23 2.55
N SER A 41 11.22 -5.98 3.01
CA SER A 41 12.17 -5.52 4.02
C SER A 41 13.05 -4.40 3.52
N THR A 42 13.40 -4.47 2.26
CA THR A 42 14.24 -3.49 1.61
C THR A 42 13.37 -2.34 1.19
N ASN A 43 12.08 -2.62 1.14
CA ASN A 43 11.09 -1.67 0.71
C ASN A 43 10.44 -1.05 1.94
N SER A 44 11.24 -1.00 3.00
CA SER A 44 10.91 -0.27 4.22
C SER A 44 11.16 1.24 4.03
N GLY A 45 11.01 1.68 2.79
CA GLY A 45 11.27 3.03 2.38
C GLY A 45 12.74 3.33 2.22
N GLN A 46 13.53 2.26 2.13
CA GLN A 46 14.93 2.32 1.85
C GLN A 46 15.14 2.38 0.34
N TYR A 47 14.77 1.30 -0.34
CA TYR A 47 14.87 1.21 -1.79
C TYR A 47 13.84 0.28 -2.43
N GLY A 48 13.30 0.73 -3.54
CA GLY A 48 12.34 -0.04 -4.30
C GLY A 48 11.07 0.74 -4.63
N PRO A 49 10.08 0.11 -5.29
CA PRO A 49 8.85 0.80 -5.72
C PRO A 49 7.87 1.16 -4.63
N TRP A 50 7.57 0.16 -3.83
CA TRP A 50 6.53 0.21 -2.85
C TRP A 50 7.00 0.28 -1.39
N LEU A 51 6.07 0.64 -0.53
CA LEU A 51 6.25 0.70 0.88
C LEU A 51 5.27 -0.18 1.58
N ASP A 52 5.76 -0.78 2.63
CA ASP A 52 5.00 -1.65 3.52
C ASP A 52 4.61 -0.84 4.78
N LEU A 53 3.48 -0.15 4.71
CA LEU A 53 3.06 0.74 5.77
C LEU A 53 2.59 0.00 7.00
N GLY A 54 3.06 0.47 8.14
CA GLY A 54 2.57 -0.03 9.42
C GLY A 54 1.15 0.44 9.67
N ASN A 55 0.75 1.50 8.98
CA ASN A 55 -0.59 2.03 9.08
C ASN A 55 -1.65 1.18 8.40
N CYS A 56 -2.82 1.79 8.38
CA CYS A 56 -3.99 1.25 7.75
C CYS A 56 -4.41 2.18 6.64
N VAL A 57 -4.40 3.46 6.98
CA VAL A 57 -4.86 4.51 6.07
C VAL A 57 -3.63 5.09 5.38
N THR A 58 -3.85 5.75 4.25
CA THR A 58 -2.77 6.29 3.45
C THR A 58 -2.13 7.49 4.14
N SER A 59 -0.90 7.76 3.77
CA SER A 59 -0.13 8.85 4.37
C SER A 59 -0.43 10.20 3.72
N GLY A 60 -0.43 11.26 4.53
CA GLY A 60 -0.63 12.61 4.03
C GLY A 60 -2.03 13.15 4.29
N ALA A 61 -2.20 14.45 4.10
CA ALA A 61 -3.49 15.10 4.35
C ALA A 61 -4.52 14.69 3.29
N HIS A 62 -5.75 14.46 3.73
CA HIS A 62 -6.86 14.05 2.84
C HIS A 62 -6.47 12.73 2.14
N HIS A 63 -7.19 12.36 1.09
CA HIS A 63 -6.94 11.05 0.44
C HIS A 63 -5.53 10.95 -0.19
N HIS A 64 -4.84 12.08 -0.39
CA HIS A 64 -3.51 12.15 -1.06
C HIS A 64 -3.62 11.96 -2.58
N HIS A 65 -2.88 12.77 -3.35
CA HIS A 65 -2.95 12.69 -4.82
C HIS A 65 -2.27 11.42 -5.30
N HIS A 66 -2.64 10.93 -6.47
CA HIS A 66 -2.02 9.72 -7.01
C HIS A 66 -0.70 10.09 -7.68
N HIS A 67 -0.04 9.08 -8.20
CA HIS A 67 1.10 9.22 -9.09
C HIS A 67 0.64 8.23 -10.14
N MET A 1 -15.86 -6.92 8.66
CA MET A 1 -16.64 -5.82 9.33
C MET A 1 -15.82 -4.54 9.41
N ASP A 2 -14.53 -4.69 9.20
CA ASP A 2 -13.54 -3.63 9.39
C ASP A 2 -13.65 -2.37 8.54
N THR A 3 -13.02 -1.34 9.08
CA THR A 3 -12.69 -0.12 8.38
C THR A 3 -11.75 -0.47 7.26
N CYS A 4 -11.04 -1.56 7.45
CA CYS A 4 -9.95 -1.95 6.55
C CYS A 4 -10.41 -3.11 5.68
N ALA A 5 -11.72 -3.27 5.63
CA ALA A 5 -12.36 -4.26 4.75
C ALA A 5 -13.21 -3.54 3.71
N THR A 6 -12.82 -2.31 3.45
CA THR A 6 -13.53 -1.47 2.47
C THR A 6 -12.58 -0.64 1.62
N LEU A 7 -11.31 -0.82 1.90
CA LEU A 7 -10.25 -0.19 1.12
C LEU A 7 -10.26 -0.73 -0.31
N PRO A 8 -9.74 0.04 -1.29
CA PRO A 8 -9.56 -0.59 -2.60
C PRO A 8 -8.57 -1.74 -2.49
N SER A 9 -8.72 -2.75 -3.32
CA SER A 9 -7.86 -3.93 -3.22
C SER A 9 -7.24 -4.33 -4.55
N TRP A 10 -5.95 -4.53 -4.45
CA TRP A 10 -5.07 -4.91 -5.48
C TRP A 10 -4.55 -6.25 -5.16
N ASP A 11 -3.79 -6.79 -6.08
CA ASP A 11 -3.25 -8.13 -5.91
C ASP A 11 -1.83 -8.30 -6.39
N ALA A 12 -1.19 -9.37 -5.90
CA ALA A 12 0.25 -9.56 -6.08
C ALA A 12 0.69 -9.69 -7.53
N SER A 13 -0.12 -10.31 -8.36
CA SER A 13 0.25 -10.54 -9.76
C SER A 13 0.12 -9.27 -10.61
N THR A 14 -0.74 -8.37 -10.17
CA THR A 14 -1.00 -7.15 -10.91
C THR A 14 0.11 -6.13 -10.62
N VAL A 15 0.56 -5.45 -11.65
CA VAL A 15 1.58 -4.43 -11.50
C VAL A 15 0.97 -3.28 -10.72
N TYR A 16 1.70 -2.77 -9.73
CA TYR A 16 1.22 -1.74 -8.86
C TYR A 16 1.51 -0.38 -9.47
N THR A 17 0.72 0.60 -9.05
CA THR A 17 0.74 1.96 -9.61
C THR A 17 0.93 2.98 -8.50
N ASN A 18 0.66 4.23 -8.85
CA ASN A 18 0.54 5.36 -7.90
C ASN A 18 -0.34 4.99 -6.68
N PRO A 19 -0.29 5.77 -5.58
CA PRO A 19 -0.96 5.37 -4.31
C PRO A 19 -2.50 5.33 -4.24
N GLN A 20 -3.08 4.41 -5.01
CA GLN A 20 -4.50 4.08 -4.98
C GLN A 20 -4.93 3.50 -3.64
N GLN A 21 -3.93 2.97 -2.95
CA GLN A 21 -4.04 2.19 -1.70
C GLN A 21 -4.56 0.78 -2.01
N VAL A 22 -3.86 -0.20 -1.45
CA VAL A 22 -3.99 -1.58 -1.83
C VAL A 22 -3.83 -2.42 -0.60
N LYS A 23 -3.86 -3.73 -0.77
CA LYS A 23 -3.40 -4.66 0.24
C LYS A 23 -2.23 -5.44 -0.31
N HIS A 24 -1.45 -6.03 0.58
CA HIS A 24 -0.33 -6.92 0.19
C HIS A 24 0.31 -7.70 1.32
N ASN A 25 -0.56 -8.07 2.23
CA ASN A 25 -0.28 -9.00 3.36
C ASN A 25 -1.54 -9.00 4.17
N SER A 26 -2.60 -8.91 3.39
CA SER A 26 -3.97 -8.74 3.86
C SER A 26 -4.19 -7.60 4.86
N LYS A 27 -3.34 -6.58 4.81
CA LYS A 27 -3.66 -5.30 5.44
C LYS A 27 -3.31 -4.27 4.40
N ARG A 28 -3.50 -3.00 4.74
CA ARG A 28 -3.18 -1.86 3.88
C ARG A 28 -1.70 -1.79 3.49
N TYR A 29 -1.47 -1.32 2.28
CA TYR A 29 -0.15 -1.09 1.70
C TYR A 29 -0.39 0.01 0.70
N GLN A 30 0.68 0.46 0.09
CA GLN A 30 0.66 1.49 -0.92
C GLN A 30 1.79 1.23 -1.89
N ALA A 31 1.79 1.92 -3.02
CA ALA A 31 2.97 2.03 -3.85
C ALA A 31 3.12 3.49 -4.13
N ASN A 32 4.34 3.88 -4.43
CA ASN A 32 4.66 5.26 -4.72
C ASN A 32 4.39 5.56 -6.19
N TYR A 33 4.84 4.68 -7.08
CA TYR A 33 4.73 4.93 -8.50
C TYR A 33 4.36 3.74 -9.39
N TRP A 34 5.23 2.74 -9.43
CA TRP A 34 5.13 1.65 -10.39
C TRP A 34 6.09 0.57 -9.90
N THR A 35 5.86 -0.70 -10.21
CA THR A 35 6.77 -1.77 -9.79
C THR A 35 7.16 -2.59 -11.00
N GLN A 36 8.08 -3.51 -10.77
CA GLN A 36 8.53 -4.44 -11.81
C GLN A 36 8.44 -5.88 -11.33
N ASN A 37 9.46 -6.33 -10.60
CA ASN A 37 9.53 -7.73 -10.12
C ASN A 37 10.30 -7.73 -8.81
N GLN A 38 10.08 -6.70 -8.00
CA GLN A 38 10.91 -6.47 -6.84
C GLN A 38 10.80 -7.46 -5.71
N ASN A 39 11.77 -7.33 -4.80
CA ASN A 39 11.91 -8.26 -3.69
C ASN A 39 11.48 -7.61 -2.38
N PRO A 40 10.88 -8.37 -1.45
CA PRO A 40 10.43 -7.74 -0.20
C PRO A 40 11.53 -7.44 0.79
N SER A 41 12.61 -8.21 0.70
CA SER A 41 13.72 -8.13 1.64
C SER A 41 14.46 -6.82 1.56
N THR A 42 14.56 -6.30 0.36
CA THR A 42 15.25 -5.07 0.08
C THR A 42 14.30 -3.92 0.28
N ASN A 43 13.02 -4.27 0.33
CA ASN A 43 11.94 -3.32 0.45
C ASN A 43 11.49 -3.27 1.90
N SER A 44 12.42 -3.63 2.75
CA SER A 44 12.24 -3.65 4.20
C SER A 44 12.24 -2.25 4.84
N GLY A 45 11.47 -1.34 4.26
CA GLY A 45 11.40 0.02 4.73
C GLY A 45 12.50 0.91 4.20
N GLN A 46 13.52 0.26 3.68
CA GLN A 46 14.69 0.90 3.10
C GLN A 46 14.33 1.73 1.87
N TYR A 47 14.06 1.05 0.77
CA TYR A 47 13.63 1.70 -0.47
C TYR A 47 12.92 0.67 -1.32
N GLY A 48 11.99 1.14 -2.13
CA GLY A 48 11.30 0.24 -3.04
C GLY A 48 10.08 0.86 -3.69
N PRO A 49 9.45 0.16 -4.66
CA PRO A 49 8.25 0.66 -5.31
C PRO A 49 7.10 0.84 -4.34
N TRP A 50 6.89 -0.19 -3.55
CA TRP A 50 5.79 -0.27 -2.64
C TRP A 50 6.18 -0.09 -1.18
N LEU A 51 5.23 0.43 -0.41
CA LEU A 51 5.36 0.68 0.99
C LEU A 51 4.50 -0.28 1.78
N ASP A 52 5.09 -0.66 2.89
CA ASP A 52 4.47 -1.54 3.86
C ASP A 52 3.90 -0.71 5.00
N LEU A 53 2.60 -0.44 4.95
CA LEU A 53 1.98 0.31 6.01
C LEU A 53 1.73 -0.60 7.19
N GLY A 54 2.19 -0.14 8.34
CA GLY A 54 2.02 -0.90 9.56
C GLY A 54 0.55 -1.02 9.93
N ASN A 55 -0.21 0.04 9.69
CA ASN A 55 -1.63 0.01 9.97
C ASN A 55 -2.49 -0.57 8.88
N CYS A 56 -3.77 -0.46 9.16
CA CYS A 56 -4.83 -0.87 8.28
C CYS A 56 -5.66 0.35 7.95
N VAL A 57 -5.96 1.11 8.99
CA VAL A 57 -6.83 2.27 8.90
C VAL A 57 -5.97 3.51 9.15
N THR A 58 -6.48 4.68 8.77
CA THR A 58 -5.75 5.92 8.92
C THR A 58 -5.64 6.30 10.39
N SER A 59 -6.70 5.97 11.11
CA SER A 59 -6.81 6.19 12.55
C SER A 59 -7.84 5.18 13.02
N GLY A 60 -7.88 4.88 14.32
CA GLY A 60 -8.77 3.87 14.86
C GLY A 60 -10.24 4.24 14.97
N ALA A 61 -10.77 4.97 14.00
CA ALA A 61 -12.18 5.36 14.00
C ALA A 61 -13.06 4.11 13.85
N HIS A 62 -13.74 3.74 14.91
CA HIS A 62 -14.57 2.51 14.94
C HIS A 62 -15.94 2.72 14.26
N HIS A 63 -15.94 3.02 12.97
CA HIS A 63 -17.19 3.28 12.23
C HIS A 63 -17.19 2.59 10.88
N HIS A 64 -18.30 1.94 10.54
CA HIS A 64 -18.43 1.24 9.24
C HIS A 64 -19.44 2.01 8.38
N HIS A 65 -19.65 1.56 7.16
CA HIS A 65 -20.72 2.07 6.28
C HIS A 65 -21.32 0.83 5.65
N HIS A 66 -22.65 0.79 5.53
CA HIS A 66 -23.42 -0.44 5.22
C HIS A 66 -23.17 -1.45 6.36
N HIS A 67 -23.77 -2.64 6.29
CA HIS A 67 -23.48 -3.67 7.27
C HIS A 67 -22.09 -4.19 6.91
#